data_5AAW
#
_entry.id   5AAW
#
_cell.length_a   87.110
_cell.length_b   131.670
_cell.length_c   176.450
_cell.angle_alpha   90.00
_cell.angle_beta   90.00
_cell.angle_gamma   90.00
#
_symmetry.space_group_name_H-M   'P 21 21 21'
#
loop_
_entity.id
_entity.type
_entity.pdbx_description
1 polymer SCFV513
2 polymer 'DENGUE SEROTYPE 4 ENVELOPE PROTEIN DOMAIN 3'
3 water water
#
loop_
_entity_poly.entity_id
_entity_poly.type
_entity_poly.pdbx_seq_one_letter_code
_entity_poly.pdbx_strand_id
1 'polypeptide(L)'
;QQVQLVQSGAEVKKPGASVKVSCKAGFNIKDVYMSWVRQAPEQGLEWMGRIDPENGDTKYDPKLQGRVTMTADTSTNTAY
MELRSLRSDDTAVYYCARGWEGFAYWGQGTLVTVSSGGGGSGGGGSGGGGSDIVMTQSPASLAVSLGQRATISCRASENV
DKYGNSFMHWYQQKPGQPPKLLIYRASELQWGVPDRFSGSGSGTDFTLTISSLQAEDVAVYYCQRSNEVPWTFGQGTKLE
IKRTVAHHHHHH
;
A,B,D,F,H,K
2 'polypeptide(L)'
;MRIKGMSYTMCSGKFSIDKEMAETQHGTTVVKVKYEGAGAPCKVPIEIRDVNKEKVVGRIISSTPLAENTNSVTNIELEP
PFGDSYIVIGVGNSALTLHWFRKGSSIGKHHHHHH
;
C,E,G,I,J,L
#
# COMPACT_ATOMS: atom_id res chain seq x y z
N GLN A 2 2.31 0.25 -54.43
CA GLN A 2 1.24 -0.53 -53.71
C GLN A 2 1.43 -0.63 -52.17
N VAL A 3 0.40 -0.26 -51.38
CA VAL A 3 0.51 -0.21 -49.87
C VAL A 3 0.06 -1.40 -49.05
N GLN A 4 0.91 -1.74 -48.07
CA GLN A 4 0.77 -2.97 -47.34
C GLN A 4 0.19 -2.70 -45.97
N LEU A 5 0.14 -1.45 -45.48
CA LEU A 5 -0.42 -1.20 -44.15
C LEU A 5 -1.68 -0.36 -44.18
N VAL A 6 -2.74 -0.92 -43.57
CA VAL A 6 -4.00 -0.18 -43.28
C VAL A 6 -4.34 -0.10 -41.79
N GLN A 7 -4.44 1.14 -41.35
CA GLN A 7 -4.71 1.47 -39.95
C GLN A 7 -6.17 1.76 -39.68
N SER A 8 -6.54 1.71 -38.41
CA SER A 8 -7.90 1.95 -37.99
C SER A 8 -8.24 3.41 -38.15
N GLY A 9 -9.53 3.68 -38.00
CA GLY A 9 -10.10 5.01 -38.16
C GLY A 9 -9.70 5.94 -37.05
N ALA A 10 -9.69 7.22 -37.38
CA ALA A 10 -9.25 8.27 -36.47
C ALA A 10 -10.22 8.37 -35.31
N GLU A 11 -9.68 8.34 -34.09
CA GLU A 11 -10.50 8.33 -32.87
C GLU A 11 -10.39 9.64 -32.11
N VAL A 12 -11.48 10.02 -31.46
CA VAL A 12 -11.50 11.13 -30.53
C VAL A 12 -11.77 10.57 -29.13
N LYS A 13 -10.91 10.93 -28.19
CA LYS A 13 -10.97 10.40 -26.82
C LYS A 13 -10.90 11.50 -25.76
N LYS A 14 -11.46 11.21 -24.60
CA LYS A 14 -11.44 12.12 -23.44
C LYS A 14 -10.13 11.93 -22.64
N PRO A 15 -9.65 12.97 -21.92
CA PRO A 15 -8.43 12.79 -21.15
C PRO A 15 -8.58 11.73 -20.08
N GLY A 16 -7.53 10.94 -19.89
CA GLY A 16 -7.53 9.76 -19.00
C GLY A 16 -8.02 8.44 -19.60
N ALA A 17 -8.62 8.51 -20.79
CA ALA A 17 -9.10 7.30 -21.47
C ALA A 17 -7.94 6.50 -22.06
N SER A 18 -8.26 5.38 -22.68
CA SER A 18 -7.28 4.56 -23.38
C SER A 18 -7.71 4.45 -24.84
N VAL A 19 -6.74 4.35 -25.75
CA VAL A 19 -7.04 4.18 -27.17
C VAL A 19 -6.29 2.98 -27.78
N LYS A 20 -6.95 2.28 -28.69
CA LYS A 20 -6.35 1.13 -29.37
C LYS A 20 -6.48 1.31 -30.86
N VAL A 21 -5.32 1.37 -31.52
CA VAL A 21 -5.21 1.54 -32.96
C VAL A 21 -4.80 0.23 -33.60
N SER A 22 -5.50 -0.15 -34.66
CA SER A 22 -5.23 -1.38 -35.37
C SER A 22 -4.35 -1.11 -36.59
N CYS A 23 -3.64 -2.14 -37.06
CA CYS A 23 -2.82 -1.99 -38.25
C CYS A 23 -2.73 -3.28 -39.03
N LYS A 24 -3.49 -3.36 -40.13
CA LYS A 24 -3.58 -4.59 -40.93
C LYS A 24 -2.60 -4.63 -42.11
N ALA A 25 -1.74 -5.65 -42.10
CA ALA A 25 -0.67 -5.80 -43.09
C ALA A 25 -0.99 -6.77 -44.22
N GLY A 26 -0.54 -6.42 -45.41
CA GLY A 26 -0.70 -7.28 -46.58
C GLY A 26 0.38 -8.33 -46.76
N PHE A 27 1.19 -8.55 -45.73
CA PHE A 27 2.31 -9.49 -45.77
C PHE A 27 2.38 -10.19 -44.43
N ASN A 28 3.22 -11.21 -44.36
CA ASN A 28 3.33 -11.98 -43.13
C ASN A 28 4.12 -11.27 -42.05
N ILE A 29 3.40 -10.81 -41.02
CA ILE A 29 4.06 -10.00 -39.98
C ILE A 29 5.00 -10.80 -39.08
N LYS A 30 4.92 -12.13 -39.13
CA LYS A 30 5.78 -12.97 -38.31
C LYS A 30 7.28 -12.71 -38.51
N ASP A 31 7.69 -12.46 -39.76
CA ASP A 31 9.11 -12.32 -40.13
C ASP A 31 9.57 -10.87 -40.29
N VAL A 32 9.07 -9.99 -39.43
CA VAL A 32 9.20 -8.55 -39.61
C VAL A 32 9.30 -7.82 -38.27
N TYR A 33 9.84 -6.61 -38.30
CA TYR A 33 9.85 -5.74 -37.13
C TYR A 33 8.80 -4.61 -37.27
N MET A 34 7.65 -4.78 -36.62
CA MET A 34 6.53 -3.81 -36.66
C MET A 34 6.65 -2.72 -35.61
N SER A 35 6.78 -1.48 -36.08
CA SER A 35 7.02 -0.33 -35.21
C SER A 35 5.86 0.63 -35.25
N TRP A 36 5.76 1.47 -34.21
CA TRP A 36 4.74 2.52 -34.11
C TRP A 36 5.42 3.84 -33.86
N VAL A 37 4.97 4.85 -34.60
CA VAL A 37 5.61 6.17 -34.58
C VAL A 37 4.53 7.21 -34.44
N ARG A 38 4.71 8.12 -33.49
CA ARG A 38 3.71 9.13 -33.22
C ARG A 38 4.22 10.47 -33.72
N GLN A 39 3.32 11.34 -34.14
CA GLN A 39 3.72 12.68 -34.55
C GLN A 39 2.73 13.76 -34.15
N ALA A 40 3.12 14.56 -33.15
CA ALA A 40 2.27 15.65 -32.65
C ALA A 40 2.14 16.75 -33.69
N PRO A 41 1.04 17.51 -33.70
CA PRO A 41 0.89 18.57 -34.71
C PRO A 41 2.11 19.49 -34.76
N GLU A 42 2.67 19.61 -35.97
CA GLU A 42 3.86 20.46 -36.25
C GLU A 42 5.17 20.14 -35.50
N GLN A 43 5.17 19.11 -34.66
CA GLN A 43 6.39 18.61 -34.01
C GLN A 43 6.92 17.48 -34.90
N GLY A 44 8.05 16.93 -34.49
CA GLY A 44 8.72 15.88 -35.28
C GLY A 44 8.19 14.48 -35.03
N LEU A 45 8.90 13.51 -35.59
CA LEU A 45 8.55 12.10 -35.49
C LEU A 45 9.12 11.58 -34.21
N GLU A 46 8.34 10.79 -33.51
CA GLU A 46 8.80 10.16 -32.26
C GLU A 46 8.53 8.66 -32.35
N TRP A 47 9.58 7.86 -32.33
CA TRP A 47 9.42 6.39 -32.32
C TRP A 47 8.86 5.97 -30.98
N MET A 48 7.86 5.10 -31.01
CA MET A 48 7.21 4.66 -29.79
C MET A 48 7.71 3.30 -29.34
N GLY A 49 7.84 2.36 -30.26
CA GLY A 49 8.37 1.05 -29.94
C GLY A 49 8.30 0.11 -31.12
N ARG A 50 8.73 -1.12 -30.91
CA ARG A 50 8.69 -2.17 -31.96
C ARG A 50 8.37 -3.54 -31.35
N ILE A 51 7.62 -4.34 -32.11
CA ILE A 51 7.26 -5.68 -31.68
C ILE A 51 7.77 -6.67 -32.69
N ASP A 52 8.27 -7.78 -32.19
CA ASP A 52 8.61 -8.93 -33.04
C ASP A 52 7.43 -9.90 -32.91
N PRO A 53 6.55 -9.99 -33.93
CA PRO A 53 5.36 -10.79 -33.74
C PRO A 53 5.64 -12.28 -33.62
N GLU A 54 6.79 -12.75 -34.09
CA GLU A 54 7.17 -14.17 -33.95
C GLU A 54 7.23 -14.61 -32.51
N ASN A 55 7.91 -13.84 -31.67
CA ASN A 55 8.01 -14.13 -30.24
C ASN A 55 7.29 -13.14 -29.30
N GLY A 56 6.62 -12.15 -29.87
CA GLY A 56 5.86 -11.14 -29.10
C GLY A 56 6.74 -10.20 -28.29
N ASP A 57 8.03 -10.16 -28.64
CA ASP A 57 8.98 -9.35 -27.91
C ASP A 57 8.66 -7.90 -28.15
N THR A 58 8.41 -7.17 -27.07
CA THR A 58 8.14 -5.75 -27.18
C THR A 58 9.20 -4.92 -26.50
N LYS A 59 9.70 -3.96 -27.25
CA LYS A 59 10.61 -2.93 -26.76
C LYS A 59 9.96 -1.56 -27.00
N TYR A 60 9.94 -0.71 -25.97
CA TYR A 60 9.29 0.58 -26.08
C TYR A 60 10.26 1.74 -25.84
N ASP A 61 9.77 2.95 -26.12
CA ASP A 61 10.51 4.16 -25.82
C ASP A 61 10.29 4.50 -24.35
N PRO A 62 11.38 4.88 -23.66
CA PRO A 62 11.26 5.19 -22.23
C PRO A 62 10.28 6.30 -21.91
N LYS A 63 10.11 7.25 -22.81
CA LYS A 63 9.09 8.29 -22.62
C LYS A 63 7.70 7.69 -22.31
N LEU A 64 7.31 6.71 -23.12
CA LEU A 64 5.98 6.14 -23.05
C LEU A 64 5.89 4.91 -22.17
N GLN A 65 7.03 4.47 -21.67
CA GLN A 65 7.07 3.17 -20.97
C GLN A 65 5.98 3.11 -19.89
N GLY A 66 5.26 2.01 -19.90
CA GLY A 66 4.17 1.77 -18.98
C GLY A 66 2.82 2.18 -19.55
N ARG A 67 2.81 3.16 -20.44
CA ARG A 67 1.56 3.67 -21.04
C ARG A 67 1.15 2.95 -22.32
N VAL A 68 2.13 2.35 -22.99
CA VAL A 68 1.87 1.66 -24.26
C VAL A 68 1.93 0.15 -24.16
N THR A 69 1.06 -0.46 -24.94
CA THR A 69 0.98 -1.90 -25.04
C THR A 69 0.83 -2.27 -26.52
N MET A 70 1.90 -2.86 -27.05
CA MET A 70 1.95 -3.26 -28.45
C MET A 70 1.76 -4.77 -28.58
N THR A 71 0.83 -5.15 -29.45
CA THR A 71 0.53 -6.55 -29.66
C THR A 71 0.50 -6.82 -31.15
N ALA A 72 0.38 -8.11 -31.48
CA ALA A 72 0.31 -8.59 -32.86
C ALA A 72 -0.40 -9.95 -32.97
N ASP A 73 -1.27 -10.08 -33.97
CA ASP A 73 -1.91 -11.33 -34.28
C ASP A 73 -1.34 -11.83 -35.58
N THR A 74 -0.45 -12.83 -35.54
CA THR A 74 0.18 -13.39 -36.77
C THR A 74 -0.81 -14.14 -37.68
N SER A 75 -1.91 -14.63 -37.12
CA SER A 75 -2.96 -15.25 -37.91
C SER A 75 -3.67 -14.23 -38.82
N THR A 76 -4.08 -13.09 -38.25
CA THR A 76 -4.75 -12.02 -39.04
C THR A 76 -3.77 -10.95 -39.57
N ASN A 77 -2.48 -11.18 -39.42
CA ASN A 77 -1.46 -10.22 -39.86
C ASN A 77 -1.83 -8.77 -39.51
N THR A 78 -2.30 -8.59 -38.28
CA THR A 78 -2.68 -7.28 -37.76
C THR A 78 -1.84 -6.99 -36.54
N ALA A 79 -1.33 -5.76 -36.45
CA ALA A 79 -0.60 -5.31 -35.27
C ALA A 79 -1.43 -4.27 -34.56
N TYR A 80 -1.31 -4.24 -33.24
CA TYR A 80 -2.09 -3.30 -32.46
C TYR A 80 -1.20 -2.48 -31.57
N MET A 81 -1.77 -1.38 -31.11
CA MET A 81 -1.13 -0.43 -30.22
C MET A 81 -2.17 0.11 -29.26
N GLU A 82 -1.93 -0.05 -27.97
CA GLU A 82 -2.81 0.50 -26.94
C GLU A 82 -2.09 1.55 -26.10
N LEU A 83 -2.67 2.74 -26.01
CA LEU A 83 -2.09 3.86 -25.24
C LEU A 83 -3.06 4.35 -24.16
N ARG A 84 -2.66 4.25 -22.89
CA ARG A 84 -3.59 4.56 -21.76
C ARG A 84 -3.33 5.88 -21.11
N SER A 85 -4.28 6.28 -20.28
CA SER A 85 -4.19 7.52 -19.48
C SER A 85 -3.79 8.71 -20.32
N LEU A 86 -4.64 8.97 -21.31
CA LEU A 86 -4.38 9.97 -22.35
C LEU A 86 -4.39 11.42 -21.82
N ARG A 87 -3.47 12.23 -22.31
CA ARG A 87 -3.43 13.65 -22.00
C ARG A 87 -3.64 14.39 -23.29
N SER A 88 -3.95 15.69 -23.20
CA SER A 88 -4.13 16.52 -24.40
C SER A 88 -2.84 16.51 -25.20
N ASP A 89 -1.72 16.46 -24.47
CA ASP A 89 -0.37 16.22 -24.97
C ASP A 89 -0.30 15.13 -26.08
N ASP A 90 -0.98 14.00 -25.86
CA ASP A 90 -0.94 12.83 -26.77
C ASP A 90 -1.72 12.98 -28.07
N THR A 91 -2.38 14.11 -28.24
CA THR A 91 -3.06 14.41 -29.49
C THR A 91 -1.98 14.44 -30.55
N ALA A 92 -2.04 13.47 -31.44
CA ALA A 92 -1.04 13.27 -32.47
C ALA A 92 -1.58 12.38 -33.56
N VAL A 93 -0.76 12.21 -34.60
CA VAL A 93 -1.04 11.24 -35.64
C VAL A 93 -0.18 10.02 -35.32
N TYR A 94 -0.81 8.86 -35.37
CA TYR A 94 -0.18 7.62 -34.96
C TYR A 94 0.03 6.73 -36.17
N TYR A 95 1.30 6.61 -36.54
CA TYR A 95 1.72 5.83 -37.71
C TYR A 95 2.16 4.44 -37.30
N CYS A 96 1.84 3.50 -38.17
CA CYS A 96 2.15 2.12 -38.01
C CYS A 96 3.15 1.83 -39.11
N ALA A 97 4.29 1.26 -38.78
CA ALA A 97 5.33 1.04 -39.82
C ALA A 97 6.02 -0.31 -39.71
N ARG A 98 6.69 -0.69 -40.80
CA ARG A 98 7.40 -1.97 -40.88
C ARG A 98 8.81 -1.80 -41.38
N GLY A 99 9.71 -2.60 -40.81
CA GLY A 99 11.10 -2.68 -41.26
C GLY A 99 12.16 -2.46 -40.16
N TRP A 100 13.41 -2.83 -40.50
CA TRP A 100 14.57 -2.64 -39.63
C TRP A 100 15.55 -1.64 -40.22
N GLU A 101 16.08 -1.93 -41.41
CA GLU A 101 16.95 -0.96 -42.10
C GLU A 101 16.09 0.12 -42.72
N GLY A 102 15.62 1.00 -41.86
CA GLY A 102 14.66 2.03 -42.23
C GLY A 102 13.25 1.45 -42.31
N PHE A 103 12.27 2.32 -42.16
CA PHE A 103 10.90 1.90 -42.28
C PHE A 103 10.45 2.13 -43.72
N ALA A 104 10.62 1.12 -44.55
CA ALA A 104 10.19 1.19 -45.94
C ALA A 104 8.65 1.25 -46.10
N TYR A 105 7.93 0.59 -45.20
CA TYR A 105 6.48 0.53 -45.28
C TYR A 105 5.82 1.29 -44.12
N TRP A 106 4.81 2.09 -44.46
CA TRP A 106 4.07 2.88 -43.48
C TRP A 106 2.56 2.79 -43.67
N GLY A 107 1.84 3.14 -42.61
CA GLY A 107 0.39 3.20 -42.64
C GLY A 107 -0.02 4.62 -42.98
N GLN A 108 -1.31 4.79 -43.27
CA GLN A 108 -1.86 6.09 -43.64
C GLN A 108 -1.88 7.06 -42.46
N GLY A 109 -1.88 6.51 -41.26
CA GLY A 109 -1.92 7.29 -40.03
C GLY A 109 -3.29 7.29 -39.37
N THR A 110 -3.30 7.39 -38.05
CA THR A 110 -4.54 7.44 -37.28
C THR A 110 -4.45 8.67 -36.38
N LEU A 111 -5.32 9.65 -36.62
CA LEU A 111 -5.32 10.84 -35.77
C LEU A 111 -6.10 10.58 -34.49
N VAL A 112 -5.37 10.55 -33.38
CA VAL A 112 -5.98 10.45 -32.06
C VAL A 112 -6.06 11.84 -31.45
N THR A 113 -7.28 12.28 -31.12
CA THR A 113 -7.52 13.65 -30.62
C THR A 113 -8.06 13.60 -29.18
N VAL A 114 -7.24 14.05 -28.23
CA VAL A 114 -7.57 14.02 -26.81
C VAL A 114 -8.00 15.39 -26.32
N SER A 115 -9.28 15.51 -26.02
CA SER A 115 -9.89 16.80 -25.67
C SER A 115 -11.01 16.63 -24.63
N SER A 116 -11.25 17.67 -23.84
CA SER A 116 -12.31 17.67 -22.78
C SER A 116 -13.50 18.57 -23.11
N SER A 131 19.92 1.16 -25.04
CA SER A 131 20.62 2.32 -24.47
C SER A 131 20.16 3.70 -25.01
N ASP A 132 20.16 4.67 -24.10
CA ASP A 132 19.71 6.03 -24.41
C ASP A 132 20.66 6.82 -25.31
N ILE A 133 20.20 7.23 -26.49
CA ILE A 133 21.01 8.00 -27.49
C ILE A 133 20.38 9.37 -27.86
N VAL A 134 21.24 10.35 -28.14
CA VAL A 134 20.80 11.67 -28.55
C VAL A 134 21.14 11.82 -30.01
N MET A 135 20.11 12.07 -30.83
CA MET A 135 20.26 12.27 -32.27
C MET A 135 20.15 13.74 -32.60
N THR A 136 21.19 14.28 -33.21
CA THR A 136 21.24 15.71 -33.45
C THR A 136 21.38 16.06 -34.91
N GLN A 137 20.28 16.58 -35.43
CA GLN A 137 20.12 16.97 -36.79
C GLN A 137 20.46 18.45 -36.91
N SER A 138 21.17 18.82 -37.95
CA SER A 138 21.53 20.23 -38.17
C SER A 138 21.42 20.58 -39.65
N PRO A 139 20.83 21.73 -39.96
CA PRO A 139 20.19 22.67 -39.06
C PRO A 139 18.76 22.23 -38.75
N ALA A 140 18.01 23.10 -38.10
CA ALA A 140 16.59 22.86 -37.83
C ALA A 140 15.78 23.15 -39.08
N SER A 141 16.28 24.09 -39.87
CA SER A 141 15.66 24.42 -41.14
C SER A 141 16.66 25.18 -42.01
N LEU A 142 16.47 25.14 -43.32
CA LEU A 142 17.36 25.82 -44.23
C LEU A 142 16.67 26.05 -45.54
N ALA A 143 17.07 27.13 -46.21
CA ALA A 143 16.58 27.45 -47.55
C ALA A 143 17.76 27.46 -48.48
N VAL A 144 17.55 26.85 -49.64
CA VAL A 144 18.54 26.95 -50.70
C VAL A 144 17.81 27.16 -52.02
N SER A 145 18.51 27.70 -53.00
CA SER A 145 17.95 28.01 -54.31
C SER A 145 17.82 26.77 -55.18
N LEU A 146 16.89 26.82 -56.13
CA LEU A 146 16.69 25.71 -57.07
C LEU A 146 17.99 25.31 -57.74
N GLY A 147 18.12 24.03 -58.01
CA GLY A 147 19.31 23.53 -58.69
C GLY A 147 20.56 23.51 -57.86
N GLN A 148 20.55 24.19 -56.72
CA GLN A 148 21.74 24.24 -55.85
C GLN A 148 21.83 23.07 -54.89
N ARG A 149 23.05 22.81 -54.43
CA ARG A 149 23.36 21.69 -53.57
C ARG A 149 22.93 22.02 -52.14
N ALA A 150 22.23 21.07 -51.51
CA ALA A 150 21.78 21.19 -50.12
C ALA A 150 22.32 20.05 -49.26
N THR A 151 22.68 20.35 -48.03
CA THR A 151 23.22 19.33 -47.14
C THR A 151 22.64 19.42 -45.73
N ILE A 152 22.14 18.27 -45.26
CA ILE A 152 21.64 18.09 -43.90
C ILE A 152 22.51 17.03 -43.18
N SER A 153 22.86 17.30 -41.92
CA SER A 153 23.70 16.39 -41.13
C SER A 153 22.95 15.79 -39.96
N CYS A 154 23.45 14.64 -39.50
CA CYS A 154 22.93 13.95 -38.31
C CYS A 154 24.08 13.41 -37.49
N ARG A 155 24.07 13.72 -36.21
CA ARG A 155 25.14 13.31 -35.32
C ARG A 155 24.55 12.54 -34.16
N ALA A 156 25.00 11.30 -34.04
CA ALA A 156 24.52 10.42 -32.99
C ALA A 156 25.46 10.48 -31.80
N SER A 157 24.89 10.34 -30.61
CA SER A 157 25.69 10.40 -29.40
C SER A 157 26.54 9.16 -29.23
N GLU A 158 26.06 8.02 -29.72
CA GLU A 158 26.80 6.74 -29.67
C GLU A 158 27.01 6.19 -31.09
N ASN A 159 27.63 5.02 -31.17
CA ASN A 159 27.83 4.32 -32.41
C ASN A 159 26.51 3.76 -32.93
N VAL A 160 26.32 3.79 -34.24
CA VAL A 160 25.09 3.28 -34.88
C VAL A 160 25.34 2.16 -35.88
N ASP A 161 26.51 1.54 -35.77
CA ASP A 161 26.86 0.39 -36.58
C ASP A 161 26.38 -0.90 -35.92
N LYS A 162 26.09 -1.88 -36.77
CA LYS A 162 25.78 -3.24 -36.34
C LYS A 162 26.01 -4.16 -37.53
N TYR A 163 26.61 -5.31 -37.28
CA TYR A 163 26.93 -6.26 -38.34
C TYR A 163 27.81 -5.63 -39.43
N GLY A 164 28.60 -4.63 -39.04
CA GLY A 164 29.58 -4.03 -39.96
C GLY A 164 29.01 -2.94 -40.83
N ASN A 165 27.74 -2.62 -40.62
CA ASN A 165 27.06 -1.56 -41.37
C ASN A 165 26.48 -0.51 -40.44
N SER A 166 26.47 0.74 -40.89
CA SER A 166 25.88 1.86 -40.15
C SER A 166 24.36 1.87 -40.35
N PHE A 167 23.60 1.69 -39.27
CA PHE A 167 22.12 1.66 -39.32
C PHE A 167 21.55 3.06 -39.14
N MET A 168 21.81 3.89 -40.13
CA MET A 168 21.38 5.27 -40.18
C MET A 168 20.48 5.44 -41.41
N HIS A 169 19.32 6.07 -41.23
CA HIS A 169 18.35 6.21 -42.32
C HIS A 169 17.82 7.61 -42.42
N TRP A 170 17.34 7.94 -43.61
CA TRP A 170 16.81 9.24 -43.89
C TRP A 170 15.41 9.18 -44.47
N TYR A 171 14.57 10.10 -44.03
CA TYR A 171 13.17 10.13 -44.44
C TYR A 171 12.79 11.50 -44.93
N GLN A 172 11.92 11.50 -45.93
CA GLN A 172 11.31 12.73 -46.44
C GLN A 172 9.88 12.74 -45.99
N GLN A 173 9.38 13.89 -45.60
CA GLN A 173 7.98 14.01 -45.23
C GLN A 173 7.37 15.30 -45.65
N LYS A 174 6.50 15.21 -46.64
CA LYS A 174 5.72 16.36 -47.07
C LYS A 174 4.48 16.42 -46.18
N PRO A 175 3.83 17.61 -46.03
CA PRO A 175 2.76 17.80 -45.04
C PRO A 175 1.51 16.95 -45.28
N GLY A 176 0.90 16.53 -44.18
CA GLY A 176 -0.29 15.67 -44.19
C GLY A 176 -0.09 14.37 -44.93
N GLN A 177 1.11 13.82 -44.81
CA GLN A 177 1.49 12.61 -45.49
C GLN A 177 2.40 11.81 -44.64
N PRO A 178 2.35 10.50 -44.79
CA PRO A 178 3.27 9.72 -44.02
C PRO A 178 4.66 9.92 -44.59
N PRO A 179 5.70 9.64 -43.80
CA PRO A 179 7.05 9.78 -44.27
C PRO A 179 7.40 8.76 -45.32
N LYS A 180 8.50 9.01 -45.98
CA LYS A 180 8.97 8.22 -47.10
C LYS A 180 10.42 7.91 -46.84
N LEU A 181 10.73 6.63 -46.77
CA LEU A 181 12.12 6.23 -46.60
C LEU A 181 12.87 6.59 -47.87
N LEU A 182 13.98 7.30 -47.72
CA LEU A 182 14.82 7.72 -48.87
C LEU A 182 16.12 7.00 -48.91
N ILE A 183 16.82 6.99 -47.79
CA ILE A 183 18.11 6.36 -47.69
C ILE A 183 18.06 5.45 -46.50
N TYR A 184 18.61 4.26 -46.63
CA TYR A 184 18.76 3.37 -45.50
C TYR A 184 20.20 2.89 -45.43
N ARG A 185 20.55 2.18 -44.35
CA ARG A 185 21.92 1.67 -44.13
C ARG A 185 22.99 2.72 -44.50
N ALA A 186 22.75 3.94 -44.03
CA ALA A 186 23.62 5.13 -44.21
C ALA A 186 23.73 5.72 -45.61
N SER A 187 24.02 4.85 -46.59
CA SER A 187 24.23 5.25 -47.98
C SER A 187 23.25 4.65 -49.00
N GLU A 188 22.64 3.51 -48.69
CA GLU A 188 21.80 2.80 -49.67
C GLU A 188 20.50 3.55 -50.01
N LEU A 189 20.28 3.73 -51.31
CA LEU A 189 19.11 4.49 -51.84
C LEU A 189 17.97 3.54 -52.03
N GLN A 190 16.83 3.92 -51.50
CA GLN A 190 15.60 3.15 -51.62
C GLN A 190 15.10 3.18 -53.07
N TRP A 191 14.40 2.12 -53.45
CA TRP A 191 13.87 1.98 -54.82
C TRP A 191 12.99 3.15 -55.23
N GLY A 192 13.34 3.77 -56.35
CA GLY A 192 12.55 4.87 -56.95
C GLY A 192 13.09 6.24 -56.61
N VAL A 193 13.94 6.32 -55.59
CA VAL A 193 14.41 7.62 -55.10
C VAL A 193 15.37 8.22 -56.14
N PRO A 194 15.21 9.50 -56.49
CA PRO A 194 16.10 10.08 -57.51
C PRO A 194 17.58 10.07 -57.19
N ASP A 195 18.36 9.96 -58.27
CA ASP A 195 19.82 9.95 -58.25
C ASP A 195 20.46 11.10 -57.45
N ARG A 196 19.84 12.27 -57.52
CA ARG A 196 20.33 13.48 -56.84
C ARG A 196 20.42 13.37 -55.29
N PHE A 197 19.66 12.45 -54.71
CA PHE A 197 19.74 12.15 -53.28
C PHE A 197 20.91 11.21 -53.02
N SER A 198 21.57 11.41 -51.88
CA SER A 198 22.73 10.60 -51.48
C SER A 198 22.98 10.68 -49.98
N GLY A 199 23.51 9.60 -49.44
CA GLY A 199 23.83 9.54 -48.03
C GLY A 199 25.26 9.13 -47.83
N SER A 200 25.98 9.87 -47.01
CA SER A 200 27.34 9.48 -46.65
C SER A 200 27.43 9.40 -45.14
N GLY A 201 28.59 8.93 -44.67
CA GLY A 201 28.92 8.94 -43.24
C GLY A 201 29.38 7.63 -42.62
N SER A 202 29.90 7.73 -41.41
CA SER A 202 30.34 6.57 -40.63
C SER A 202 30.49 6.91 -39.15
N GLY A 203 30.35 5.90 -38.30
CA GLY A 203 30.50 6.06 -36.86
C GLY A 203 29.41 6.90 -36.24
N THR A 204 29.64 8.21 -36.15
CA THR A 204 28.68 9.16 -35.53
C THR A 204 28.18 10.29 -36.41
N ASP A 205 28.95 10.66 -37.43
CA ASP A 205 28.56 11.77 -38.31
C ASP A 205 28.11 11.28 -39.67
N PHE A 206 26.88 11.65 -40.04
CA PHE A 206 26.26 11.27 -41.31
C PHE A 206 25.64 12.48 -41.96
N THR A 207 25.53 12.44 -43.27
CA THR A 207 24.97 13.56 -44.01
C THR A 207 24.11 13.11 -45.18
N LEU A 208 22.99 13.82 -45.36
CA LEU A 208 22.13 13.67 -46.52
C LEU A 208 22.43 14.82 -47.46
N THR A 209 22.45 14.55 -48.76
CA THR A 209 22.83 15.58 -49.71
C THR A 209 21.97 15.53 -50.95
N ILE A 210 21.49 16.71 -51.36
CA ILE A 210 20.69 16.86 -52.56
C ILE A 210 21.47 17.69 -53.55
N SER A 211 22.04 17.02 -54.56
CA SER A 211 22.98 17.65 -55.48
C SER A 211 22.36 18.83 -56.21
N SER A 212 21.13 18.65 -56.66
CA SER A 212 20.41 19.70 -57.38
C SER A 212 19.00 19.80 -56.82
N LEU A 213 18.74 20.88 -56.12
CA LEU A 213 17.45 21.06 -55.46
C LEU A 213 16.33 21.22 -56.46
N GLN A 214 15.32 20.37 -56.33
CA GLN A 214 14.11 20.45 -57.16
C GLN A 214 12.96 20.87 -56.29
N ALA A 215 11.96 21.51 -56.88
CA ALA A 215 10.80 21.98 -56.11
C ALA A 215 10.06 20.86 -55.34
N GLU A 216 10.06 19.65 -55.90
CA GLU A 216 9.47 18.45 -55.24
C GLU A 216 10.09 18.17 -53.88
N ASP A 217 11.35 18.56 -53.72
CA ASP A 217 12.15 18.24 -52.53
C ASP A 217 11.80 19.05 -51.29
N VAL A 218 11.03 20.12 -51.46
CA VAL A 218 10.66 20.97 -50.31
C VAL A 218 9.86 20.14 -49.32
N ALA A 219 10.48 19.83 -48.19
CA ALA A 219 9.90 18.92 -47.23
C ALA A 219 10.64 18.95 -45.91
N VAL A 220 10.16 18.16 -44.96
CA VAL A 220 10.89 17.95 -43.71
C VAL A 220 11.67 16.68 -43.86
N TYR A 221 12.92 16.68 -43.44
CA TYR A 221 13.74 15.50 -43.52
C TYR A 221 14.10 15.01 -42.12
N TYR A 222 14.00 13.69 -41.92
CA TYR A 222 14.35 13.08 -40.63
C TYR A 222 15.41 12.02 -40.80
N CYS A 223 16.41 12.02 -39.92
CA CYS A 223 17.39 10.96 -39.88
C CYS A 223 16.93 10.00 -38.79
N GLN A 224 17.47 8.79 -38.75
CA GLN A 224 17.05 7.77 -37.75
C GLN A 224 18.06 6.63 -37.55
N ARG A 225 18.24 6.22 -36.31
CA ARG A 225 19.10 5.10 -35.98
C ARG A 225 18.19 3.91 -35.82
N SER A 226 18.71 2.72 -36.08
CA SER A 226 17.94 1.49 -35.82
C SER A 226 18.77 0.28 -35.36
N ASN A 227 20.03 0.47 -34.98
CA ASN A 227 20.87 -0.68 -34.60
C ASN A 227 20.43 -1.32 -33.27
N GLU A 228 20.32 -0.53 -32.23
CA GLU A 228 19.76 -1.05 -30.99
C GLU A 228 18.66 -0.05 -30.56
N VAL A 229 17.72 -0.54 -29.76
CA VAL A 229 16.58 0.29 -29.34
C VAL A 229 17.03 1.27 -28.27
N PRO A 230 16.43 2.47 -28.23
CA PRO A 230 15.36 2.95 -29.08
C PRO A 230 15.82 3.29 -30.47
N TRP A 231 14.90 3.20 -31.41
CA TRP A 231 15.16 3.53 -32.79
C TRP A 231 14.82 4.98 -33.01
N THR A 232 15.61 5.81 -32.36
CA THR A 232 15.34 7.22 -32.22
C THR A 232 15.46 7.97 -33.55
N PHE A 233 14.55 8.93 -33.72
CA PHE A 233 14.57 9.83 -34.87
C PHE A 233 15.29 11.12 -34.52
N GLY A 234 15.81 11.77 -35.55
CA GLY A 234 16.29 13.15 -35.39
C GLY A 234 15.10 14.10 -35.24
N GLN A 235 15.36 15.36 -34.87
CA GLN A 235 14.27 16.31 -34.59
C GLN A 235 13.66 16.87 -35.87
N GLY A 236 14.29 16.61 -37.00
CA GLY A 236 13.76 17.06 -38.30
C GLY A 236 14.42 18.32 -38.83
N THR A 237 14.49 18.41 -40.15
CA THR A 237 15.05 19.58 -40.84
C THR A 237 14.13 20.06 -41.96
N LYS A 238 13.52 21.22 -41.75
CA LYS A 238 12.61 21.78 -42.73
C LYS A 238 13.44 22.37 -43.85
N LEU A 239 13.29 21.82 -45.05
CA LEU A 239 13.99 22.32 -46.22
C LEU A 239 13.03 23.15 -47.05
N GLU A 240 13.49 24.35 -47.40
CA GLU A 240 12.68 25.29 -48.15
C GLU A 240 13.44 25.84 -49.34
N ILE A 241 12.72 26.59 -50.17
CA ILE A 241 13.30 27.31 -51.32
C ILE A 241 13.66 28.76 -50.95
N LYS A 242 14.78 29.27 -51.46
CA LYS A 242 15.15 30.69 -51.33
C LYS A 242 14.43 31.47 -52.46
N ARG A 243 13.81 32.60 -52.14
CA ARG A 243 13.10 33.46 -53.14
C ARG A 243 11.75 32.83 -53.52
N GLN B 1 6.55 28.24 10.97
CA GLN B 1 6.40 27.29 9.83
C GLN B 1 4.95 27.18 9.38
N GLN B 2 4.77 27.18 8.07
CA GLN B 2 3.46 27.05 7.44
C GLN B 2 3.11 25.56 7.31
N VAL B 3 4.09 24.69 7.59
CA VAL B 3 3.89 23.22 7.56
C VAL B 3 3.19 22.77 8.87
N GLN B 4 1.86 22.69 8.83
CA GLN B 4 1.02 22.09 9.93
C GLN B 4 0.13 20.99 9.39
N LEU B 5 0.46 20.54 8.20
CA LEU B 5 -0.18 19.38 7.62
C LEU B 5 0.81 18.25 7.70
N VAL B 6 0.34 17.11 8.18
CA VAL B 6 1.19 15.95 8.33
C VAL B 6 0.91 14.91 7.25
N GLN B 7 1.89 14.73 6.38
CA GLN B 7 1.80 13.77 5.28
C GLN B 7 2.43 12.42 5.60
N SER B 8 2.06 11.42 4.82
CA SER B 8 2.60 10.07 4.98
C SER B 8 4.04 10.01 4.56
N GLY B 9 4.66 8.90 4.91
CA GLY B 9 6.06 8.65 4.64
C GLY B 9 6.34 8.47 3.16
N ALA B 10 7.58 8.77 2.81
CA ALA B 10 8.05 8.72 1.43
C ALA B 10 8.04 7.28 0.94
N GLU B 11 7.43 7.06 -0.22
CA GLU B 11 7.28 5.72 -0.78
C GLU B 11 8.13 5.52 -2.03
N VAL B 12 8.58 4.28 -2.22
CA VAL B 12 9.23 3.86 -3.46
C VAL B 12 8.35 2.83 -4.13
N LYS B 13 8.06 3.05 -5.42
CA LYS B 13 7.13 2.21 -6.18
C LYS B 13 7.70 1.82 -7.54
N LYS B 14 7.23 0.69 -8.05
CA LYS B 14 7.60 0.17 -9.37
C LYS B 14 6.70 0.79 -10.46
N PRO B 15 7.19 0.90 -11.70
CA PRO B 15 6.34 1.51 -12.74
C PRO B 15 5.09 0.69 -12.96
N GLY B 16 3.99 1.38 -13.23
CA GLY B 16 2.65 0.78 -13.36
C GLY B 16 1.87 0.57 -12.06
N ALA B 17 2.54 0.71 -10.92
CA ALA B 17 1.90 0.58 -9.61
C ALA B 17 1.03 1.81 -9.29
N SER B 18 0.37 1.77 -8.13
CA SER B 18 -0.41 2.90 -7.65
C SER B 18 0.17 3.33 -6.33
N VAL B 19 0.09 4.63 -6.03
CA VAL B 19 0.52 5.14 -4.72
C VAL B 19 -0.59 5.95 -4.03
N LYS B 20 -0.68 5.82 -2.72
CA LYS B 20 -1.65 6.58 -1.93
C LYS B 20 -0.92 7.32 -0.82
N VAL B 21 -1.03 8.65 -0.85
CA VAL B 21 -0.39 9.54 0.13
C VAL B 21 -1.47 10.09 1.04
N SER B 22 -1.20 10.04 2.34
CA SER B 22 -2.13 10.56 3.36
C SER B 22 -1.75 12.00 3.75
N CYS B 23 -2.71 12.74 4.30
CA CYS B 23 -2.45 14.10 4.78
C CYS B 23 -3.35 14.52 5.93
N LYS B 24 -2.78 14.52 7.14
CA LYS B 24 -3.54 14.75 8.39
C LYS B 24 -3.48 16.20 8.87
N ALA B 25 -4.65 16.81 8.97
CA ALA B 25 -4.81 18.22 9.32
C ALA B 25 -5.18 18.47 10.77
N GLY B 26 -4.63 19.53 11.33
CA GLY B 26 -4.93 19.92 12.72
C GLY B 26 -6.16 20.82 12.87
N PHE B 27 -6.97 20.91 11.82
CA PHE B 27 -8.18 21.77 11.80
C PHE B 27 -9.27 21.02 11.06
N ASN B 28 -10.48 21.55 11.10
CA ASN B 28 -11.61 20.87 10.49
C ASN B 28 -11.64 20.99 8.98
N ILE B 29 -11.33 19.89 8.30
CA ILE B 29 -11.18 19.94 6.84
C ILE B 29 -12.50 20.16 6.11
N LYS B 30 -13.62 19.98 6.81
CA LYS B 30 -14.95 20.13 6.19
C LYS B 30 -15.14 21.50 5.51
N ASP B 31 -14.63 22.55 6.14
CA ASP B 31 -14.88 23.93 5.69
C ASP B 31 -13.70 24.55 4.98
N VAL B 32 -13.04 23.74 4.17
CA VAL B 32 -11.74 24.12 3.61
C VAL B 32 -11.59 23.55 2.20
N TYR B 33 -10.68 24.14 1.43
CA TYR B 33 -10.31 23.58 0.14
C TYR B 33 -8.94 22.91 0.19
N MET B 34 -8.94 21.59 0.28
CA MET B 34 -7.70 20.79 0.32
C MET B 34 -7.16 20.44 -1.06
N SER B 35 -5.95 20.91 -1.35
CA SER B 35 -5.30 20.76 -2.65
C SER B 35 -4.05 19.88 -2.55
N TRP B 36 -3.66 19.34 -3.68
CA TRP B 36 -2.42 18.53 -3.81
C TRP B 36 -1.57 19.11 -4.93
N VAL B 37 -0.29 19.25 -4.64
CA VAL B 37 0.65 19.88 -5.55
C VAL B 37 1.88 19.00 -5.70
N ARG B 38 2.29 18.75 -6.93
CA ARG B 38 3.43 17.88 -7.20
C ARG B 38 4.61 18.71 -7.67
N GLN B 39 5.81 18.25 -7.38
CA GLN B 39 6.98 18.94 -7.88
C GLN B 39 8.10 18.00 -8.26
N ALA B 40 8.31 17.86 -9.57
CA ALA B 40 9.35 16.98 -10.10
C ALA B 40 10.75 17.54 -9.79
N PRO B 41 11.78 16.69 -9.69
CA PRO B 41 13.12 17.20 -9.38
C PRO B 41 13.52 18.35 -10.32
N GLU B 42 13.89 19.48 -9.73
CA GLU B 42 14.34 20.69 -10.44
C GLU B 42 13.34 21.36 -11.42
N GLN B 43 12.13 20.82 -11.53
CA GLN B 43 11.05 21.45 -12.28
C GLN B 43 10.21 22.28 -11.30
N GLY B 44 9.21 22.98 -11.82
CA GLY B 44 8.38 23.86 -11.01
C GLY B 44 7.26 23.15 -10.28
N LEU B 45 6.37 23.96 -9.71
CA LEU B 45 5.21 23.48 -8.98
C LEU B 45 4.10 23.22 -9.96
N GLU B 46 3.41 22.09 -9.77
CA GLU B 46 2.27 21.74 -10.61
C GLU B 46 1.08 21.40 -9.71
N TRP B 47 0.02 22.18 -9.80
CA TRP B 47 -1.20 21.91 -9.04
C TRP B 47 -1.86 20.67 -9.63
N MET B 48 -2.26 19.75 -8.77
CA MET B 48 -2.87 18.49 -9.22
C MET B 48 -4.39 18.57 -9.16
N GLY B 49 -4.93 19.10 -8.07
CA GLY B 49 -6.37 19.22 -7.92
C GLY B 49 -6.75 19.72 -6.55
N ARG B 50 -8.06 19.83 -6.31
CA ARG B 50 -8.61 20.22 -4.99
C ARG B 50 -9.92 19.48 -4.68
N ILE B 51 -10.12 19.17 -3.41
CA ILE B 51 -11.32 18.47 -2.94
C ILE B 51 -12.02 19.35 -1.92
N ASP B 52 -13.34 19.38 -2.00
CA ASP B 52 -14.16 20.00 -0.98
C ASP B 52 -14.66 18.84 -0.11
N PRO B 53 -14.07 18.66 1.09
CA PRO B 53 -14.45 17.49 1.88
C PRO B 53 -15.90 17.47 2.37
N GLU B 54 -16.55 18.64 2.42
CA GLU B 54 -17.95 18.71 2.83
C GLU B 54 -18.81 17.88 1.91
N ASN B 55 -18.65 18.07 0.60
CA ASN B 55 -19.47 17.35 -0.39
C ASN B 55 -18.69 16.35 -1.24
N GLY B 56 -17.39 16.22 -0.98
CA GLY B 56 -16.53 15.31 -1.74
C GLY B 56 -16.31 15.72 -3.20
N ASP B 57 -16.58 16.98 -3.52
CA ASP B 57 -16.44 17.48 -4.88
C ASP B 57 -14.95 17.52 -5.24
N THR B 58 -14.59 16.82 -6.29
CA THR B 58 -13.22 16.78 -6.74
C THR B 58 -13.08 17.39 -8.12
N LYS B 59 -12.13 18.32 -8.22
CA LYS B 59 -11.71 18.93 -9.48
C LYS B 59 -10.23 18.65 -9.66
N TYR B 60 -9.84 18.16 -10.82
CA TYR B 60 -8.45 17.80 -11.07
C TYR B 60 -7.83 18.56 -12.24
N ASP B 61 -6.52 18.41 -12.37
CA ASP B 61 -5.77 19.00 -13.48
C ASP B 61 -5.88 18.05 -14.66
N PRO B 62 -6.10 18.61 -15.86
CA PRO B 62 -6.27 17.75 -17.03
C PRO B 62 -5.04 16.89 -17.33
N LYS B 63 -3.87 17.39 -16.99
CA LYS B 63 -2.61 16.61 -17.08
C LYS B 63 -2.72 15.23 -16.42
N LEU B 64 -3.48 15.16 -15.34
CA LEU B 64 -3.59 13.95 -14.53
C LEU B 64 -4.98 13.34 -14.55
N GLN B 65 -5.91 14.00 -15.22
CA GLN B 65 -7.29 13.54 -15.17
C GLN B 65 -7.30 12.06 -15.51
N GLY B 66 -8.02 11.29 -14.71
CA GLY B 66 -8.16 9.84 -14.88
C GLY B 66 -7.21 9.00 -14.04
N ARG B 67 -6.04 9.56 -13.74
CA ARG B 67 -5.02 8.85 -12.93
C ARG B 67 -5.07 9.17 -11.45
N VAL B 68 -5.65 10.31 -11.09
CA VAL B 68 -5.71 10.74 -9.69
C VAL B 68 -7.08 10.60 -9.08
N THR B 69 -7.06 10.22 -7.81
CA THR B 69 -8.26 10.06 -7.01
C THR B 69 -8.01 10.70 -5.64
N MET B 70 -8.68 11.83 -5.42
CA MET B 70 -8.55 12.58 -4.18
C MET B 70 -9.76 12.35 -3.30
N THR B 71 -9.49 11.99 -2.06
CA THR B 71 -10.53 11.72 -1.09
C THR B 71 -10.26 12.47 0.21
N ALA B 72 -11.23 12.41 1.13
CA ALA B 72 -11.15 13.07 2.44
C ALA B 72 -12.07 12.43 3.48
N ASP B 73 -11.53 12.25 4.68
CA ASP B 73 -12.30 11.76 5.81
C ASP B 73 -12.47 12.90 6.78
N THR B 74 -13.65 13.49 6.84
CA THR B 74 -13.92 14.62 7.75
C THR B 74 -13.88 14.25 9.24
N SER B 75 -14.13 12.97 9.54
CA SER B 75 -14.06 12.49 10.92
C SER B 75 -12.61 12.52 11.42
N THR B 76 -11.67 11.99 10.63
CA THR B 76 -10.24 11.95 11.01
C THR B 76 -9.46 13.15 10.48
N ASN B 77 -10.16 14.11 9.89
CA ASN B 77 -9.52 15.30 9.30
C ASN B 77 -8.26 14.96 8.50
N THR B 78 -8.37 13.92 7.69
CA THR B 78 -7.29 13.43 6.85
C THR B 78 -7.75 13.48 5.41
N ALA B 79 -6.88 13.97 4.54
CA ALA B 79 -7.14 13.96 3.11
C ALA B 79 -6.19 12.98 2.44
N TYR B 80 -6.67 12.36 1.38
CA TYR B 80 -5.86 11.39 0.67
C TYR B 80 -5.73 11.76 -0.79
N MET B 81 -4.74 11.13 -1.42
CA MET B 81 -4.44 11.27 -2.83
C MET B 81 -3.95 9.92 -3.36
N GLU B 82 -4.61 9.42 -4.39
CA GLU B 82 -4.21 8.17 -5.04
C GLU B 82 -3.83 8.46 -6.49
N LEU B 83 -2.62 8.04 -6.87
CA LEU B 83 -2.12 8.19 -8.23
C LEU B 83 -1.77 6.82 -8.82
N ARG B 84 -2.44 6.45 -9.90
CA ARG B 84 -2.26 5.09 -10.46
C ARG B 84 -1.46 5.05 -11.78
N SER B 85 -1.03 3.85 -12.14
CA SER B 85 -0.27 3.61 -13.37
C SER B 85 0.94 4.53 -13.48
N LEU B 86 1.80 4.40 -12.48
CA LEU B 86 2.96 5.28 -12.29
C LEU B 86 4.04 5.10 -13.38
N ARG B 87 4.61 6.21 -13.81
CA ARG B 87 5.72 6.22 -14.75
C ARG B 87 6.91 6.82 -14.03
N SER B 88 8.12 6.65 -14.58
CA SER B 88 9.34 7.21 -13.96
C SER B 88 9.19 8.71 -13.93
N ASP B 89 8.51 9.22 -14.96
CA ASP B 89 8.02 10.60 -15.06
C ASP B 89 7.44 11.19 -13.74
N ASP B 90 6.61 10.40 -13.06
CA ASP B 90 5.90 10.82 -11.83
C ASP B 90 6.75 10.90 -10.57
N THR B 91 8.02 10.54 -10.67
CA THR B 91 8.95 10.68 -9.56
C THR B 91 9.00 12.16 -9.24
N ALA B 92 8.47 12.49 -8.08
CA ALA B 92 8.33 13.88 -7.65
C ALA B 92 8.12 13.93 -6.15
N VAL B 93 8.08 15.15 -5.65
CA VAL B 93 7.68 15.38 -4.27
C VAL B 93 6.22 15.81 -4.31
N TYR B 94 5.42 15.19 -3.45
CA TYR B 94 4.00 15.40 -3.44
C TYR B 94 3.58 16.14 -2.19
N TYR B 95 3.18 17.38 -2.40
CA TYR B 95 2.76 18.27 -1.33
C TYR B 95 1.26 18.26 -1.18
N CYS B 96 0.87 18.38 0.07
CA CYS B 96 -0.50 18.44 0.47
C CYS B 96 -0.71 19.84 0.98
N ALA B 97 -1.73 20.55 0.52
CA ALA B 97 -1.92 21.92 0.95
C ALA B 97 -3.37 22.32 1.21
N ARG B 98 -3.54 23.42 1.95
CA ARG B 98 -4.89 23.93 2.31
C ARG B 98 -5.02 25.40 1.99
N GLY B 99 -6.22 25.78 1.54
CA GLY B 99 -6.59 27.17 1.32
C GLY B 99 -7.13 27.47 -0.06
N TRP B 100 -7.75 28.64 -0.15
CA TRP B 100 -8.29 29.17 -1.40
C TRP B 100 -7.51 30.39 -1.81
N GLU B 101 -7.52 31.42 -0.97
CA GLU B 101 -6.72 32.62 -1.25
C GLU B 101 -5.26 32.34 -0.95
N GLY B 102 -4.64 31.59 -1.84
CA GLY B 102 -3.30 31.09 -1.62
C GLY B 102 -3.31 29.88 -0.72
N PHE B 103 -2.28 29.07 -0.82
CA PHE B 103 -2.13 27.95 0.08
C PHE B 103 -1.27 28.32 1.28
N ALA B 104 -1.92 28.82 2.32
CA ALA B 104 -1.24 29.23 3.56
C ALA B 104 -0.65 28.04 4.33
N TYR B 105 -1.32 26.90 4.23
CA TYR B 105 -0.87 25.71 4.94
C TYR B 105 -0.38 24.63 3.96
N TRP B 106 0.79 24.07 4.27
CA TRP B 106 1.42 23.03 3.43
C TRP B 106 1.85 21.86 4.28
N GLY B 107 2.09 20.75 3.61
CA GLY B 107 2.67 19.58 4.25
C GLY B 107 4.17 19.54 4.02
N GLN B 108 4.84 18.64 4.73
CA GLN B 108 6.30 18.50 4.64
C GLN B 108 6.73 17.93 3.30
N GLY B 109 5.81 17.25 2.64
CA GLY B 109 6.07 16.64 1.34
C GLY B 109 6.29 15.13 1.44
N THR B 110 5.91 14.44 0.40
CA THR B 110 6.07 13.00 0.34
C THR B 110 6.83 12.72 -0.96
N LEU B 111 8.05 12.22 -0.86
CA LEU B 111 8.81 11.85 -2.06
C LEU B 111 8.39 10.47 -2.59
N VAL B 112 7.73 10.47 -3.74
CA VAL B 112 7.37 9.23 -4.43
C VAL B 112 8.40 8.98 -5.50
N THR B 113 9.07 7.82 -5.43
CA THR B 113 10.16 7.48 -6.35
C THR B 113 9.79 6.24 -7.18
N VAL B 114 9.56 6.47 -8.47
CA VAL B 114 9.13 5.42 -9.41
C VAL B 114 10.31 4.93 -10.24
N SER B 115 10.74 3.71 -9.97
CA SER B 115 11.93 3.16 -10.59
C SER B 115 11.79 1.66 -10.81
N SER B 116 12.51 1.15 -11.84
CA SER B 116 12.52 -0.29 -12.19
C SER B 116 13.86 -0.98 -11.90
N SER B 131 -11.59 25.56 -17.47
CA SER B 131 -11.01 26.50 -18.41
C SER B 131 -9.46 26.46 -18.32
N ASP B 132 -8.80 26.05 -19.39
CA ASP B 132 -7.32 26.03 -19.41
C ASP B 132 -6.70 27.42 -19.47
N ILE B 133 -5.88 27.74 -18.46
CA ILE B 133 -5.20 29.03 -18.32
C ILE B 133 -3.71 28.87 -18.57
N VAL B 134 -3.11 29.89 -19.17
CA VAL B 134 -1.66 29.97 -19.32
C VAL B 134 -1.15 31.09 -18.42
N MET B 135 -0.30 30.72 -17.48
CA MET B 135 0.28 31.65 -16.52
C MET B 135 1.71 31.92 -16.93
N THR B 136 2.02 33.19 -17.17
CA THR B 136 3.34 33.54 -17.68
C THR B 136 4.10 34.48 -16.78
N GLN B 137 5.12 33.91 -16.17
CA GLN B 137 5.98 34.54 -15.23
C GLN B 137 7.17 35.08 -16.00
N SER B 138 7.59 36.30 -15.67
CA SER B 138 8.76 36.91 -16.31
C SER B 138 9.61 37.64 -15.27
N PRO B 139 10.95 37.47 -15.33
CA PRO B 139 11.68 36.60 -16.22
C PRO B 139 11.71 35.18 -15.67
N ALA B 140 12.50 34.32 -16.29
CA ALA B 140 12.70 32.96 -15.82
C ALA B 140 13.65 32.98 -14.65
N SER B 141 14.55 33.94 -14.67
CA SER B 141 15.49 34.14 -13.59
C SER B 141 16.08 35.53 -13.68
N LEU B 142 16.55 36.04 -12.57
CA LEU B 142 17.15 37.38 -12.54
C LEU B 142 18.05 37.52 -11.34
N ALA B 143 19.07 38.36 -11.51
CA ALA B 143 19.99 38.68 -10.43
C ALA B 143 19.94 40.16 -10.17
N VAL B 144 19.89 40.52 -8.91
CA VAL B 144 20.00 41.92 -8.52
C VAL B 144 20.89 42.01 -7.30
N SER B 145 21.45 43.20 -7.08
CA SER B 145 22.39 43.43 -5.99
C SER B 145 21.69 43.62 -4.65
N LEU B 146 22.40 43.31 -3.55
CA LEU B 146 21.84 43.44 -2.20
C LEU B 146 21.29 44.83 -1.99
N GLY B 147 20.23 44.91 -1.22
CA GLY B 147 19.60 46.20 -0.93
C GLY B 147 18.83 46.84 -2.08
N GLN B 148 19.02 46.35 -3.30
CA GLN B 148 18.35 46.91 -4.46
C GLN B 148 16.96 46.33 -4.69
N ARG B 149 16.15 47.10 -5.42
CA ARG B 149 14.76 46.76 -5.67
C ARG B 149 14.69 45.71 -6.77
N ALA B 150 13.87 44.68 -6.55
CA ALA B 150 13.67 43.58 -7.52
C ALA B 150 12.19 43.42 -7.86
N THR B 151 11.88 43.10 -9.12
CA THR B 151 10.49 42.94 -9.57
C THR B 151 10.28 41.74 -10.48
N ILE B 152 9.31 40.90 -10.09
CA ILE B 152 8.86 39.74 -10.85
C ILE B 152 7.41 39.97 -11.27
N SER B 153 7.09 39.62 -12.52
CA SER B 153 5.72 39.80 -13.08
C SER B 153 5.05 38.46 -13.38
N CYS B 154 3.72 38.49 -13.39
CA CYS B 154 2.91 37.35 -13.78
C CYS B 154 1.78 37.82 -14.66
N ARG B 155 1.59 37.17 -15.80
CA ARG B 155 0.52 37.51 -16.73
C ARG B 155 -0.34 36.29 -17.00
N ALA B 156 -1.62 36.44 -16.69
CA ALA B 156 -2.59 35.36 -16.86
C ALA B 156 -3.30 35.45 -18.19
N SER B 157 -3.63 34.32 -18.77
CA SER B 157 -4.32 34.29 -20.07
C SER B 157 -5.78 34.73 -19.94
N GLU B 158 -6.38 34.48 -18.78
CA GLU B 158 -7.77 34.90 -18.51
C GLU B 158 -7.82 35.84 -17.29
N ASN B 159 -9.02 36.27 -16.94
CA ASN B 159 -9.25 37.12 -15.78
C ASN B 159 -9.14 36.27 -14.52
N VAL B 160 -8.56 36.84 -13.47
CA VAL B 160 -8.36 36.14 -12.21
C VAL B 160 -9.06 36.80 -11.02
N ASP B 161 -9.99 37.69 -11.31
CA ASP B 161 -10.82 38.32 -10.30
C ASP B 161 -12.04 37.47 -10.00
N LYS B 162 -12.50 37.58 -8.75
CA LYS B 162 -13.73 36.94 -8.29
C LYS B 162 -14.15 37.64 -7.01
N TYR B 163 -15.44 37.90 -6.89
CA TYR B 163 -15.98 38.60 -5.74
C TYR B 163 -15.34 40.00 -5.54
N GLY B 164 -14.89 40.57 -6.64
CA GLY B 164 -14.32 41.95 -6.61
C GLY B 164 -12.85 42.02 -6.29
N ASN B 165 -12.24 40.86 -6.07
CA ASN B 165 -10.83 40.76 -5.71
C ASN B 165 -10.07 39.89 -6.70
N SER B 166 -8.81 40.23 -6.94
CA SER B 166 -7.94 39.45 -7.81
C SER B 166 -7.36 38.27 -7.03
N PHE B 167 -7.66 37.05 -7.48
CA PHE B 167 -7.17 35.83 -6.81
C PHE B 167 -5.82 35.40 -7.37
N MET B 168 -4.82 36.23 -7.08
CA MET B 168 -3.45 36.03 -7.53
C MET B 168 -2.56 35.95 -6.30
N HIS B 169 -1.69 34.95 -6.26
CA HIS B 169 -0.87 34.71 -5.08
C HIS B 169 0.57 34.46 -5.43
N TRP B 170 1.44 34.73 -4.47
CA TRP B 170 2.88 34.59 -4.67
C TRP B 170 3.49 33.69 -3.61
N TYR B 171 4.43 32.87 -4.04
CA TYR B 171 5.09 31.91 -3.16
C TYR B 171 6.59 32.01 -3.27
N GLN B 172 7.25 31.81 -2.14
CA GLN B 172 8.70 31.70 -2.10
C GLN B 172 9.02 30.26 -1.87
N GLN B 173 10.05 29.77 -2.53
CA GLN B 173 10.50 28.41 -2.27
C GLN B 173 11.99 28.27 -2.31
N LYS B 174 12.59 28.04 -1.15
CA LYS B 174 14.01 27.76 -1.08
C LYS B 174 14.17 26.27 -1.30
N PRO B 175 15.34 25.81 -1.79
CA PRO B 175 15.49 24.42 -2.22
C PRO B 175 15.29 23.37 -1.13
N GLY B 176 14.73 22.23 -1.52
CA GLY B 176 14.45 21.11 -0.60
C GLY B 176 13.58 21.51 0.57
N GLN B 177 12.63 22.39 0.30
CA GLN B 177 11.70 22.90 1.30
C GLN B 177 10.34 23.14 0.67
N PRO B 178 9.27 22.97 1.45
CA PRO B 178 7.99 23.31 0.89
C PRO B 178 7.90 24.80 0.62
N PRO B 179 7.02 25.21 -0.29
CA PRO B 179 6.83 26.62 -0.52
C PRO B 179 6.19 27.35 0.63
N LYS B 180 6.25 28.66 0.53
CA LYS B 180 5.81 29.54 1.58
C LYS B 180 4.93 30.59 0.91
N LEU B 181 3.68 30.67 1.34
CA LEU B 181 2.80 31.71 0.82
C LEU B 181 3.33 33.03 1.32
N LEU B 182 3.53 33.96 0.40
CA LEU B 182 4.01 35.31 0.76
C LEU B 182 2.93 36.34 0.59
N ILE B 183 2.29 36.35 -0.57
CA ILE B 183 1.27 37.32 -0.87
C ILE B 183 0.07 36.55 -1.34
N TYR B 184 -1.11 36.96 -0.90
CA TYR B 184 -2.34 36.40 -1.42
C TYR B 184 -3.26 37.54 -1.84
N ARG B 185 -4.37 37.18 -2.49
CA ARG B 185 -5.35 38.16 -2.99
C ARG B 185 -4.66 39.37 -3.66
N ALA B 186 -3.68 39.05 -4.51
CA ALA B 186 -2.87 40.01 -5.30
C ALA B 186 -1.91 40.90 -4.52
N SER B 187 -2.43 41.56 -3.49
CA SER B 187 -1.66 42.52 -2.67
C SER B 187 -1.49 42.16 -1.19
N GLU B 188 -2.39 41.36 -0.64
CA GLU B 188 -2.38 41.08 0.80
C GLU B 188 -1.18 40.24 1.23
N LEU B 189 -0.50 40.76 2.23
CA LEU B 189 0.74 40.20 2.74
C LEU B 189 0.45 39.22 3.89
N GLN B 190 0.96 38.00 3.75
CA GLN B 190 0.74 36.93 4.73
C GLN B 190 1.45 37.25 6.04
N TRP B 191 0.91 36.73 7.14
CA TRP B 191 1.44 37.02 8.49
C TRP B 191 2.89 36.62 8.65
N GLY B 192 3.70 37.58 9.08
CA GLY B 192 5.12 37.35 9.34
C GLY B 192 6.04 37.74 8.20
N VAL B 193 5.46 37.92 7.01
CA VAL B 193 6.25 38.21 5.81
C VAL B 193 6.81 39.64 5.95
N PRO B 194 8.11 39.85 5.69
CA PRO B 194 8.66 41.19 5.85
C PRO B 194 8.02 42.26 5.00
N ASP B 195 8.01 43.45 5.57
CA ASP B 195 7.44 44.66 4.99
C ASP B 195 7.96 44.93 3.55
N ARG B 196 9.22 44.59 3.30
CA ARG B 196 9.89 44.81 1.99
C ARG B 196 9.22 44.07 0.80
N PHE B 197 8.48 43.01 1.10
CA PHE B 197 7.71 42.32 0.09
C PHE B 197 6.40 43.06 -0.17
N SER B 198 5.96 43.03 -1.43
CA SER B 198 4.73 43.71 -1.84
C SER B 198 4.16 43.13 -3.14
N GLY B 199 2.85 43.17 -3.28
CA GLY B 199 2.19 42.70 -4.48
C GLY B 199 1.27 43.75 -5.04
N SER B 200 1.36 44.00 -6.34
CA SER B 200 0.42 44.91 -7.01
C SER B 200 -0.22 44.18 -8.19
N GLY B 201 -1.18 44.86 -8.82
CA GLY B 201 -1.76 44.39 -10.09
C GLY B 201 -3.27 44.28 -10.14
N SER B 202 -3.77 44.08 -11.36
CA SER B 202 -5.21 43.91 -11.61
C SER B 202 -5.49 43.28 -12.98
N GLY B 203 -6.62 42.59 -13.08
CA GLY B 203 -7.05 41.97 -14.33
C GLY B 203 -6.15 40.81 -14.75
N THR B 204 -5.13 41.13 -15.54
CA THR B 204 -4.22 40.15 -16.14
C THR B 204 -2.77 40.28 -15.71
N ASP B 205 -2.34 41.50 -15.42
CA ASP B 205 -0.94 41.78 -15.12
C ASP B 205 -0.70 42.10 -13.65
N PHE B 206 0.15 41.31 -13.02
CA PHE B 206 0.48 41.42 -11.59
C PHE B 206 1.97 41.39 -11.38
N THR B 207 2.42 41.99 -10.29
CA THR B 207 3.85 42.03 -10.00
C THR B 207 4.17 41.86 -8.52
N LEU B 208 5.22 41.09 -8.24
CA LEU B 208 5.81 40.95 -6.90
C LEU B 208 7.05 41.82 -6.83
N THR B 209 7.26 42.47 -5.70
CA THR B 209 8.33 43.45 -5.60
C THR B 209 9.02 43.37 -4.23
N ILE B 210 10.34 43.35 -4.28
CA ILE B 210 11.16 43.33 -3.08
C ILE B 210 11.96 44.62 -3.03
N SER B 211 11.55 45.53 -2.15
CA SER B 211 12.08 46.90 -2.10
C SER B 211 13.58 46.92 -1.85
N SER B 212 14.02 46.08 -0.93
CA SER B 212 15.42 45.97 -0.58
C SER B 212 15.78 44.49 -0.52
N LEU B 213 16.56 44.04 -1.49
CA LEU B 213 16.97 42.64 -1.56
C LEU B 213 17.87 42.22 -0.39
N GLN B 214 17.46 41.19 0.33
CA GLN B 214 18.23 40.61 1.43
C GLN B 214 18.69 39.23 1.00
N ALA B 215 19.79 38.77 1.54
CA ALA B 215 20.33 37.45 1.17
C ALA B 215 19.37 36.30 1.41
N GLU B 216 18.51 36.42 2.42
CA GLU B 216 17.46 35.44 2.72
C GLU B 216 16.52 35.22 1.54
N ASP B 217 16.36 36.27 0.72
CA ASP B 217 15.38 36.29 -0.37
C ASP B 217 15.76 35.48 -1.61
N VAL B 218 17.01 35.07 -1.70
CA VAL B 218 17.45 34.25 -2.82
C VAL B 218 16.67 32.94 -2.84
N ALA B 219 15.78 32.81 -3.82
CA ALA B 219 14.85 31.69 -3.88
C ALA B 219 14.16 31.60 -5.23
N VAL B 220 13.31 30.60 -5.38
CA VAL B 220 12.43 30.52 -6.54
C VAL B 220 11.08 31.08 -6.14
N TYR B 221 10.50 31.92 -6.99
CA TYR B 221 9.22 32.54 -6.69
C TYR B 221 8.19 32.05 -7.67
N TYR B 222 7.02 31.70 -7.16
CA TYR B 222 5.92 31.23 -8.01
C TYR B 222 4.66 32.06 -7.79
N CYS B 223 4.01 32.42 -8.89
CA CYS B 223 2.75 33.13 -8.83
C CYS B 223 1.68 32.07 -9.04
N GLN B 224 0.43 32.38 -8.73
CA GLN B 224 -0.65 31.38 -8.83
C GLN B 224 -2.05 32.01 -8.87
N ARG B 225 -2.92 31.45 -9.73
CA ARG B 225 -4.30 31.87 -9.83
C ARG B 225 -5.14 30.88 -9.03
N SER B 226 -6.26 31.34 -8.45
CA SER B 226 -7.17 30.42 -7.72
C SER B 226 -8.67 30.75 -7.83
N ASN B 227 -9.07 31.66 -8.71
CA ASN B 227 -10.49 32.02 -8.83
C ASN B 227 -11.33 30.88 -9.39
N GLU B 228 -10.93 30.33 -10.53
CA GLU B 228 -11.56 29.14 -11.15
C GLU B 228 -10.53 28.08 -11.37
N VAL B 229 -10.94 26.81 -11.36
CA VAL B 229 -9.99 25.71 -11.59
C VAL B 229 -9.65 25.61 -13.06
N PRO B 230 -8.41 25.20 -13.40
CA PRO B 230 -7.32 24.80 -12.51
C PRO B 230 -6.70 25.98 -11.79
N TRP B 231 -6.16 25.70 -10.62
CA TRP B 231 -5.48 26.69 -9.82
C TRP B 231 -4.01 26.65 -10.19
N THR B 232 -3.77 27.05 -11.44
CA THR B 232 -2.49 26.90 -12.08
C THR B 232 -1.39 27.79 -11.45
N PHE B 233 -0.20 27.24 -11.40
CA PHE B 233 1.00 27.95 -10.95
C PHE B 233 1.76 28.53 -12.13
N GLY B 234 2.51 29.61 -11.90
CA GLY B 234 3.49 30.09 -12.88
C GLY B 234 4.68 29.14 -12.95
N GLN B 235 5.56 29.32 -13.94
CA GLN B 235 6.68 28.35 -14.14
C GLN B 235 7.82 28.60 -13.18
N GLY B 236 7.77 29.71 -12.46
CA GLY B 236 8.79 30.02 -11.46
C GLY B 236 9.84 31.01 -11.94
N THR B 237 10.36 31.79 -10.99
CA THR B 237 11.41 32.76 -11.25
C THR B 237 12.52 32.61 -10.22
N LYS B 238 13.67 32.15 -10.68
CA LYS B 238 14.82 32.00 -9.83
C LYS B 238 15.42 33.39 -9.59
N LEU B 239 15.41 33.82 -8.35
CA LEU B 239 16.01 35.11 -7.96
C LEU B 239 17.35 34.87 -7.32
N GLU B 240 18.35 35.59 -7.81
CA GLU B 240 19.72 35.41 -7.37
C GLU B 240 20.36 36.73 -7.03
N ILE B 241 21.55 36.66 -6.46
CA ILE B 241 22.34 37.84 -6.14
C ILE B 241 23.30 38.16 -7.30
N LYS B 242 23.43 39.45 -7.63
CA LYS B 242 24.38 39.92 -8.63
C LYS B 242 25.68 40.06 -7.88
N ARG B 243 26.74 39.56 -8.50
CA ARG B 243 28.05 39.56 -7.86
C ARG B 243 29.04 40.50 -8.59
N TYR C 8 15.27 -21.68 -61.86
CA TYR C 8 15.45 -20.25 -61.46
C TYR C 8 16.88 -19.77 -61.70
N THR C 9 17.11 -18.48 -61.48
CA THR C 9 18.43 -17.87 -61.66
C THR C 9 18.88 -17.02 -60.49
N MET C 10 20.18 -16.75 -60.41
CA MET C 10 20.74 -15.89 -59.34
C MET C 10 20.10 -14.51 -59.38
N CYS C 11 19.93 -13.88 -58.21
CA CYS C 11 19.27 -12.57 -58.13
C CYS C 11 20.30 -11.43 -58.33
N SER C 12 19.93 -10.51 -59.22
CA SER C 12 20.78 -9.38 -59.66
C SER C 12 20.95 -8.27 -58.63
N GLY C 13 19.84 -7.91 -58.00
CA GLY C 13 19.77 -6.73 -57.15
C GLY C 13 20.23 -6.88 -55.71
N LYS C 14 19.93 -5.85 -54.93
CA LYS C 14 20.37 -5.74 -53.52
C LYS C 14 19.39 -6.42 -52.59
N PHE C 15 19.86 -6.70 -51.39
CA PHE C 15 19.04 -7.26 -50.31
C PHE C 15 19.15 -6.41 -49.05
N SER C 16 18.20 -6.61 -48.15
CA SER C 16 18.17 -5.92 -46.86
C SER C 16 17.75 -6.87 -45.75
N ILE C 17 18.29 -6.66 -44.55
CA ILE C 17 17.98 -7.50 -43.40
C ILE C 17 16.76 -6.96 -42.68
N ASP C 18 15.79 -7.85 -42.44
CA ASP C 18 14.50 -7.44 -41.87
C ASP C 18 14.39 -7.61 -40.37
N LYS C 19 15.26 -8.43 -39.81
CA LYS C 19 15.25 -8.73 -38.39
C LYS C 19 16.62 -9.13 -37.87
N GLU C 20 16.82 -8.84 -36.59
CA GLU C 20 18.06 -9.11 -35.91
C GLU C 20 18.29 -10.60 -35.95
N MET C 21 19.46 -11.00 -36.44
CA MET C 21 19.79 -12.42 -36.57
C MET C 21 19.71 -13.16 -35.25
N ALA C 22 19.01 -14.28 -35.28
CA ALA C 22 18.76 -15.10 -34.09
C ALA C 22 19.54 -16.42 -34.15
N GLU C 23 20.02 -16.86 -33.00
CA GLU C 23 20.63 -18.16 -32.87
C GLU C 23 19.49 -19.18 -32.68
N THR C 24 19.48 -20.23 -33.50
CA THR C 24 18.43 -21.26 -33.46
C THR C 24 18.74 -22.36 -32.45
N GLN C 25 20.05 -22.48 -32.12
CA GLN C 25 20.75 -23.42 -31.16
C GLN C 25 20.50 -24.97 -31.29
N HIS C 26 20.51 -25.34 -32.56
CA HIS C 26 20.74 -26.67 -33.03
C HIS C 26 22.16 -26.56 -33.60
N GLY C 27 22.73 -25.38 -33.41
CA GLY C 27 24.05 -25.00 -33.93
C GLY C 27 23.98 -23.99 -35.08
N THR C 28 22.77 -23.57 -35.44
CA THR C 28 22.53 -22.72 -36.62
C THR C 28 22.10 -21.30 -36.27
N THR C 29 22.08 -20.44 -37.29
CA THR C 29 21.68 -19.04 -37.19
C THR C 29 20.82 -18.68 -38.39
N VAL C 30 19.70 -18.00 -38.14
CA VAL C 30 18.74 -17.65 -39.21
C VAL C 30 18.77 -16.14 -39.57
N VAL C 31 18.85 -15.90 -40.87
CA VAL C 31 18.89 -14.56 -41.42
C VAL C 31 17.64 -14.35 -42.25
N LYS C 32 16.90 -13.31 -41.89
CA LYS C 32 15.66 -12.99 -42.55
C LYS C 32 15.86 -11.79 -43.47
N VAL C 33 15.89 -12.01 -44.78
CA VAL C 33 16.21 -10.94 -45.75
C VAL C 33 15.14 -10.65 -46.79
N LYS C 34 15.09 -9.39 -47.22
CA LYS C 34 14.12 -8.90 -48.22
C LYS C 34 14.82 -8.52 -49.52
N TYR C 35 14.23 -8.89 -50.65
CA TYR C 35 14.79 -8.54 -51.95
C TYR C 35 14.30 -7.18 -52.41
N GLU C 36 15.25 -6.30 -52.71
CA GLU C 36 14.99 -4.88 -53.06
C GLU C 36 15.04 -4.59 -54.56
N GLY C 37 15.79 -5.39 -55.32
CA GLY C 37 15.86 -5.25 -56.79
C GLY C 37 14.75 -5.98 -57.55
N ALA C 38 15.01 -6.30 -58.82
CA ALA C 38 14.00 -6.95 -59.69
C ALA C 38 14.47 -8.32 -60.22
N GLY C 39 13.52 -9.09 -60.77
CA GLY C 39 13.81 -10.41 -61.34
C GLY C 39 13.38 -11.57 -60.45
N ALA C 40 12.32 -11.35 -59.69
CA ALA C 40 11.77 -12.37 -58.81
C ALA C 40 10.71 -13.16 -59.59
N PRO C 41 10.53 -14.45 -59.26
CA PRO C 41 11.30 -15.17 -58.26
C PRO C 41 12.73 -15.40 -58.73
N CYS C 42 13.64 -15.63 -57.79
CA CYS C 42 15.06 -15.84 -58.08
C CYS C 42 15.85 -16.41 -56.86
N LYS C 43 17.09 -16.83 -57.13
CA LYS C 43 17.98 -17.41 -56.10
C LYS C 43 18.73 -16.30 -55.38
N VAL C 44 18.90 -16.47 -54.08
CA VAL C 44 19.59 -15.49 -53.22
C VAL C 44 21.08 -15.80 -53.18
N PRO C 45 21.91 -14.89 -53.69
CA PRO C 45 23.35 -15.12 -53.69
C PRO C 45 23.94 -14.93 -52.31
N ILE C 46 24.09 -16.02 -51.58
CA ILE C 46 24.61 -15.97 -50.21
C ILE C 46 25.84 -16.88 -49.99
N GLU C 47 26.83 -16.35 -49.27
CA GLU C 47 28.03 -17.12 -48.89
C GLU C 47 28.64 -16.59 -47.59
N ILE C 48 29.24 -17.48 -46.79
CA ILE C 48 29.88 -17.11 -45.51
C ILE C 48 31.38 -16.98 -45.75
N ARG C 49 31.98 -16.03 -45.04
CA ARG C 49 33.40 -15.76 -45.17
C ARG C 49 34.14 -15.82 -43.84
N ASP C 50 35.44 -16.08 -43.93
CA ASP C 50 36.30 -16.27 -42.74
C ASP C 50 36.68 -14.94 -42.07
N VAL C 51 37.40 -15.08 -40.95
CA VAL C 51 37.95 -13.93 -40.21
C VAL C 51 38.84 -13.06 -41.12
N ASN C 52 39.51 -13.69 -42.10
CA ASN C 52 40.34 -13.00 -43.10
C ASN C 52 39.55 -12.32 -44.23
N LYS C 53 38.24 -12.52 -44.23
CA LYS C 53 37.30 -11.84 -45.15
C LYS C 53 37.58 -12.09 -46.64
N GLU C 54 38.12 -13.27 -46.96
CA GLU C 54 38.32 -13.61 -48.38
C GLU C 54 37.95 -15.06 -48.78
N LYS C 55 38.26 -16.05 -47.94
CA LYS C 55 37.93 -17.46 -48.29
C LYS C 55 36.57 -17.95 -47.74
N VAL C 56 35.89 -18.74 -48.56
CA VAL C 56 34.48 -19.06 -48.38
C VAL C 56 34.28 -20.32 -47.52
N VAL C 57 34.17 -20.13 -46.20
CA VAL C 57 34.03 -21.24 -45.23
C VAL C 57 32.57 -21.62 -44.91
N GLY C 58 32.39 -22.44 -43.87
CA GLY C 58 31.07 -22.76 -43.33
C GLY C 58 30.15 -23.45 -44.33
N ARG C 59 28.86 -23.36 -44.07
CA ARG C 59 27.89 -23.97 -44.95
C ARG C 59 26.53 -23.37 -44.76
N ILE C 60 25.79 -23.25 -45.87
CA ILE C 60 24.40 -22.74 -45.87
C ILE C 60 23.35 -23.88 -45.83
N ILE C 61 22.63 -23.97 -44.72
CA ILE C 61 21.69 -25.08 -44.44
C ILE C 61 20.54 -25.02 -45.43
N SER C 62 19.81 -23.91 -45.42
CA SER C 62 18.64 -23.78 -46.29
C SER C 62 19.04 -24.07 -47.72
N SER C 63 18.46 -25.16 -48.25
CA SER C 63 18.74 -25.59 -49.61
C SER C 63 18.14 -24.61 -50.63
N THR C 64 19.03 -23.99 -51.39
CA THR C 64 18.69 -23.07 -52.48
C THR C 64 17.64 -21.98 -52.18
N PRO C 65 17.97 -21.04 -51.26
CA PRO C 65 17.05 -19.97 -50.88
C PRO C 65 16.51 -19.18 -52.04
N LEU C 66 15.23 -18.87 -51.94
CA LEU C 66 14.49 -18.25 -53.02
C LEU C 66 13.78 -16.97 -52.61
N ALA C 67 14.00 -15.92 -53.40
CA ALA C 67 13.31 -14.66 -53.20
C ALA C 67 12.11 -14.62 -54.12
N GLU C 68 10.94 -14.97 -53.58
CA GLU C 68 9.69 -15.06 -54.36
C GLU C 68 9.17 -13.72 -54.93
N ASN C 69 9.42 -12.64 -54.20
CA ASN C 69 8.97 -11.30 -54.57
C ASN C 69 9.70 -10.22 -53.76
N THR C 70 9.44 -8.96 -54.12
CA THR C 70 10.08 -7.81 -53.46
C THR C 70 9.52 -7.44 -52.09
N ASN C 71 8.40 -8.06 -51.70
CA ASN C 71 7.75 -7.77 -50.39
C ASN C 71 8.03 -8.82 -49.32
N SER C 72 8.20 -10.06 -49.75
CA SER C 72 8.35 -11.18 -48.82
C SER C 72 9.77 -11.39 -48.33
N VAL C 73 9.85 -11.93 -47.13
CA VAL C 73 11.10 -12.18 -46.42
C VAL C 73 11.55 -13.63 -46.63
N THR C 74 12.79 -13.81 -47.04
CA THR C 74 13.38 -15.12 -47.23
C THR C 74 14.16 -15.51 -45.98
N ASN C 75 13.80 -16.66 -45.41
N ASN C 75 13.82 -16.67 -45.44
CA ASN C 75 14.44 -17.15 -44.19
CA ASN C 75 14.42 -17.18 -44.23
C ASN C 75 15.58 -18.11 -44.53
C ASN C 75 15.58 -18.10 -44.55
N ILE C 76 16.80 -17.73 -44.18
CA ILE C 76 18.00 -18.53 -44.51
C ILE C 76 18.72 -19.01 -43.26
N GLU C 77 18.69 -20.33 -43.05
CA GLU C 77 19.39 -20.95 -41.93
C GLU C 77 20.84 -21.13 -42.39
N LEU C 78 21.79 -21.01 -41.46
CA LEU C 78 23.21 -21.27 -41.78
C LEU C 78 24.04 -21.69 -40.59
N GLU C 79 25.16 -22.34 -40.90
CA GLU C 79 26.14 -22.82 -39.89
C GLU C 79 27.42 -21.99 -39.94
N PRO C 80 27.52 -21.00 -39.04
CA PRO C 80 28.69 -20.13 -39.03
C PRO C 80 29.79 -20.74 -38.16
N PRO C 81 31.07 -20.46 -38.51
CA PRO C 81 32.17 -20.91 -37.65
C PRO C 81 32.23 -20.09 -36.36
N PHE C 82 32.74 -20.70 -35.28
CA PHE C 82 32.84 -20.02 -33.97
C PHE C 82 33.66 -18.73 -34.11
N GLY C 83 33.22 -17.71 -33.39
CA GLY C 83 33.83 -16.39 -33.47
C GLY C 83 33.41 -15.60 -34.71
N ASP C 84 34.34 -14.81 -35.22
CA ASP C 84 34.05 -13.86 -36.31
C ASP C 84 33.86 -14.54 -37.66
N SER C 85 32.81 -14.12 -38.35
CA SER C 85 32.42 -14.60 -39.68
C SER C 85 31.71 -13.47 -40.43
N TYR C 86 31.79 -13.46 -41.76
CA TYR C 86 31.17 -12.40 -42.58
C TYR C 86 30.19 -13.00 -43.56
N ILE C 87 28.90 -12.72 -43.35
CA ILE C 87 27.83 -13.24 -44.22
C ILE C 87 27.53 -12.24 -45.33
N VAL C 88 27.64 -12.69 -46.57
CA VAL C 88 27.48 -11.82 -47.74
C VAL C 88 26.28 -12.21 -48.58
N ILE C 89 25.33 -11.29 -48.68
CA ILE C 89 24.08 -11.49 -49.43
C ILE C 89 24.00 -10.55 -50.63
N GLY C 90 23.84 -11.13 -51.81
CA GLY C 90 23.76 -10.37 -53.07
C GLY C 90 25.09 -10.29 -53.79
N VAL C 91 25.13 -9.52 -54.86
CA VAL C 91 26.35 -9.35 -55.66
C VAL C 91 26.84 -7.91 -55.62
N GLY C 92 28.13 -7.75 -55.90
CA GLY C 92 28.73 -6.44 -56.10
C GLY C 92 29.06 -5.67 -54.83
N ASN C 93 28.95 -4.35 -54.93
CA ASN C 93 29.30 -3.42 -53.85
C ASN C 93 28.08 -3.17 -52.93
N SER C 94 26.89 -3.29 -53.53
CA SER C 94 25.59 -3.29 -52.80
C SER C 94 25.27 -4.69 -52.29
N ALA C 95 26.27 -5.58 -52.31
CA ALA C 95 26.20 -6.81 -51.54
C ALA C 95 26.25 -6.39 -50.09
N LEU C 96 25.23 -6.85 -49.37
CA LEU C 96 25.10 -6.61 -47.94
C LEU C 96 26.09 -7.50 -47.23
N THR C 97 26.89 -6.95 -46.32
CA THR C 97 27.86 -7.76 -45.59
C THR C 97 27.67 -7.66 -44.10
N LEU C 98 27.39 -8.80 -43.48
CA LEU C 98 27.12 -8.86 -42.06
C LEU C 98 28.25 -9.52 -41.28
N HIS C 99 28.97 -8.72 -40.52
CA HIS C 99 29.94 -9.22 -39.56
C HIS C 99 29.17 -9.88 -38.41
N TRP C 100 29.28 -11.20 -38.31
CA TRP C 100 28.61 -11.93 -37.26
C TRP C 100 29.64 -12.54 -36.31
N PHE C 101 29.26 -12.72 -35.06
CA PHE C 101 30.11 -13.38 -34.05
C PHE C 101 29.36 -14.52 -33.38
N ARG C 102 29.92 -15.72 -33.46
CA ARG C 102 29.36 -16.91 -32.82
C ARG C 102 30.07 -17.20 -31.49
N LYS C 103 29.28 -17.32 -30.42
CA LYS C 103 29.79 -17.60 -29.07
C LYS C 103 29.89 -19.11 -28.85
N GLN D 2 17.62 15.76 6.11
CA GLN D 2 16.35 15.44 5.33
C GLN D 2 15.18 14.90 6.20
N VAL D 3 14.00 15.48 6.00
CA VAL D 3 12.80 15.09 6.74
C VAL D 3 12.17 13.83 6.11
N GLN D 4 12.50 12.68 6.67
CA GLN D 4 11.92 11.36 6.30
C GLN D 4 11.29 10.64 7.51
N LEU D 5 11.14 11.39 8.58
CA LEU D 5 10.45 10.92 9.76
C LEU D 5 9.13 11.68 9.87
N VAL D 6 8.07 10.94 10.12
CA VAL D 6 6.74 11.54 10.23
C VAL D 6 6.26 11.65 11.67
N GLN D 7 6.17 12.89 12.14
CA GLN D 7 5.74 13.16 13.51
C GLN D 7 4.25 13.48 13.63
N SER D 8 3.75 13.40 14.85
CA SER D 8 2.35 13.68 15.12
C SER D 8 2.07 15.17 14.98
N GLY D 9 0.79 15.48 14.97
CA GLY D 9 0.30 16.85 14.84
C GLY D 9 0.60 17.71 16.05
N ALA D 10 0.69 19.01 15.80
CA ALA D 10 1.03 19.99 16.83
C ALA D 10 -0.07 20.06 17.89
N GLU D 11 0.32 19.98 19.16
CA GLU D 11 -0.63 19.94 20.28
C GLU D 11 -0.58 21.19 21.14
N VAL D 12 -1.73 21.55 21.67
CA VAL D 12 -1.82 22.63 22.67
C VAL D 12 -2.26 22.00 23.99
N LYS D 13 -1.51 22.28 25.06
CA LYS D 13 -1.75 21.66 26.37
C LYS D 13 -1.75 22.68 27.51
N LYS D 14 -2.44 22.33 28.58
CA LYS D 14 -2.49 23.14 29.82
C LYS D 14 -1.29 22.80 30.74
N PRO D 15 -0.85 23.75 31.60
CA PRO D 15 0.26 23.42 32.48
C PRO D 15 -0.09 22.28 33.43
N GLY D 16 0.90 21.43 33.68
CA GLY D 16 0.71 20.21 34.48
C GLY D 16 0.27 18.99 33.71
N ALA D 17 -0.17 19.17 32.47
CA ALA D 17 -0.61 18.05 31.63
C ALA D 17 0.58 17.24 31.11
N SER D 18 0.29 16.18 30.37
CA SER D 18 1.32 15.38 29.74
C SER D 18 1.08 15.42 28.25
N VAL D 19 2.15 15.35 27.47
CA VAL D 19 2.03 15.30 26.02
C VAL D 19 2.80 14.12 25.45
N LYS D 20 2.23 13.51 24.42
CA LYS D 20 2.86 12.38 23.76
C LYS D 20 2.92 12.64 22.28
N VAL D 21 4.15 12.69 21.78
CA VAL D 21 4.43 12.94 20.39
C VAL D 21 4.88 11.65 19.73
N SER D 22 4.32 11.36 18.57
CA SER D 22 4.66 10.16 17.82
C SER D 22 5.68 10.47 16.75
N CYS D 23 6.39 9.46 16.31
CA CYS D 23 7.35 9.60 15.23
C CYS D 23 7.53 8.33 14.38
N LYS D 24 6.92 8.33 13.20
CA LYS D 24 6.89 7.16 12.33
C LYS D 24 8.02 7.15 11.27
N ALA D 25 8.82 6.09 11.32
CA ALA D 25 9.98 5.91 10.45
C ALA D 25 9.75 4.98 9.27
N GLY D 26 10.35 5.32 8.13
CA GLY D 26 10.30 4.49 6.91
C GLY D 26 11.38 3.43 6.80
N PHE D 27 12.06 3.15 7.91
CA PHE D 27 13.14 2.14 7.98
C PHE D 27 13.01 1.39 9.30
N ASN D 28 13.77 0.32 9.44
CA ASN D 28 13.69 -0.47 10.63
C ASN D 28 14.36 0.17 11.85
N ILE D 29 13.55 0.64 12.80
CA ILE D 29 14.09 1.38 13.95
C ILE D 29 14.89 0.51 14.93
N LYS D 30 14.77 -0.81 14.82
CA LYS D 30 15.51 -1.72 15.71
C LYS D 30 17.02 -1.49 15.71
N ASP D 31 17.58 -1.20 14.54
CA ASP D 31 19.03 -1.11 14.34
C ASP D 31 19.56 0.31 14.28
N VAL D 32 18.97 1.18 15.10
CA VAL D 32 19.17 2.62 14.98
C VAL D 32 19.15 3.29 16.35
N TYR D 33 19.71 4.49 16.42
CA TYR D 33 19.60 5.33 17.62
C TYR D 33 18.62 6.51 17.42
N MET D 34 17.41 6.34 17.94
CA MET D 34 16.34 7.36 17.81
C MET D 34 16.39 8.39 18.91
N SER D 35 16.60 9.63 18.52
CA SER D 35 16.76 10.75 19.44
C SER D 35 15.63 11.75 19.32
N TRP D 36 15.48 12.55 20.36
CA TRP D 36 14.49 13.65 20.39
C TRP D 36 15.20 14.94 20.75
N VAL D 37 14.88 16.00 20.03
CA VAL D 37 15.52 17.29 20.18
C VAL D 37 14.46 18.38 20.27
N ARG D 38 14.57 19.24 21.27
CA ARG D 38 13.57 20.27 21.52
C ARG D 38 14.18 21.60 21.16
N GLN D 39 13.34 22.52 20.70
CA GLN D 39 13.84 23.85 20.39
C GLN D 39 12.83 24.94 20.77
N ALA D 40 13.13 25.66 21.84
CA ALA D 40 12.29 26.76 22.33
C ALA D 40 12.31 27.93 21.35
N PRO D 41 11.22 28.74 21.29
CA PRO D 41 11.19 29.84 20.33
C PRO D 41 12.43 30.71 20.44
N GLU D 42 13.11 30.90 19.30
CA GLU D 42 14.33 31.72 19.17
C GLU D 42 15.55 31.29 20.02
N GLN D 43 15.45 30.20 20.79
CA GLN D 43 16.60 29.62 21.51
C GLN D 43 17.22 28.55 20.61
N GLY D 44 18.30 27.94 21.07
CA GLY D 44 19.02 26.94 20.27
C GLY D 44 18.42 25.55 20.39
N LEU D 45 19.17 24.59 19.84
CA LEU D 45 18.78 23.18 19.84
C LEU D 45 19.20 22.56 21.15
N GLU D 46 18.32 21.75 21.73
CA GLU D 46 18.62 21.05 22.98
C GLU D 46 18.29 19.57 22.78
N TRP D 47 19.32 18.73 22.87
CA TRP D 47 19.10 17.29 22.81
C TRP D 47 18.39 16.82 24.07
N MET D 48 17.36 16.00 23.91
CA MET D 48 16.56 15.50 25.05
C MET D 48 16.99 14.12 25.50
N GLY D 49 17.20 13.23 24.55
CA GLY D 49 17.62 11.89 24.87
C GLY D 49 17.63 11.00 23.65
N ARG D 50 17.98 9.73 23.87
CA ARG D 50 18.01 8.73 22.78
C ARG D 50 17.57 7.35 23.29
N ILE D 51 16.89 6.60 22.43
CA ILE D 51 16.43 5.25 22.76
C ILE D 51 17.01 4.26 21.76
N ASP D 52 17.41 3.11 22.27
CA ASP D 52 17.81 2.01 21.42
C ASP D 52 16.59 1.11 21.38
N PRO D 53 15.84 1.12 20.27
CA PRO D 53 14.61 0.32 20.26
C PRO D 53 14.80 -1.20 20.38
N GLU D 54 15.98 -1.71 20.04
CA GLU D 54 16.25 -3.14 20.15
C GLU D 54 16.09 -3.62 21.58
N ASN D 55 16.72 -2.91 22.51
CA ASN D 55 16.64 -3.28 23.94
C ASN D 55 15.83 -2.31 24.82
N GLY D 56 15.28 -1.27 24.22
CA GLY D 56 14.53 -0.24 24.95
C GLY D 56 15.36 0.63 25.90
N ASP D 57 16.68 0.63 25.71
CA ASP D 57 17.59 1.39 26.57
C ASP D 57 17.37 2.87 26.34
N THR D 58 17.05 3.57 27.40
CA THR D 58 16.83 5.01 27.31
C THR D 58 17.84 5.77 28.14
N LYS D 59 18.46 6.75 27.48
CA LYS D 59 19.37 7.72 28.10
C LYS D 59 18.81 9.11 27.86
N TYR D 60 18.69 9.90 28.91
CA TYR D 60 18.06 11.22 28.81
C TYR D 60 19.01 12.34 29.24
N ASP D 61 18.59 13.55 28.98
CA ASP D 61 19.33 14.74 29.40
C ASP D 61 18.98 15.03 30.86
N PRO D 62 19.99 15.40 31.67
CA PRO D 62 19.74 15.66 33.09
C PRO D 62 18.77 16.83 33.36
N LYS D 63 18.79 17.81 32.47
CA LYS D 63 17.84 18.91 32.52
C LYS D 63 16.38 18.46 32.59
N LEU D 64 16.03 17.48 31.78
CA LEU D 64 14.67 16.96 31.74
C LEU D 64 14.60 15.98 32.83
N GLN D 65 14.37 16.48 34.06
CA GLN D 65 14.56 15.76 35.30
C GLN D 65 13.47 14.70 35.50
N GLY D 66 13.68 13.56 34.88
CA GLY D 66 12.70 12.46 34.97
C GLY D 66 11.40 12.65 34.21
N ARG D 67 11.20 13.84 33.64
CA ARG D 67 9.89 14.26 33.08
C ARG D 67 9.61 13.64 31.73
N VAL D 68 10.64 13.05 31.14
CA VAL D 68 10.52 12.44 29.81
C VAL D 68 10.51 10.94 29.84
N THR D 69 9.71 10.39 28.94
CA THR D 69 9.58 8.97 28.80
C THR D 69 9.60 8.64 27.30
N MET D 70 10.70 8.05 26.87
CA MET D 70 10.88 7.71 25.47
C MET D 70 10.66 6.23 25.26
N THR D 71 9.82 5.92 24.29
CA THR D 71 9.48 4.55 23.94
C THR D 71 9.62 4.32 22.43
N ALA D 72 9.49 3.06 22.04
CA ALA D 72 9.56 2.64 20.64
C ALA D 72 8.82 1.33 20.39
N ASP D 73 8.08 1.29 19.29
CA ASP D 73 7.42 0.07 18.83
C ASP D 73 8.13 -0.41 17.57
N THR D 74 8.95 -1.44 17.67
CA THR D 74 9.71 -1.96 16.50
C THR D 74 8.82 -2.59 15.42
N SER D 75 7.63 -3.03 15.83
CA SER D 75 6.67 -3.60 14.88
C SER D 75 6.13 -2.52 13.94
N THR D 76 5.70 -1.39 14.51
CA THR D 76 5.18 -0.27 13.70
C THR D 76 6.25 0.76 13.31
N ASN D 77 7.52 0.48 13.62
CA ASN D 77 8.63 1.40 13.38
C ASN D 77 8.31 2.85 13.76
N THR D 78 7.71 3.00 14.93
CA THR D 78 7.29 4.30 15.45
C THR D 78 7.99 4.50 16.78
N ALA D 79 8.52 5.68 16.99
CA ALA D 79 9.10 6.05 18.27
C ALA D 79 8.22 7.11 18.94
N TYR D 80 8.17 7.08 20.25
CA TYR D 80 7.34 8.00 20.97
C TYR D 80 8.16 8.75 22.00
N MET D 81 7.56 9.84 22.46
CA MET D 81 8.13 10.72 23.47
C MET D 81 7.00 11.24 24.32
N GLU D 82 7.09 11.00 25.62
CA GLU D 82 6.09 11.49 26.54
C GLU D 82 6.75 12.45 27.53
N LEU D 83 6.19 13.66 27.62
CA LEU D 83 6.71 14.70 28.51
C LEU D 83 5.62 15.09 29.49
N ARG D 84 5.88 14.89 30.77
CA ARG D 84 4.86 15.04 31.80
C ARG D 84 5.01 16.31 32.62
N SER D 85 3.93 16.68 33.31
CA SER D 85 3.93 17.80 34.24
C SER D 85 4.51 19.07 33.61
N LEU D 86 3.88 19.46 32.49
CA LEU D 86 4.33 20.54 31.57
C LEU D 86 4.33 21.93 32.21
N ARG D 87 5.32 22.74 31.86
CA ARG D 87 5.40 24.14 32.30
C ARG D 87 5.31 25.04 31.05
N SER D 88 5.03 26.34 31.26
CA SER D 88 4.88 27.35 30.17
C SER D 88 6.14 27.38 29.32
N ASP D 89 7.26 27.29 30.00
CA ASP D 89 8.53 27.25 29.31
C ASP D 89 8.81 26.03 28.40
N ASP D 90 8.19 24.87 28.62
CA ASP D 90 8.35 23.71 27.69
C ASP D 90 7.73 23.96 26.31
N THR D 91 7.12 25.12 26.15
CA THR D 91 6.59 25.50 24.86
C THR D 91 7.78 25.57 23.91
N ALA D 92 7.79 24.65 22.97
CA ALA D 92 8.89 24.50 22.03
C ALA D 92 8.44 23.70 20.82
N VAL D 93 9.34 23.57 19.86
CA VAL D 93 9.16 22.65 18.73
C VAL D 93 9.93 21.39 19.06
N TYR D 94 9.27 20.25 18.89
CA TYR D 94 9.83 18.97 19.29
C TYR D 94 10.15 18.13 18.08
N TYR D 95 11.44 17.97 17.83
CA TYR D 95 11.94 17.25 16.69
C TYR D 95 12.28 15.82 17.08
N CYS D 96 12.03 14.94 16.14
CA CYS D 96 12.30 13.54 16.26
C CYS D 96 13.42 13.28 15.29
N ALA D 97 14.49 12.63 15.71
CA ALA D 97 15.61 12.40 14.78
C ALA D 97 16.23 11.00 14.88
N ARG D 98 16.97 10.62 13.85
CA ARG D 98 17.65 9.32 13.78
C ARG D 98 19.12 9.49 13.47
N GLY D 99 19.94 8.64 14.08
CA GLY D 99 21.35 8.52 13.75
C GLY D 99 22.27 8.63 14.93
N TRP D 100 23.52 8.20 14.69
CA TRP D 100 24.61 8.31 15.67
C TRP D 100 25.66 9.29 15.20
N GLU D 101 26.27 9.02 14.05
CA GLU D 101 27.25 9.97 13.46
C GLU D 101 26.51 11.14 12.82
N GLY D 102 26.00 12.01 13.68
CA GLY D 102 25.10 13.07 13.29
C GLY D 102 23.69 12.57 13.06
N PHE D 103 22.73 13.49 13.17
CA PHE D 103 21.34 13.16 12.88
C PHE D 103 21.00 13.44 11.42
N ALA D 104 21.22 12.44 10.57
CA ALA D 104 20.94 12.56 9.13
C ALA D 104 19.45 12.68 8.83
N TYR D 105 18.64 12.03 9.66
CA TYR D 105 17.21 12.00 9.44
C TYR D 105 16.48 12.75 10.56
N TRP D 106 15.54 13.62 10.18
CA TRP D 106 14.77 14.44 11.11
C TRP D 106 13.31 14.37 10.77
N GLY D 107 12.49 14.77 11.73
CA GLY D 107 11.06 14.92 11.51
C GLY D 107 10.73 16.36 11.20
N GLN D 108 9.49 16.58 10.79
CA GLN D 108 9.00 17.92 10.44
C GLN D 108 8.88 18.83 11.67
N GLY D 109 8.76 18.22 12.83
CA GLY D 109 8.60 18.95 14.07
C GLY D 109 7.18 18.95 14.58
N THR D 110 7.04 19.00 15.89
CA THR D 110 5.75 19.04 16.52
C THR D 110 5.78 20.23 17.49
N LEU D 111 4.99 21.26 17.21
CA LEU D 111 4.91 22.41 18.13
C LEU D 111 3.98 22.12 19.31
N VAL D 112 4.58 22.00 20.48
CA VAL D 112 3.82 21.83 21.72
C VAL D 112 3.72 23.19 22.39
N THR D 113 2.50 23.65 22.63
CA THR D 113 2.23 24.98 23.21
C THR D 113 1.54 24.84 24.58
N VAL D 114 2.28 25.19 25.64
CA VAL D 114 1.79 25.08 27.03
C VAL D 114 1.35 26.43 27.58
N SER D 115 0.04 26.61 27.78
CA SER D 115 -0.52 27.92 28.24
C SER D 115 -1.72 27.69 29.16
N SER D 116 -1.98 28.67 30.03
CA SER D 116 -3.13 28.65 30.98
C SER D 116 -4.26 29.64 30.65
N SER D 131 27.57 12.44 32.27
CA SER D 131 28.66 13.39 32.33
C SER D 131 28.32 14.67 31.54
N ASP D 132 28.16 15.79 32.26
CA ASP D 132 27.94 17.13 31.62
C ASP D 132 29.22 17.62 30.87
N ILE D 133 29.01 17.85 29.58
CA ILE D 133 30.00 18.43 28.67
C ILE D 133 29.55 19.84 28.40
N VAL D 134 30.52 20.72 28.21
CA VAL D 134 30.24 22.09 27.78
C VAL D 134 30.75 22.24 26.35
N MET D 135 29.82 22.56 25.45
CA MET D 135 30.13 22.75 24.04
C MET D 135 30.11 24.22 23.74
N THR D 136 31.24 24.73 23.26
CA THR D 136 31.38 26.18 23.09
C THR D 136 31.69 26.59 21.66
N GLN D 137 30.68 27.18 21.07
CA GLN D 137 30.67 27.61 19.70
C GLN D 137 31.10 29.06 19.66
N SER D 138 31.94 29.41 18.70
CA SER D 138 32.41 30.80 18.56
C SER D 138 32.49 31.19 17.10
N PRO D 139 32.02 32.39 16.75
CA PRO D 139 31.31 33.33 17.62
C PRO D 139 29.82 32.98 17.77
N ALA D 140 29.07 33.88 18.39
CA ALA D 140 27.63 33.72 18.55
C ALA D 140 26.96 34.06 17.25
N SER D 141 27.58 35.00 16.52
CA SER D 141 27.09 35.41 15.21
C SER D 141 28.19 36.12 14.47
N LEU D 142 28.10 36.10 13.15
CA LEU D 142 29.12 36.74 12.32
C LEU D 142 28.57 37.02 10.95
N ALA D 143 29.08 38.09 10.35
CA ALA D 143 28.72 38.47 8.98
C ALA D 143 29.97 38.41 8.15
N VAL D 144 29.85 37.85 6.95
CA VAL D 144 30.91 37.94 5.97
C VAL D 144 30.30 38.22 4.60
N SER D 145 31.10 38.74 3.69
CA SER D 145 30.65 39.12 2.34
C SER D 145 30.53 37.92 1.42
N LEU D 146 29.67 38.05 0.40
CA LEU D 146 29.44 36.98 -0.57
C LEU D 146 30.74 36.52 -1.16
N GLY D 147 30.82 35.24 -1.46
CA GLY D 147 32.03 34.69 -2.06
C GLY D 147 33.23 34.57 -1.13
N GLN D 148 33.18 35.23 0.03
CA GLN D 148 34.30 35.17 0.97
C GLN D 148 34.26 33.96 1.89
N ARG D 149 35.42 33.63 2.42
CA ARG D 149 35.61 32.49 3.30
C ARG D 149 35.10 32.81 4.72
N ALA D 150 34.31 31.89 5.29
CA ALA D 150 33.74 32.01 6.65
C ALA D 150 34.12 30.81 7.53
N THR D 151 34.38 31.07 8.81
CA THR D 151 34.81 30.01 9.73
C THR D 151 34.14 30.11 11.09
N ILE D 152 33.56 29.00 11.50
CA ILE D 152 32.92 28.83 12.81
C ILE D 152 33.67 27.72 13.54
N SER D 153 33.92 27.94 14.83
CA SER D 153 34.61 26.95 15.67
C SER D 153 33.72 26.34 16.75
N CYS D 154 34.11 25.16 17.22
CA CYS D 154 33.46 24.48 18.34
C CYS D 154 34.50 23.88 19.25
N ARG D 155 34.39 24.15 20.55
CA ARG D 155 35.34 23.62 21.53
C ARG D 155 34.58 22.84 22.59
N ALA D 156 34.95 21.57 22.72
CA ALA D 156 34.32 20.68 23.67
C ALA D 156 35.12 20.64 24.96
N SER D 157 34.42 20.50 26.08
CA SER D 157 35.08 20.44 27.39
C SER D 157 35.81 19.10 27.60
N GLU D 158 35.31 18.04 26.97
CA GLU D 158 35.94 16.70 27.04
C GLU D 158 36.31 16.20 25.65
N ASN D 159 36.87 15.00 25.60
CA ASN D 159 37.23 14.34 24.35
C ASN D 159 35.97 13.84 23.66
N VAL D 160 35.95 13.96 22.33
CA VAL D 160 34.78 13.54 21.52
C VAL D 160 35.11 12.45 20.50
N ASP D 161 36.25 11.81 20.69
CA ASP D 161 36.64 10.66 19.87
C ASP D 161 36.10 9.36 20.44
N LYS D 162 35.86 8.42 19.54
CA LYS D 162 35.45 7.06 19.89
C LYS D 162 35.72 6.18 18.67
N TYR D 163 36.26 4.99 18.90
CA TYR D 163 36.67 4.08 17.84
C TYR D 163 37.72 4.71 16.90
N GLY D 164 38.50 5.66 17.41
CA GLY D 164 39.53 6.33 16.60
C GLY D 164 39.07 7.52 15.76
N ASN D 165 37.78 7.85 15.82
CA ASN D 165 37.21 8.94 15.04
C ASN D 165 36.58 9.95 15.97
N SER D 166 36.64 11.22 15.55
CA SER D 166 36.02 12.31 16.30
C SER D 166 34.53 12.38 15.97
N PHE D 167 33.67 12.19 16.98
CA PHE D 167 32.22 12.23 16.80
C PHE D 167 31.69 13.66 16.99
N MET D 168 32.05 14.51 16.04
CA MET D 168 31.68 15.93 16.02
C MET D 168 30.91 16.17 14.72
N HIS D 169 29.77 16.86 14.83
CA HIS D 169 28.90 17.06 13.67
C HIS D 169 28.42 18.48 13.58
N TRP D 170 28.07 18.88 12.37
CA TRP D 170 27.64 20.25 12.11
C TRP D 170 26.28 20.25 11.44
N TYR D 171 25.45 21.19 11.84
CA TYR D 171 24.13 21.32 11.30
C TYR D 171 23.85 22.73 10.81
N GLN D 172 23.05 22.82 9.74
CA GLN D 172 22.56 24.08 9.23
C GLN D 172 21.11 24.15 9.58
N GLN D 173 20.63 25.32 9.99
CA GLN D 173 19.21 25.49 10.24
C GLN D 173 18.69 26.84 9.82
N LYS D 174 17.88 26.84 8.78
CA LYS D 174 17.22 28.07 8.34
C LYS D 174 15.93 28.15 9.15
N PRO D 175 15.40 29.37 9.37
CA PRO D 175 14.31 29.57 10.34
C PRO D 175 13.03 28.82 10.00
N GLY D 176 12.32 28.39 11.04
CA GLY D 176 11.05 27.67 10.90
C GLY D 176 11.17 26.40 10.07
N GLN D 177 12.32 25.75 10.20
CA GLN D 177 12.63 24.55 9.43
C GLN D 177 13.45 23.63 10.29
N PRO D 178 13.31 22.33 10.08
CA PRO D 178 14.20 21.45 10.81
C PRO D 178 15.65 21.60 10.37
N PRO D 179 16.59 21.24 11.24
CA PRO D 179 17.98 21.32 10.88
C PRO D 179 18.36 20.33 9.81
N LYS D 180 19.55 20.53 9.28
CA LYS D 180 20.07 19.74 8.20
C LYS D 180 21.49 19.32 8.59
N LEU D 181 21.75 18.02 8.63
CA LEU D 181 23.10 17.53 8.89
C LEU D 181 23.94 17.91 7.71
N LEU D 182 25.06 18.56 7.96
CA LEU D 182 26.00 18.97 6.90
C LEU D 182 27.28 18.18 6.94
N ILE D 183 27.89 18.12 8.11
CA ILE D 183 29.16 17.41 8.30
C ILE D 183 28.95 16.47 9.46
N TYR D 184 29.45 15.26 9.31
CA TYR D 184 29.48 14.33 10.42
C TYR D 184 30.89 13.79 10.59
N ARG D 185 31.11 13.03 11.66
CA ARG D 185 32.42 12.45 11.96
C ARG D 185 33.54 13.48 11.74
N ALA D 186 33.30 14.69 12.24
CA ALA D 186 34.24 15.85 12.20
C ALA D 186 34.49 16.48 10.82
N SER D 187 34.84 15.63 9.85
CA SER D 187 35.20 16.06 8.50
C SER D 187 34.29 15.55 7.38
N GLU D 188 33.62 14.41 7.59
CA GLU D 188 32.84 13.77 6.52
C GLU D 188 31.61 14.58 6.12
N LEU D 189 31.52 14.81 4.81
CA LEU D 189 30.51 15.66 4.22
C LEU D 189 29.30 14.82 3.82
N GLN D 190 28.12 15.23 4.28
CA GLN D 190 26.87 14.49 4.05
C GLN D 190 26.49 14.58 2.57
N TRP D 191 25.81 13.55 2.08
CA TRP D 191 25.43 13.45 0.65
C TRP D 191 24.59 14.64 0.19
N GLY D 192 25.04 15.28 -0.88
CA GLY D 192 24.34 16.41 -1.47
C GLY D 192 24.86 17.78 -1.01
N VAL D 193 25.60 17.81 0.08
CA VAL D 193 26.07 19.06 0.66
C VAL D 193 27.15 19.62 -0.28
N PRO D 194 27.09 20.93 -0.57
CA PRO D 194 28.07 21.47 -1.50
C PRO D 194 29.52 21.36 -1.06
N ASP D 195 30.36 21.22 -2.07
CA ASP D 195 31.81 21.12 -1.95
C ASP D 195 32.42 22.21 -1.05
N ARG D 196 31.86 23.41 -1.13
CA ARG D 196 32.37 24.59 -0.40
C ARG D 196 32.33 24.45 1.13
N PHE D 197 31.48 23.56 1.63
CA PHE D 197 31.45 23.23 3.04
C PHE D 197 32.55 22.22 3.37
N SER D 198 33.13 22.39 4.57
CA SER D 198 34.24 21.54 5.04
C SER D 198 34.38 21.56 6.57
N GLY D 199 34.82 20.44 7.12
CA GLY D 199 35.00 20.32 8.56
C GLY D 199 36.39 19.82 8.88
N SER D 200 37.06 20.50 9.80
CA SER D 200 38.35 20.04 10.28
C SER D 200 38.33 19.90 11.79
N GLY D 201 39.41 19.36 12.34
CA GLY D 201 39.61 19.32 13.81
C GLY D 201 39.92 17.97 14.43
N SER D 202 40.32 18.01 15.70
CA SER D 202 40.66 16.81 16.47
C SER D 202 40.68 17.08 17.97
N GLY D 203 40.41 16.05 18.75
CA GLY D 203 40.43 16.13 20.21
C GLY D 203 39.32 17.02 20.77
N THR D 204 39.61 18.30 20.94
CA THR D 204 38.62 19.26 21.51
C THR D 204 38.27 20.45 20.62
N ASP D 205 39.14 20.80 19.68
CA ASP D 205 38.90 21.96 18.82
C ASP D 205 38.56 21.56 17.40
N PHE D 206 37.40 22.02 16.94
CA PHE D 206 36.90 21.71 15.59
C PHE D 206 36.39 22.96 14.90
N THR D 207 36.42 22.97 13.57
CA THR D 207 35.97 24.13 12.81
C THR D 207 35.19 23.76 11.55
N LEU D 208 34.12 24.51 11.31
CA LEU D 208 33.36 24.45 10.05
C LEU D 208 33.79 25.62 9.19
N THR D 209 33.89 25.38 7.89
CA THR D 209 34.41 26.39 6.98
C THR D 209 33.65 26.40 5.68
N ILE D 210 33.27 27.60 5.26
CA ILE D 210 32.57 27.81 3.98
C ILE D 210 33.50 28.61 3.07
N SER D 211 34.09 27.94 2.09
CA SER D 211 35.15 28.53 1.26
C SER D 211 34.64 29.77 0.51
N SER D 212 33.44 29.66 -0.04
CA SER D 212 32.84 30.76 -0.77
C SER D 212 31.41 30.93 -0.28
N LEU D 213 31.17 32.01 0.45
CA LEU D 213 29.84 32.26 1.00
C LEU D 213 28.79 32.52 -0.10
N GLN D 214 27.72 31.73 -0.07
CA GLN D 214 26.57 31.91 -0.98
C GLN D 214 25.39 32.37 -0.18
N ALA D 215 24.46 33.07 -0.82
CA ALA D 215 23.28 33.59 -0.11
C ALA D 215 22.44 32.51 0.56
N GLU D 216 22.42 31.32 -0.03
CA GLU D 216 21.71 30.15 0.55
C GLU D 216 22.21 29.78 1.93
N ASP D 217 23.48 30.09 2.19
CA ASP D 217 24.15 29.69 3.42
C ASP D 217 23.77 30.49 4.66
N VAL D 218 23.08 31.61 4.48
CA VAL D 218 22.68 32.44 5.63
C VAL D 218 21.76 31.63 6.49
N ALA D 219 22.28 31.23 7.64
CA ALA D 219 21.56 30.32 8.53
C ALA D 219 22.20 30.30 9.92
N VAL D 220 21.60 29.52 10.82
CA VAL D 220 22.20 29.25 12.12
C VAL D 220 22.92 27.92 11.97
N TYR D 221 24.12 27.86 12.49
CA TYR D 221 24.89 26.64 12.43
C TYR D 221 25.11 26.08 13.83
N TYR D 222 24.92 24.77 13.98
CA TYR D 222 25.10 24.11 15.29
C TYR D 222 26.10 22.97 15.17
N CYS D 223 26.98 22.89 16.14
CA CYS D 223 27.92 21.79 16.22
C CYS D 223 27.32 20.81 17.24
N GLN D 224 27.82 19.57 17.27
CA GLN D 224 27.27 18.56 18.19
C GLN D 224 28.20 17.37 18.42
N ARG D 225 28.25 16.90 19.66
CA ARG D 225 29.04 15.72 20.01
C ARG D 225 28.08 14.56 20.03
N SER D 226 28.59 13.35 19.78
CA SER D 226 27.75 12.14 19.93
C SER D 226 28.48 10.86 20.41
N ASN D 227 29.71 10.98 20.87
CA ASN D 227 30.45 9.79 21.31
C ASN D 227 29.86 9.12 22.56
N GLU D 228 29.67 9.91 23.60
CA GLU D 228 29.01 9.47 24.84
C GLU D 228 27.86 10.41 25.13
N VAL D 229 26.84 9.92 25.83
CA VAL D 229 25.71 10.77 26.19
C VAL D 229 26.08 11.68 27.34
N PRO D 230 25.50 12.89 27.40
CA PRO D 230 24.56 13.45 26.46
C PRO D 230 25.20 13.81 25.12
N TRP D 231 24.37 13.80 24.08
CA TRP D 231 24.79 14.19 22.74
C TRP D 231 24.53 15.67 22.55
N THR D 232 25.27 16.44 23.32
CA THR D 232 25.04 17.87 23.50
C THR D 232 25.30 18.68 22.22
N PHE D 233 24.47 19.69 21.99
CA PHE D 233 24.61 20.63 20.89
C PHE D 233 25.35 21.89 21.35
N GLY D 234 25.99 22.57 20.40
CA GLY D 234 26.52 23.92 20.65
C GLY D 234 25.39 24.93 20.72
N GLN D 235 25.70 26.16 21.14
CA GLN D 235 24.64 27.20 21.36
C GLN D 235 24.16 27.81 20.07
N GLY D 236 24.88 27.55 18.99
CA GLY D 236 24.50 28.05 17.67
C GLY D 236 25.26 29.30 17.24
N THR D 237 25.45 29.44 15.93
CA THR D 237 26.14 30.59 15.35
C THR D 237 25.34 31.12 14.17
N LYS D 238 24.77 32.31 14.36
CA LYS D 238 24.01 32.96 13.32
C LYS D 238 24.99 33.51 12.29
N LEU D 239 24.92 33.00 11.06
CA LEU D 239 25.75 33.47 9.97
C LEU D 239 24.93 34.39 9.09
N GLU D 240 25.47 35.56 8.81
CA GLU D 240 24.77 36.58 8.03
C GLU D 240 25.64 37.11 6.90
N ILE D 241 25.03 37.91 6.05
CA ILE D 241 25.74 38.61 4.98
C ILE D 241 26.14 40.03 5.43
N LYS D 242 27.31 40.50 5.01
CA LYS D 242 27.71 41.91 5.25
C LYS D 242 26.82 42.84 4.41
N ARG D 243 26.05 43.71 5.10
CA ARG D 243 25.08 44.64 4.49
C ARG D 243 24.06 43.96 3.56
N TYR E 8 25.08 -8.80 -7.86
CA TYR E 8 25.32 -7.41 -7.31
C TYR E 8 26.78 -7.00 -7.49
N THR E 9 27.07 -5.74 -7.14
CA THR E 9 28.43 -5.19 -7.24
C THR E 9 28.87 -4.47 -5.97
N MET E 10 30.17 -4.32 -5.83
CA MET E 10 30.75 -3.61 -4.69
C MET E 10 30.19 -2.19 -4.61
N CYS E 11 30.06 -1.67 -3.39
CA CYS E 11 29.57 -0.31 -3.24
C CYS E 11 30.62 0.77 -3.37
N SER E 12 30.27 1.78 -4.15
CA SER E 12 31.15 2.90 -4.46
C SER E 12 31.33 3.91 -3.33
N GLY E 13 30.22 4.26 -2.68
CA GLY E 13 30.19 5.37 -1.72
C GLY E 13 30.63 5.09 -0.29
N LYS E 14 30.34 6.06 0.57
CA LYS E 14 30.71 6.04 1.99
C LYS E 14 29.66 5.34 2.86
N PHE E 15 30.08 4.90 4.04
CA PHE E 15 29.20 4.27 5.03
C PHE E 15 29.31 5.01 6.36
N SER E 16 28.33 4.76 7.23
CA SER E 16 28.28 5.35 8.55
C SER E 16 27.80 4.32 9.55
N ILE E 17 28.30 4.42 10.78
CA ILE E 17 27.90 3.51 11.87
C ILE E 17 26.66 4.03 12.59
N ASP E 18 25.67 3.18 12.73
CA ASP E 18 24.39 3.59 13.31
C ASP E 18 24.23 3.30 14.79
N LYS E 19 25.05 2.39 15.30
CA LYS E 19 24.98 1.98 16.70
C LYS E 19 26.32 1.50 17.22
N GLU E 20 26.49 1.69 18.52
CA GLU E 20 27.69 1.30 19.24
C GLU E 20 27.90 -0.21 19.08
N MET E 21 29.08 -0.60 18.60
CA MET E 21 29.38 -2.01 18.34
C MET E 21 29.26 -2.81 19.60
N ALA E 22 28.52 -3.91 19.47
CA ALA E 22 28.26 -4.81 20.59
C ALA E 22 29.06 -6.11 20.43
N GLU E 23 29.65 -6.55 21.53
CA GLU E 23 30.33 -7.83 21.62
C GLU E 23 29.32 -8.92 22.01
N THR E 24 29.18 -9.95 21.18
CA THR E 24 28.26 -11.08 21.44
C THR E 24 28.86 -12.31 22.17
N GLN E 25 27.96 -13.10 22.73
CA GLN E 25 28.32 -14.28 23.54
C GLN E 25 28.88 -15.44 22.71
N HIS E 26 28.87 -15.34 21.38
CA HIS E 26 29.49 -16.37 20.53
C HIS E 26 31.03 -16.24 20.48
N GLY E 27 31.53 -15.01 20.74
CA GLY E 27 32.91 -14.59 20.42
C GLY E 27 33.03 -13.68 19.19
N THR E 28 31.88 -13.23 18.69
CA THR E 28 31.79 -12.33 17.51
C THR E 28 31.39 -10.93 17.95
N THR E 29 31.42 -10.00 16.97
CA THR E 29 31.07 -8.61 17.18
C THR E 29 30.22 -8.14 16.00
N VAL E 30 29.11 -7.44 16.30
CA VAL E 30 28.18 -6.96 15.25
C VAL E 30 28.27 -5.44 15.02
N VAL E 31 28.38 -5.09 13.75
CA VAL E 31 28.50 -3.71 13.30
C VAL E 31 27.27 -3.39 12.46
N LYS E 32 26.56 -2.36 12.88
CA LYS E 32 25.33 -1.94 12.22
C LYS E 32 25.61 -0.67 11.41
N VAL E 33 25.67 -0.79 10.08
CA VAL E 33 26.07 0.34 9.20
C VAL E 33 25.06 0.76 8.13
N LYS E 34 25.10 2.04 7.79
CA LYS E 34 24.17 2.65 6.83
C LYS E 34 24.92 3.11 5.61
N TYR E 35 24.35 2.87 4.44
CA TYR E 35 24.96 3.33 3.20
C TYR E 35 24.54 4.77 2.85
N GLU E 36 25.54 5.64 2.65
CA GLU E 36 25.34 7.08 2.42
C GLU E 36 25.46 7.51 0.96
N GLY E 37 26.19 6.75 0.16
CA GLY E 37 26.32 7.02 -1.29
C GLY E 37 25.20 6.44 -2.17
N ALA E 38 25.50 6.22 -3.45
CA ALA E 38 24.51 5.71 -4.42
C ALA E 38 24.91 4.37 -5.05
N GLY E 39 23.95 3.70 -5.67
CA GLY E 39 24.17 2.40 -6.30
C GLY E 39 23.70 1.21 -5.47
N ALA E 40 22.62 1.41 -4.73
CA ALA E 40 21.98 0.34 -3.99
C ALA E 40 20.92 -0.34 -4.86
N PRO E 41 20.64 -1.63 -4.64
CA PRO E 41 21.35 -2.49 -3.71
C PRO E 41 22.79 -2.75 -4.17
N CYS E 42 23.64 -3.13 -3.23
CA CYS E 42 25.07 -3.38 -3.50
C CYS E 42 25.76 -4.14 -2.35
N LYS E 43 26.99 -4.58 -2.62
CA LYS E 43 27.83 -5.27 -1.63
C LYS E 43 28.62 -4.25 -0.79
N VAL E 44 28.74 -4.55 0.49
CA VAL E 44 29.45 -3.68 1.44
C VAL E 44 30.92 -4.07 1.45
N PRO E 45 31.82 -3.17 1.02
CA PRO E 45 33.25 -3.45 1.06
C PRO E 45 33.82 -3.39 2.49
N ILE E 46 33.90 -4.54 3.15
CA ILE E 46 34.36 -4.63 4.55
C ILE E 46 35.52 -5.61 4.75
N GLU E 47 36.51 -5.20 5.53
CA GLU E 47 37.69 -6.02 5.84
C GLU E 47 38.27 -5.59 7.17
N ILE E 48 38.84 -6.54 7.89
CA ILE E 48 39.46 -6.26 9.19
C ILE E 48 40.96 -6.17 9.02
N ARG E 49 41.61 -5.26 9.76
CA ARG E 49 43.06 -5.06 9.65
C ARG E 49 43.79 -5.18 10.97
N ASP E 50 45.10 -5.39 10.86
CA ASP E 50 45.99 -5.69 12.02
C ASP E 50 46.35 -4.43 12.83
N VAL E 51 47.11 -4.66 13.89
CA VAL E 51 47.62 -3.61 14.77
C VAL E 51 48.39 -2.51 14.00
N ASN E 52 49.14 -2.94 12.98
CA ASN E 52 49.88 -2.04 12.06
C ASN E 52 49.02 -1.33 10.99
N LYS E 53 47.76 -1.74 10.90
CA LYS E 53 46.82 -1.23 9.89
C LYS E 53 47.28 -1.55 8.45
N GLU E 54 48.01 -2.66 8.32
CA GLU E 54 48.48 -3.12 7.01
C GLU E 54 47.78 -4.41 6.57
N LYS E 55 48.05 -5.51 7.26
CA LYS E 55 47.61 -6.83 6.79
C LYS E 55 46.18 -7.17 7.24
N VAL E 56 45.49 -7.86 6.35
CA VAL E 56 44.06 -8.12 6.46
C VAL E 56 43.78 -9.42 7.22
N VAL E 57 43.64 -9.29 8.53
CA VAL E 57 43.46 -10.44 9.45
C VAL E 57 41.96 -10.80 9.68
N GLY E 58 41.72 -11.67 10.66
CA GLY E 58 40.36 -12.03 11.06
C GLY E 58 39.50 -12.65 9.95
N ARG E 59 38.19 -12.59 10.13
CA ARG E 59 37.27 -13.13 9.14
C ARG E 59 35.85 -12.55 9.36
N ILE E 60 35.11 -12.43 8.26
CA ILE E 60 33.77 -11.84 8.27
C ILE E 60 32.65 -12.90 8.27
N ILE E 61 31.86 -12.94 9.33
CA ILE E 61 30.87 -14.03 9.48
C ILE E 61 29.72 -13.86 8.49
N SER E 62 29.04 -12.73 8.57
CA SER E 62 27.91 -12.48 7.68
C SER E 62 28.31 -12.68 6.23
N SER E 63 27.68 -13.66 5.59
CA SER E 63 27.94 -14.00 4.20
C SER E 63 27.45 -12.90 3.24
N THR E 64 28.40 -12.28 2.55
CA THR E 64 28.14 -11.25 1.52
C THR E 64 27.16 -10.13 1.88
N PRO E 65 27.50 -9.32 2.90
CA PRO E 65 26.63 -8.24 3.34
C PRO E 65 26.16 -7.31 2.23
N LEU E 66 24.89 -6.95 2.32
CA LEU E 66 24.21 -6.21 1.27
C LEU E 66 23.57 -4.95 1.77
N ALA E 67 23.85 -3.84 1.09
CA ALA E 67 23.23 -2.57 1.39
C ALA E 67 22.04 -2.38 0.46
N GLU E 68 20.85 -2.73 0.95
CA GLU E 68 19.61 -2.69 0.14
C GLU E 68 19.19 -1.27 -0.31
N ASN E 69 19.47 -0.27 0.52
CA ASN E 69 19.10 1.13 0.25
C ASN E 69 19.86 2.09 1.16
N THR E 70 19.70 3.39 0.89
CA THR E 70 20.37 4.44 1.65
C THR E 70 19.77 4.73 3.05
N ASN E 71 18.63 4.12 3.37
CA ASN E 71 17.95 4.33 4.68
C ASN E 71 18.11 3.17 5.67
N SER E 72 18.23 1.97 5.13
CA SER E 72 18.28 0.77 5.97
C SER E 72 19.68 0.42 6.47
N VAL E 73 19.69 -0.23 7.63
CA VAL E 73 20.91 -0.60 8.34
C VAL E 73 21.29 -2.05 8.01
N THR E 74 22.54 -2.24 7.61
CA THR E 74 23.09 -3.56 7.32
C THR E 74 23.82 -4.09 8.57
N ASN E 75 23.42 -5.28 9.04
CA ASN E 75 24.00 -5.90 10.23
C ASN E 75 25.09 -6.87 9.83
N ILE E 76 26.33 -6.60 10.25
CA ILE E 76 27.48 -7.42 9.87
C ILE E 76 28.13 -8.02 11.10
N GLU E 77 28.07 -9.33 11.19
CA GLU E 77 28.75 -10.06 12.26
C GLU E 77 30.20 -10.26 11.81
N LEU E 78 31.15 -10.22 12.76
CA LEU E 78 32.57 -10.49 12.45
C LEU E 78 33.38 -11.06 13.61
N GLU E 79 34.48 -11.71 13.24
CA GLU E 79 35.43 -12.33 14.19
C GLU E 79 36.74 -11.53 14.21
N PRO E 80 36.86 -10.59 15.16
CA PRO E 80 38.06 -9.79 15.27
C PRO E 80 39.17 -10.51 16.03
N PRO E 81 40.44 -10.26 15.68
CA PRO E 81 41.55 -10.83 16.44
C PRO E 81 41.71 -10.13 17.78
N PHE E 82 42.26 -10.85 18.76
CA PHE E 82 42.48 -10.28 20.08
C PHE E 82 43.32 -9.00 20.01
N GLY E 83 42.97 -8.07 20.88
CA GLY E 83 43.65 -6.76 20.94
C GLY E 83 43.20 -5.80 19.87
N ASP E 84 44.14 -4.96 19.41
CA ASP E 84 43.85 -3.91 18.45
C ASP E 84 43.54 -4.50 17.07
N SER E 85 42.46 -4.01 16.50
CA SER E 85 42.02 -4.36 15.15
C SER E 85 41.35 -3.13 14.54
N TYR E 86 41.43 -3.00 13.22
CA TYR E 86 40.86 -1.86 12.53
C TYR E 86 39.85 -2.33 11.50
N ILE E 87 38.58 -2.03 11.72
CA ILE E 87 37.52 -2.47 10.81
C ILE E 87 37.29 -1.38 9.77
N VAL E 88 37.42 -1.74 8.50
CA VAL E 88 37.33 -0.77 7.40
C VAL E 88 36.12 -1.07 6.51
N ILE E 89 35.19 -0.11 6.47
CA ILE E 89 33.98 -0.21 5.69
C ILE E 89 33.99 0.84 4.56
N GLY E 90 33.85 0.35 3.32
CA GLY E 90 33.83 1.20 2.12
C GLY E 90 35.19 1.29 1.45
N VAL E 91 35.29 2.16 0.45
CA VAL E 91 36.53 2.36 -0.29
C VAL E 91 37.09 3.79 -0.12
N GLY E 92 38.39 3.94 -0.34
CA GLY E 92 39.08 5.23 -0.35
C GLY E 92 39.46 5.79 1.02
N ASN E 93 39.44 7.12 1.12
CA ASN E 93 39.66 7.87 2.38
C ASN E 93 38.34 8.09 3.10
N SER E 94 37.26 8.06 2.33
CA SER E 94 35.90 8.11 2.86
C SER E 94 35.51 6.75 3.45
N ALA E 95 36.43 5.79 3.33
CA ALA E 95 36.31 4.53 4.01
C ALA E 95 36.36 4.79 5.50
N LEU E 96 35.26 4.44 6.15
CA LEU E 96 35.14 4.54 7.60
C LEU E 96 36.11 3.54 8.21
N THR E 97 36.90 3.99 9.18
CA THR E 97 37.80 3.08 9.85
C THR E 97 37.53 3.07 11.36
N LEU E 98 37.19 1.91 11.88
CA LEU E 98 36.90 1.73 13.30
C LEU E 98 37.99 0.95 14.05
N HIS E 99 38.72 1.66 14.90
CA HIS E 99 39.69 1.04 15.79
C HIS E 99 38.89 0.32 16.88
N TRP E 100 38.96 -1.01 16.86
CA TRP E 100 38.24 -1.83 17.85
C TRP E 100 39.26 -2.56 18.72
N PHE E 101 38.87 -2.87 19.94
CA PHE E 101 39.74 -3.65 20.83
C PHE E 101 39.03 -4.88 21.42
N ARG E 102 39.61 -6.05 21.18
CA ARG E 102 39.09 -7.30 21.71
C ARG E 102 39.89 -7.78 22.92
N LYS E 103 39.20 -8.08 24.01
CA LYS E 103 39.85 -8.54 25.25
C LYS E 103 39.88 -10.06 25.36
N GLN F 2 2.04 5.25 53.53
CA GLN F 2 3.00 4.87 52.46
C GLN F 2 2.33 3.60 51.93
N VAL F 3 1.29 3.84 51.11
CA VAL F 3 0.41 2.78 50.54
C VAL F 3 0.94 2.21 49.25
N GLN F 4 1.29 0.92 49.22
CA GLN F 4 2.12 0.48 48.10
C GLN F 4 1.42 0.70 46.79
N LEU F 5 0.23 0.15 46.46
CA LEU F 5 -0.35 0.51 45.14
C LEU F 5 -1.68 1.28 45.15
N VAL F 6 -1.55 2.52 44.69
CA VAL F 6 -2.68 3.45 44.55
C VAL F 6 -2.95 3.80 43.07
N GLN F 7 -4.12 3.38 42.64
CA GLN F 7 -4.55 3.55 41.26
C GLN F 7 -5.41 4.77 41.10
N SER F 8 -5.56 5.17 39.84
CA SER F 8 -6.38 6.33 39.50
C SER F 8 -7.85 6.04 39.70
N GLY F 9 -8.62 7.11 39.65
CA GLY F 9 -10.06 7.07 39.85
C GLY F 9 -10.76 6.37 38.71
N ALA F 10 -11.92 5.83 39.04
CA ALA F 10 -12.72 5.04 38.12
C ALA F 10 -13.22 5.95 37.01
N GLU F 11 -13.03 5.51 35.77
CA GLU F 11 -13.39 6.31 34.60
C GLU F 11 -14.56 5.72 33.84
N VAL F 12 -15.37 6.60 33.26
CA VAL F 12 -16.44 6.23 32.35
C VAL F 12 -16.07 6.77 30.98
N LYS F 13 -16.10 5.90 29.99
CA LYS F 13 -15.70 6.26 28.63
C LYS F 13 -16.72 5.81 27.59
N LYS F 14 -16.71 6.47 26.43
CA LYS F 14 -17.59 6.10 25.29
C LYS F 14 -16.92 5.00 24.43
N PRO F 15 -17.72 4.16 23.71
CA PRO F 15 -17.09 3.11 22.92
C PRO F 15 -16.18 3.70 21.87
N GLY F 16 -15.06 3.04 21.65
CA GLY F 16 -14.02 3.50 20.72
C GLY F 16 -12.99 4.45 21.31
N ALA F 17 -13.24 4.96 22.52
CA ALA F 17 -12.30 5.90 23.19
C ALA F 17 -11.11 5.19 23.80
N SER F 18 -10.12 5.95 24.24
CA SER F 18 -8.93 5.36 24.87
C SER F 18 -8.97 5.76 26.34
N VAL F 19 -8.47 4.88 27.22
CA VAL F 19 -8.40 5.17 28.66
C VAL F 19 -6.98 4.97 29.20
N LYS F 20 -6.59 5.81 30.14
CA LYS F 20 -5.26 5.71 30.77
C LYS F 20 -5.42 5.66 32.27
N VAL F 21 -4.98 4.56 32.87
CA VAL F 21 -5.07 4.31 34.31
C VAL F 21 -3.70 4.44 34.90
N SER F 22 -3.61 5.18 36.00
CA SER F 22 -2.35 5.41 36.69
C SER F 22 -2.19 4.42 37.85
N CYS F 23 -0.95 4.19 38.26
CA CYS F 23 -0.69 3.32 39.43
C CYS F 23 0.55 3.75 40.19
N LYS F 24 0.34 4.43 41.32
CA LYS F 24 1.43 5.04 42.10
C LYS F 24 1.91 4.14 43.23
N ALA F 25 3.19 3.82 43.17
CA ALA F 25 3.82 2.88 44.09
C ALA F 25 4.61 3.57 45.20
N GLY F 26 4.56 2.99 46.39
CA GLY F 26 5.32 3.43 47.56
C GLY F 26 6.58 2.58 47.69
N PHE F 27 7.15 2.26 46.56
CA PHE F 27 8.45 1.63 46.52
C PHE F 27 9.09 1.93 45.18
N ASN F 28 10.36 1.61 45.06
CA ASN F 28 11.08 1.88 43.85
C ASN F 28 10.74 0.91 42.70
N ILE F 29 9.97 1.39 41.71
CA ILE F 29 9.45 0.49 40.65
C ILE F 29 10.53 0.00 39.68
N LYS F 30 11.69 0.66 39.72
CA LYS F 30 12.83 0.27 38.90
C LYS F 30 13.18 -1.18 39.30
N ASP F 31 12.99 -1.55 40.58
CA ASP F 31 13.36 -2.91 41.12
C ASP F 31 12.54 -4.15 40.63
N VAL F 32 11.38 -3.94 40.01
CA VAL F 32 10.33 -4.94 40.02
C VAL F 32 9.61 -5.21 38.65
N TYR F 33 8.75 -6.23 38.64
CA TYR F 33 7.91 -6.55 37.48
C TYR F 33 6.46 -6.07 37.73
N MET F 34 6.14 -4.92 37.16
CA MET F 34 4.80 -4.31 37.28
C MET F 34 3.83 -4.83 36.23
N SER F 35 2.78 -5.50 36.69
CA SER F 35 1.76 -6.14 35.82
C SER F 35 0.41 -5.48 35.95
N TRP F 36 -0.42 -5.69 34.93
CA TRP F 36 -1.79 -5.19 34.90
C TRP F 36 -2.74 -6.35 34.64
N VAL F 37 -3.81 -6.41 35.42
CA VAL F 37 -4.77 -7.51 35.38
C VAL F 37 -6.19 -6.96 35.33
N ARG F 38 -6.99 -7.44 34.41
CA ARG F 38 -8.35 -6.95 34.28
C ARG F 38 -9.33 -7.99 34.73
N GLN F 39 -10.48 -7.56 35.19
CA GLN F 39 -11.52 -8.49 35.60
C GLN F 39 -12.91 -8.01 35.27
N ALA F 40 -13.52 -8.65 34.28
CA ALA F 40 -14.89 -8.31 33.86
C ALA F 40 -15.89 -8.71 34.94
N PRO F 41 -17.04 -8.01 35.03
CA PRO F 41 -18.02 -8.38 36.07
C PRO F 41 -18.35 -9.88 36.06
N GLU F 42 -18.20 -10.52 37.23
CA GLU F 42 -18.48 -11.96 37.45
C GLU F 42 -17.68 -12.96 36.60
N GLN F 43 -16.76 -12.47 35.77
CA GLN F 43 -15.82 -13.34 35.04
C GLN F 43 -14.54 -13.40 35.87
N GLY F 44 -13.58 -14.17 35.39
CA GLY F 44 -12.34 -14.37 36.11
C GLY F 44 -11.30 -13.30 35.87
N LEU F 45 -10.09 -13.59 36.35
CA LEU F 45 -8.94 -12.70 36.23
C LEU F 45 -8.29 -12.92 34.88
N GLU F 46 -7.92 -11.84 34.21
CA GLU F 46 -7.23 -11.91 32.93
C GLU F 46 -5.97 -11.05 33.02
N TRP F 47 -4.80 -11.67 32.92
CA TRP F 47 -3.54 -10.93 32.89
C TRP F 47 -3.42 -10.19 31.57
N MET F 48 -3.02 -8.93 31.66
CA MET F 48 -2.90 -8.10 30.46
C MET F 48 -1.47 -8.06 29.97
N GLY F 49 -0.54 -7.76 30.86
CA GLY F 49 0.86 -7.65 30.51
C GLY F 49 1.75 -7.26 31.66
N ARG F 50 3.04 -7.13 31.40
CA ARG F 50 4.01 -6.71 32.42
C ARG F 50 5.10 -5.82 31.83
N ILE F 51 5.55 -4.85 32.63
CA ILE F 51 6.61 -3.92 32.21
C ILE F 51 7.77 -4.01 33.18
N ASP F 52 8.98 -3.98 32.65
CA ASP F 52 10.17 -3.86 33.48
C ASP F 52 10.55 -2.38 33.40
N PRO F 53 10.24 -1.58 34.45
CA PRO F 53 10.52 -0.14 34.34
C PRO F 53 12.00 0.25 34.20
N GLU F 54 12.91 -0.62 34.63
CA GLU F 54 14.34 -0.37 34.46
C GLU F 54 14.73 -0.18 32.99
N ASN F 55 14.29 -1.10 32.14
CA ASN F 55 14.57 -1.03 30.71
C ASN F 55 13.34 -0.76 29.82
N GLY F 56 12.18 -0.57 30.42
CA GLY F 56 10.94 -0.27 29.68
C GLY F 56 10.42 -1.41 28.83
N ASP F 57 10.92 -2.61 29.11
CA ASP F 57 10.54 -3.80 28.33
C ASP F 57 9.09 -4.14 28.59
N THR F 58 8.29 -4.14 27.54
CA THR F 58 6.88 -4.45 27.67
C THR F 58 6.51 -5.72 26.92
N LYS F 59 5.85 -6.62 27.65
CA LYS F 59 5.28 -7.86 27.11
C LYS F 59 3.78 -7.84 27.40
N TYR F 60 2.97 -8.14 26.39
CA TYR F 60 1.53 -8.14 26.55
C TYR F 60 0.89 -9.49 26.20
N ASP F 61 -0.39 -9.61 26.52
CA ASP F 61 -1.16 -10.78 26.15
C ASP F 61 -1.74 -10.56 24.75
N PRO F 62 -1.64 -11.56 23.87
CA PRO F 62 -2.13 -11.38 22.49
C PRO F 62 -3.65 -11.20 22.39
N LYS F 63 -4.38 -11.72 23.36
CA LYS F 63 -5.85 -11.51 23.41
C LYS F 63 -6.23 -10.01 23.32
N LEU F 64 -5.35 -9.16 23.83
CA LEU F 64 -5.52 -7.70 23.86
C LEU F 64 -4.38 -6.94 23.13
N GLN F 65 -3.36 -7.66 22.64
CA GLN F 65 -2.13 -7.01 22.11
C GLN F 65 -2.46 -6.02 21.00
N GLY F 66 -1.77 -4.88 21.04
CA GLY F 66 -1.89 -3.85 20.04
C GLY F 66 -2.76 -2.74 20.58
N ARG F 67 -3.76 -3.09 21.37
CA ARG F 67 -4.62 -2.10 21.99
C ARG F 67 -4.06 -1.53 23.30
N VAL F 68 -3.09 -2.23 23.90
CA VAL F 68 -2.51 -1.82 25.18
C VAL F 68 -1.11 -1.27 25.10
N THR F 69 -0.90 -0.25 25.92
CA THR F 69 0.38 0.43 25.99
C THR F 69 0.68 0.66 27.48
N MET F 70 1.69 -0.04 27.95
CA MET F 70 2.11 0.03 29.34
C MET F 70 3.40 0.83 29.45
N THR F 71 3.38 1.80 30.35
CA THR F 71 4.53 2.65 30.58
C THR F 71 4.82 2.73 32.07
N ALA F 72 5.96 3.37 32.38
CA ALA F 72 6.40 3.58 33.76
C ALA F 72 7.34 4.80 33.88
N ASP F 73 7.13 5.62 34.90
CA ASP F 73 7.98 6.77 35.23
C ASP F 73 8.73 6.43 36.51
N THR F 74 10.00 6.05 36.41
CA THR F 74 10.79 5.62 37.60
C THR F 74 11.04 6.77 38.56
N SER F 75 10.99 8.01 38.05
CA SER F 75 11.15 9.20 38.88
C SER F 75 9.98 9.37 39.85
N THR F 76 8.75 9.29 39.31
CA THR F 76 7.52 9.39 40.13
C THR F 76 7.01 8.03 40.64
N ASN F 77 7.77 6.95 40.41
CA ASN F 77 7.36 5.60 40.81
C ASN F 77 5.88 5.29 40.49
N THR F 78 5.48 5.69 39.29
CA THR F 78 4.12 5.50 38.82
C THR F 78 4.17 4.67 37.57
N ALA F 79 3.29 3.69 37.48
CA ALA F 79 3.14 2.88 36.27
C ALA F 79 1.81 3.24 35.62
N TYR F 80 1.79 3.19 34.30
CA TYR F 80 0.59 3.53 33.57
C TYR F 80 0.19 2.41 32.63
N MET F 81 -1.07 2.50 32.22
CA MET F 81 -1.68 1.55 31.31
C MET F 81 -2.64 2.31 30.42
N GLU F 82 -2.44 2.19 29.12
CA GLU F 82 -3.26 2.85 28.12
C GLU F 82 -3.96 1.79 27.27
N LEU F 83 -5.29 1.84 27.23
CA LEU F 83 -6.08 0.88 26.44
C LEU F 83 -6.94 1.60 25.44
N ARG F 84 -6.79 1.22 24.17
CA ARG F 84 -7.50 1.90 23.09
C ARG F 84 -8.69 1.14 22.48
N SER F 85 -9.47 1.86 21.69
CA SER F 85 -10.63 1.33 20.93
C SER F 85 -11.53 0.48 21.82
N LEU F 86 -12.07 1.12 22.86
CA LEU F 86 -12.84 0.40 23.90
C LEU F 86 -14.17 -0.17 23.39
N ARG F 87 -14.43 -1.42 23.72
CA ARG F 87 -15.67 -2.09 23.36
C ARG F 87 -16.42 -2.30 24.66
N SER F 88 -17.71 -2.55 24.58
CA SER F 88 -18.52 -2.75 25.79
C SER F 88 -18.02 -3.90 26.67
N ASP F 89 -17.56 -4.96 26.03
CA ASP F 89 -16.96 -6.05 26.78
C ASP F 89 -15.80 -5.64 27.70
N ASP F 90 -15.03 -4.61 27.35
CA ASP F 90 -13.87 -4.17 28.16
C ASP F 90 -14.26 -3.51 29.47
N THR F 91 -15.57 -3.35 29.69
CA THR F 91 -16.06 -2.85 30.95
C THR F 91 -15.60 -3.87 31.97
N ALA F 92 -14.68 -3.44 32.82
CA ALA F 92 -14.05 -4.33 33.78
C ALA F 92 -13.41 -3.52 34.88
N VAL F 93 -12.89 -4.23 35.88
CA VAL F 93 -12.09 -3.63 36.93
C VAL F 93 -10.64 -3.89 36.55
N TYR F 94 -9.85 -2.84 36.59
CA TYR F 94 -8.46 -2.89 36.13
C TYR F 94 -7.52 -2.77 37.31
N TYR F 95 -6.86 -3.88 37.62
CA TYR F 95 -5.94 -3.99 38.74
C TYR F 95 -4.52 -3.79 38.28
N CYS F 96 -3.76 -3.16 39.15
CA CYS F 96 -2.37 -2.85 38.95
C CYS F 96 -1.64 -3.71 39.98
N ALA F 97 -0.63 -4.50 39.57
CA ALA F 97 0.03 -5.42 40.51
C ALA F 97 1.52 -5.49 40.34
N ARG F 98 2.18 -6.04 41.37
CA ARG F 98 3.64 -6.11 41.44
C ARG F 98 4.11 -7.51 41.85
N GLY F 99 5.17 -7.97 41.20
CA GLY F 99 5.83 -9.25 41.54
C GLY F 99 6.01 -10.23 40.38
N TRP F 100 6.87 -11.25 40.60
CA TRP F 100 7.14 -12.33 39.65
C TRP F 100 6.65 -13.68 40.18
N GLU F 101 7.21 -14.12 41.31
CA GLU F 101 6.72 -15.36 41.95
C GLU F 101 5.40 -15.07 42.64
N GLY F 102 4.35 -14.96 41.83
CA GLY F 102 3.05 -14.48 42.29
C GLY F 102 2.99 -12.95 42.47
N PHE F 103 1.79 -12.39 42.40
CA PHE F 103 1.62 -10.97 42.63
C PHE F 103 1.29 -10.73 44.09
N ALA F 104 2.31 -10.53 44.89
CA ALA F 104 2.12 -10.27 46.32
C ALA F 104 1.41 -8.91 46.58
N TYR F 105 1.65 -7.95 45.72
CA TYR F 105 1.12 -6.60 45.90
C TYR F 105 0.16 -6.20 44.80
N TRP F 106 -0.97 -5.63 45.20
CA TRP F 106 -2.04 -5.21 44.28
C TRP F 106 -2.58 -3.80 44.56
N GLY F 107 -3.23 -3.23 43.56
CA GLY F 107 -3.90 -1.93 43.71
C GLY F 107 -5.33 -2.17 44.12
N GLN F 108 -6.01 -1.09 44.49
CA GLN F 108 -7.43 -1.13 44.87
C GLN F 108 -8.36 -1.46 43.70
N GLY F 109 -7.91 -1.17 42.48
CA GLY F 109 -8.70 -1.40 41.27
C GLY F 109 -9.30 -0.12 40.69
N THR F 110 -9.44 -0.10 39.38
CA THR F 110 -10.02 1.03 38.68
C THR F 110 -11.12 0.50 37.80
N LEU F 111 -12.36 0.89 38.08
CA LEU F 111 -13.48 0.45 37.27
C LEU F 111 -13.62 1.31 36.01
N VAL F 112 -13.32 0.72 34.86
CA VAL F 112 -13.54 1.37 33.57
C VAL F 112 -14.85 0.90 32.97
N THR F 113 -15.75 1.84 32.68
CA THR F 113 -17.12 1.51 32.21
C THR F 113 -17.35 2.11 30.80
N VAL F 114 -17.58 1.26 29.78
CA VAL F 114 -17.88 1.81 28.38
C VAL F 114 -19.34 1.80 27.93
N SER F 115 -19.84 2.99 27.58
CA SER F 115 -21.22 3.18 27.09
C SER F 115 -21.44 4.59 26.52
N SER F 131 3.40 -17.22 22.87
CA SER F 131 3.60 -18.49 23.60
C SER F 131 2.27 -18.84 24.31
N ASP F 132 1.27 -19.31 23.57
CA ASP F 132 -0.08 -19.58 24.13
C ASP F 132 -0.16 -20.81 25.03
N ILE F 133 -0.55 -20.59 26.28
CA ILE F 133 -0.78 -21.66 27.28
C ILE F 133 -2.26 -21.73 27.60
N VAL F 134 -2.73 -22.95 27.86
CA VAL F 134 -4.07 -23.16 28.37
C VAL F 134 -3.95 -23.63 29.82
N MET F 135 -4.53 -22.83 30.73
CA MET F 135 -4.55 -23.13 32.16
C MET F 135 -5.91 -23.66 32.55
N THR F 136 -5.96 -24.88 33.09
CA THR F 136 -7.25 -25.52 33.33
C THR F 136 -7.44 -25.89 34.78
N GLN F 137 -8.33 -25.13 35.39
CA GLN F 137 -8.69 -25.22 36.77
C GLN F 137 -9.89 -26.14 36.89
N SER F 138 -9.88 -27.01 37.88
CA SER F 138 -11.01 -27.92 38.10
C SER F 138 -11.28 -28.04 39.59
N PRO F 139 -12.57 -27.96 39.98
CA PRO F 139 -13.72 -27.72 39.14
C PRO F 139 -13.92 -26.23 38.93
N ALA F 140 -15.04 -25.86 38.34
CA ALA F 140 -15.40 -24.46 38.18
C ALA F 140 -15.92 -23.91 39.49
N SER F 141 -16.53 -24.79 40.26
CA SER F 141 -17.03 -24.46 41.57
C SER F 141 -17.28 -25.72 42.37
N LEU F 142 -17.26 -25.59 43.67
CA LEU F 142 -17.49 -26.73 44.55
C LEU F 142 -17.92 -26.26 45.91
N ALA F 143 -18.73 -27.10 46.56
CA ALA F 143 -19.16 -26.87 47.94
C ALA F 143 -18.66 -28.02 48.79
N VAL F 144 -18.13 -27.68 49.95
CA VAL F 144 -17.79 -28.69 50.94
C VAL F 144 -18.22 -28.19 52.30
N SER F 145 -18.40 -29.12 53.24
CA SER F 145 -18.87 -28.80 54.60
C SER F 145 -17.74 -28.24 55.47
N LEU F 146 -18.12 -27.46 56.48
CA LEU F 146 -17.14 -26.87 57.41
C LEU F 146 -16.23 -27.93 57.99
N GLY F 147 -15.00 -27.57 58.24
CA GLY F 147 -14.04 -28.51 58.81
C GLY F 147 -13.54 -29.59 57.89
N GLN F 148 -14.22 -29.80 56.75
CA GLN F 148 -13.84 -30.83 55.79
C GLN F 148 -12.76 -30.38 54.82
N ARG F 149 -12.04 -31.36 54.28
CA ARG F 149 -10.91 -31.14 53.39
C ARG F 149 -11.45 -30.79 51.99
N ALA F 150 -10.86 -29.75 51.39
CA ALA F 150 -11.21 -29.30 50.03
C ALA F 150 -9.99 -29.26 49.11
N THR F 151 -10.17 -29.62 47.84
CA THR F 151 -9.05 -29.64 46.88
C THR F 151 -9.43 -29.07 45.52
N ILE F 152 -8.60 -28.14 45.06
CA ILE F 152 -8.72 -27.51 43.75
C ILE F 152 -7.45 -27.82 42.96
N SER F 153 -7.63 -28.15 41.68
CA SER F 153 -6.52 -28.53 40.80
C SER F 153 -6.30 -27.54 39.68
N CYS F 154 -5.07 -27.49 39.17
CA CYS F 154 -4.72 -26.67 38.00
C CYS F 154 -3.82 -27.47 37.08
N ARG F 155 -4.18 -27.52 35.80
CA ARG F 155 -3.39 -28.24 34.81
C ARG F 155 -2.99 -27.32 33.68
N ALA F 156 -1.69 -27.19 33.49
CA ALA F 156 -1.11 -26.31 32.48
C ALA F 156 -0.84 -27.10 31.21
N SER F 157 -1.01 -26.44 30.07
CA SER F 157 -0.77 -27.08 28.77
C SER F 157 0.71 -27.29 28.51
N GLU F 158 1.56 -26.42 29.07
CA GLU F 158 3.02 -26.55 28.93
C GLU F 158 3.67 -26.64 30.31
N ASN F 159 4.99 -26.70 30.30
CA ASN F 159 5.80 -26.73 31.51
C ASN F 159 5.83 -25.34 32.14
N VAL F 160 5.78 -25.30 33.47
CA VAL F 160 5.79 -24.02 34.22
C VAL F 160 6.96 -23.87 35.17
N ASP F 161 7.96 -24.71 34.97
CA ASP F 161 9.21 -24.64 35.73
C ASP F 161 10.18 -23.68 35.07
N LYS F 162 11.01 -23.08 35.91
CA LYS F 162 12.10 -22.21 35.49
C LYS F 162 13.07 -22.09 36.63
N TYR F 163 14.36 -22.15 36.32
CA TYR F 163 15.40 -22.14 37.34
C TYR F 163 15.25 -23.28 38.36
N GLY F 164 14.63 -24.38 37.94
CA GLY F 164 14.49 -25.56 38.78
C GLY F 164 13.30 -25.52 39.71
N ASN F 165 12.50 -24.47 39.62
CA ASN F 165 11.29 -24.31 40.43
C ASN F 165 10.05 -24.16 39.56
N SER F 166 8.92 -24.68 40.03
CA SER F 166 7.62 -24.53 39.37
C SER F 166 7.03 -23.15 39.69
N PHE F 167 6.85 -22.32 38.67
CA PHE F 167 6.28 -20.97 38.83
C PHE F 167 4.76 -21.02 38.72
N MET F 168 4.14 -21.65 39.72
CA MET F 168 2.70 -21.81 39.82
C MET F 168 2.26 -21.13 41.10
N HIS F 169 1.21 -20.32 41.03
CA HIS F 169 0.74 -19.54 42.19
C HIS F 169 -0.76 -19.62 42.36
N TRP F 170 -1.21 -19.40 43.58
CA TRP F 170 -2.61 -19.49 43.92
C TRP F 170 -3.06 -18.21 44.58
N TYR F 171 -4.26 -17.79 44.22
CA TYR F 171 -4.83 -16.57 44.76
C TYR F 171 -6.21 -16.83 45.33
N GLN F 172 -6.52 -16.12 46.40
CA GLN F 172 -7.85 -16.10 46.97
C GLN F 172 -8.46 -14.76 46.60
N GLN F 173 -9.74 -14.74 46.27
CA GLN F 173 -10.42 -13.48 46.03
C GLN F 173 -11.82 -13.48 46.57
N LYS F 174 -12.03 -12.72 47.63
CA LYS F 174 -13.36 -12.51 48.15
C LYS F 174 -13.97 -11.34 47.39
N PRO F 175 -15.32 -11.25 47.34
CA PRO F 175 -15.98 -10.29 46.45
C PRO F 175 -15.66 -8.85 46.76
N GLY F 176 -15.59 -8.04 45.69
CA GLY F 176 -15.31 -6.61 45.79
C GLY F 176 -13.99 -6.34 46.49
N GLN F 177 -13.05 -7.23 46.27
CA GLN F 177 -11.75 -7.17 46.93
C GLN F 177 -10.73 -7.54 45.86
N PRO F 178 -9.59 -6.89 45.92
CA PRO F 178 -8.53 -7.33 45.04
C PRO F 178 -8.10 -8.70 45.53
N PRO F 179 -7.47 -9.50 44.66
CA PRO F 179 -7.04 -10.82 45.04
C PRO F 179 -5.91 -10.80 46.05
N LYS F 180 -5.65 -11.97 46.62
CA LYS F 180 -4.69 -12.14 47.69
C LYS F 180 -3.83 -13.31 47.32
N LEU F 181 -2.53 -13.06 47.20
CA LEU F 181 -1.61 -14.15 46.93
C LEU F 181 -1.61 -15.04 48.14
N LEU F 182 -1.81 -16.33 47.93
CA LEU F 182 -1.78 -17.34 49.01
C LEU F 182 -0.58 -18.25 48.94
N ILE F 183 -0.36 -18.83 47.77
CA ILE F 183 0.75 -19.77 47.56
C ILE F 183 1.50 -19.28 46.35
N TYR F 184 2.81 -19.30 46.42
CA TYR F 184 3.65 -18.98 45.26
C TYR F 184 4.67 -20.09 45.10
N ARG F 185 5.39 -20.05 43.98
CA ARG F 185 6.39 -21.08 43.65
C ARG F 185 5.87 -22.50 43.96
N ALA F 186 4.63 -22.74 43.54
CA ALA F 186 3.90 -24.03 43.66
C ALA F 186 3.47 -24.47 45.07
N SER F 187 4.43 -24.43 45.98
CA SER F 187 4.21 -24.89 47.37
C SER F 187 4.40 -23.80 48.44
N GLU F 188 5.18 -22.77 48.15
CA GLU F 188 5.57 -21.79 49.18
C GLU F 188 4.39 -20.96 49.60
N LEU F 189 4.22 -20.91 50.92
CA LEU F 189 3.08 -20.27 51.55
C LEU F 189 3.43 -18.82 51.88
N GLN F 190 2.63 -17.88 51.41
CA GLN F 190 2.84 -16.44 51.59
C GLN F 190 2.70 -16.09 53.07
N TRP F 191 3.43 -15.06 53.50
CA TRP F 191 3.47 -14.66 54.91
C TRP F 191 2.08 -14.31 55.47
N GLY F 192 1.72 -14.99 56.56
CA GLY F 192 0.45 -14.75 57.25
C GLY F 192 -0.67 -15.69 56.85
N VAL F 193 -0.49 -16.40 55.75
CA VAL F 193 -1.54 -17.31 55.25
C VAL F 193 -1.63 -18.51 56.22
N PRO F 194 -2.84 -18.91 56.61
CA PRO F 194 -2.95 -20.01 57.57
C PRO F 194 -2.37 -21.34 57.11
N ASP F 195 -1.89 -22.08 58.10
CA ASP F 195 -1.29 -23.40 57.96
C ASP F 195 -2.17 -24.38 57.15
N ARG F 196 -3.48 -24.25 57.30
CA ARG F 196 -4.47 -25.12 56.65
C ARG F 196 -4.40 -25.11 55.14
N PHE F 197 -3.88 -24.01 54.60
CA PHE F 197 -3.63 -23.92 53.15
C PHE F 197 -2.33 -24.60 52.76
N SER F 198 -2.32 -25.23 51.59
CA SER F 198 -1.14 -25.93 51.10
C SER F 198 -1.16 -26.09 49.58
N GLY F 199 0.02 -26.10 48.97
CA GLY F 199 0.16 -26.25 47.53
C GLY F 199 1.12 -27.37 47.20
N SER F 200 0.68 -28.27 46.34
CA SER F 200 1.56 -29.34 45.89
C SER F 200 1.60 -29.32 44.36
N GLY F 201 2.47 -30.15 43.80
CA GLY F 201 2.53 -30.37 42.35
C GLY F 201 3.89 -30.20 41.68
N SER F 202 3.94 -30.64 40.42
CA SER F 202 5.14 -30.51 39.58
C SER F 202 4.82 -30.70 38.08
N GLY F 203 5.65 -30.08 37.24
CA GLY F 203 5.50 -30.19 35.79
C GLY F 203 4.26 -29.51 35.27
N THR F 204 3.16 -30.26 35.18
CA THR F 204 1.88 -29.72 34.66
C THR F 204 0.68 -29.82 35.60
N ASP F 205 0.71 -30.73 36.56
CA ASP F 205 -0.42 -30.88 37.51
C ASP F 205 -0.09 -30.37 38.89
N PHE F 206 -0.91 -29.42 39.36
CA PHE F 206 -0.77 -28.78 40.67
C PHE F 206 -2.09 -28.75 41.40
N THR F 207 -2.03 -28.73 42.73
CA THR F 207 -3.25 -28.71 43.54
C THR F 207 -3.13 -27.81 44.76
N LEU F 208 -4.22 -27.09 45.03
CA LEU F 208 -4.39 -26.32 46.26
C LEU F 208 -5.29 -27.12 47.19
N THR F 209 -4.98 -27.12 48.48
CA THR F 209 -5.72 -27.95 49.45
C THR F 209 -5.95 -27.22 50.76
N ILE F 210 -7.20 -27.31 51.23
CA ILE F 210 -7.59 -26.70 52.49
C ILE F 210 -8.00 -27.81 53.45
N SER F 211 -7.13 -28.09 54.44
CA SER F 211 -7.30 -29.28 55.32
C SER F 211 -8.62 -29.24 56.02
N SER F 212 -8.92 -28.07 56.57
CA SER F 212 -10.14 -27.90 57.35
C SER F 212 -10.81 -26.63 56.88
N LEU F 213 -11.91 -26.78 56.19
CA LEU F 213 -12.63 -25.63 55.67
C LEU F 213 -13.18 -24.72 56.78
N GLN F 214 -12.82 -23.44 56.72
CA GLN F 214 -13.34 -22.42 57.62
C GLN F 214 -14.22 -21.47 56.84
N ALA F 215 -15.17 -20.85 57.50
CA ALA F 215 -16.11 -19.94 56.81
C ALA F 215 -15.41 -18.77 56.10
N GLU F 216 -14.27 -18.34 56.63
CA GLU F 216 -13.44 -17.31 56.00
C GLU F 216 -13.00 -17.66 54.58
N ASP F 217 -12.85 -18.97 54.34
CA ASP F 217 -12.29 -19.47 53.09
C ASP F 217 -13.22 -19.42 51.88
N VAL F 218 -14.50 -19.15 52.13
CA VAL F 218 -15.47 -19.08 51.02
C VAL F 218 -15.06 -17.94 50.11
N ALA F 219 -14.58 -18.30 48.93
CA ALA F 219 -14.02 -17.33 48.01
C ALA F 219 -13.83 -17.93 46.62
N VAL F 220 -13.35 -17.11 45.69
CA VAL F 220 -12.93 -17.61 44.38
C VAL F 220 -11.43 -17.81 44.43
N TYR F 221 -10.95 -18.93 43.91
CA TYR F 221 -9.53 -19.23 43.91
C TYR F 221 -9.02 -19.27 42.49
N TYR F 222 -7.87 -18.66 42.26
CA TYR F 222 -7.25 -18.64 40.94
C TYR F 222 -5.84 -19.18 41.02
N CYS F 223 -5.49 -20.02 40.06
CA CYS F 223 -4.12 -20.49 39.92
C CYS F 223 -3.48 -19.61 38.83
N GLN F 224 -2.16 -19.62 38.72
CA GLN F 224 -1.46 -18.77 37.73
C GLN F 224 -0.04 -19.22 37.45
N ARG F 225 0.35 -19.16 36.18
CA ARG F 225 1.72 -19.43 35.75
C ARG F 225 2.46 -18.10 35.63
N SER F 226 3.78 -18.10 35.84
CA SER F 226 4.58 -16.87 35.62
C SER F 226 6.00 -17.09 35.07
N ASN F 227 6.32 -18.31 34.64
CA ASN F 227 7.68 -18.58 34.18
C ASN F 227 7.99 -17.84 32.90
N GLU F 228 7.15 -18.01 31.91
CA GLU F 228 7.32 -17.32 30.66
C GLU F 228 6.00 -16.61 30.35
N VAL F 229 6.06 -15.50 29.63
CA VAL F 229 4.84 -14.76 29.29
C VAL F 229 4.07 -15.48 28.18
N PRO F 230 2.73 -15.38 28.17
CA PRO F 230 1.89 -14.68 29.13
C PRO F 230 1.84 -15.34 30.50
N TRP F 231 1.61 -14.53 31.52
CA TRP F 231 1.46 -15.00 32.89
C TRP F 231 0.00 -15.29 33.15
N THR F 232 -0.47 -16.30 32.44
CA THR F 232 -1.88 -16.63 32.34
C THR F 232 -2.47 -17.13 33.67
N PHE F 233 -3.71 -16.71 33.94
CA PHE F 233 -4.49 -17.14 35.12
C PHE F 233 -5.42 -18.29 34.75
N GLY F 234 -5.77 -19.10 35.75
CA GLY F 234 -6.81 -20.09 35.59
C GLY F 234 -8.16 -19.40 35.58
N GLN F 235 -9.22 -20.12 35.21
CA GLN F 235 -10.55 -19.48 35.02
C GLN F 235 -11.26 -19.24 36.34
N GLY F 236 -10.71 -19.78 37.43
CA GLY F 236 -11.25 -19.54 38.76
C GLY F 236 -12.10 -20.68 39.26
N THR F 237 -12.09 -20.86 40.58
CA THR F 237 -12.89 -21.88 41.24
C THR F 237 -13.64 -21.29 42.44
N LYS F 238 -14.95 -21.17 42.30
CA LYS F 238 -15.79 -20.66 43.35
C LYS F 238 -15.93 -21.74 44.40
N LEU F 239 -15.43 -21.47 45.61
CA LEU F 239 -15.54 -22.39 46.74
C LEU F 239 -16.63 -21.91 47.68
N GLU F 240 -17.53 -22.82 48.01
CA GLU F 240 -18.70 -22.50 48.80
C GLU F 240 -18.86 -23.49 49.94
N ILE F 241 -19.79 -23.19 50.82
CA ILE F 241 -20.16 -24.08 51.93
C ILE F 241 -21.37 -24.92 51.54
N LYS F 242 -21.39 -26.18 51.98
CA LYS F 242 -22.58 -27.02 51.77
C LYS F 242 -23.79 -26.50 52.59
N ARG F 243 -24.89 -26.10 51.90
CA ARG F 243 -26.06 -25.34 52.42
C ARG F 243 -25.68 -24.37 53.54
N TYR G 8 26.13 -7.42 61.38
CA TYR G 8 24.72 -7.92 61.25
C TYR G 8 24.69 -9.44 61.29
N THR G 9 23.48 -10.00 61.32
CA THR G 9 23.31 -11.45 61.46
C THR G 9 22.65 -12.03 60.22
N MET G 10 22.86 -13.33 60.02
CA MET G 10 22.29 -14.05 58.89
C MET G 10 20.76 -13.95 58.95
N CYS G 11 20.12 -13.96 57.79
CA CYS G 11 18.66 -13.90 57.76
C CYS G 11 17.97 -15.25 57.92
N SER G 12 16.99 -15.24 58.81
CA SER G 12 16.22 -16.43 59.20
C SER G 12 15.21 -16.90 58.15
N GLY G 13 14.47 -15.94 57.59
CA GLY G 13 13.32 -16.23 56.73
C GLY G 13 13.60 -16.56 55.26
N LYS G 14 12.50 -16.59 54.51
CA LYS G 14 12.51 -16.96 53.09
C LYS G 14 12.82 -15.78 52.20
N PHE G 15 13.27 -16.08 50.99
CA PHE G 15 13.47 -15.05 49.95
C PHE G 15 12.69 -15.41 48.68
N SER G 16 12.49 -14.41 47.84
CA SER G 16 11.79 -14.59 46.55
C SER G 16 12.49 -13.77 45.48
N ILE G 17 12.48 -14.28 44.25
CA ILE G 17 13.12 -13.59 43.12
C ILE G 17 12.15 -12.62 42.50
N ASP G 18 12.58 -11.37 42.34
CA ASP G 18 11.70 -10.30 41.88
C ASP G 18 11.76 -10.06 40.37
N LYS G 19 12.85 -10.51 39.76
CA LYS G 19 13.08 -10.28 38.32
C LYS G 19 13.95 -11.35 37.71
N GLU G 20 13.72 -11.56 36.42
CA GLU G 20 14.44 -12.55 35.63
C GLU G 20 15.92 -12.23 35.65
N MET G 21 16.74 -13.20 36.03
CA MET G 21 18.20 -13.01 36.14
C MET G 21 18.82 -12.55 34.82
N ALA G 22 19.68 -11.52 34.90
CA ALA G 22 20.35 -10.85 33.73
C ALA G 22 21.84 -11.23 33.51
N GLU G 23 22.37 -10.99 32.29
CA GLU G 23 23.72 -11.39 31.84
C GLU G 23 24.67 -10.18 31.58
N THR G 24 25.58 -9.92 32.51
CA THR G 24 26.51 -8.76 32.38
C THR G 24 27.67 -9.06 31.44
N GLN G 25 28.33 -7.96 31.08
CA GLN G 25 29.52 -7.97 30.22
C GLN G 25 30.81 -8.33 30.94
N HIS G 26 30.74 -8.57 32.26
CA HIS G 26 31.92 -8.88 33.08
C HIS G 26 32.15 -10.38 33.12
N GLY G 27 31.13 -11.13 32.72
CA GLY G 27 31.05 -12.56 32.99
C GLY G 27 30.26 -12.80 34.27
N THR G 28 29.51 -11.79 34.72
CA THR G 28 28.69 -11.88 35.93
C THR G 28 27.21 -11.99 35.63
N THR G 29 26.46 -12.33 36.68
CA THR G 29 25.01 -12.50 36.61
C THR G 29 24.39 -11.84 37.85
N VAL G 30 23.34 -11.03 37.65
CA VAL G 30 22.70 -10.29 38.75
C VAL G 30 21.31 -10.85 39.16
N VAL G 31 21.15 -11.07 40.46
CA VAL G 31 19.94 -11.62 41.05
C VAL G 31 19.29 -10.59 41.96
N LYS G 32 18.05 -10.27 41.67
CA LYS G 32 17.28 -9.27 42.43
C LYS G 32 16.27 -9.97 43.35
N VAL G 33 16.52 -9.99 44.65
CA VAL G 33 15.69 -10.76 45.60
C VAL G 33 15.03 -9.95 46.71
N LYS G 34 13.84 -10.41 47.12
CA LYS G 34 13.03 -9.77 48.17
C LYS G 34 12.95 -10.64 49.42
N TYR G 35 13.08 -10.02 50.59
CA TYR G 35 13.00 -10.73 51.86
C TYR G 35 11.56 -10.79 52.38
N GLU G 36 11.08 -12.01 52.66
CA GLU G 36 9.67 -12.27 53.05
C GLU G 36 9.40 -12.56 54.56
N GLY G 37 10.49 -12.66 55.32
CA GLY G 37 10.48 -13.01 56.76
C GLY G 37 10.79 -11.79 57.64
N ALA G 38 11.26 -12.03 58.86
CA ALA G 38 11.58 -10.96 59.84
C ALA G 38 13.05 -10.94 60.28
N GLY G 39 13.47 -9.85 60.92
CA GLY G 39 14.84 -9.70 61.43
C GLY G 39 15.73 -8.82 60.57
N ALA G 40 15.11 -7.84 59.91
CA ALA G 40 15.84 -6.89 59.07
C ALA G 40 16.24 -5.67 59.92
N PRO G 41 17.36 -5.00 59.57
CA PRO G 41 18.29 -5.41 58.51
C PRO G 41 19.02 -6.72 58.86
N CYS G 42 19.52 -7.41 57.83
CA CYS G 42 20.21 -8.68 58.01
C CYS G 42 21.01 -9.09 56.76
N LYS G 43 21.83 -10.12 56.94
CA LYS G 43 22.66 -10.67 55.86
C LYS G 43 21.88 -11.71 55.08
N VAL G 44 22.06 -11.70 53.75
CA VAL G 44 21.38 -12.63 52.84
C VAL G 44 22.22 -13.90 52.73
N PRO G 45 21.68 -15.03 53.21
CA PRO G 45 22.42 -16.29 53.10
C PRO G 45 22.45 -16.84 51.67
N ILE G 46 23.52 -16.53 50.93
CA ILE G 46 23.63 -16.93 49.53
C ILE G 46 24.91 -17.72 49.24
N GLU G 47 24.79 -18.80 48.47
CA GLU G 47 25.94 -19.62 48.05
C GLU G 47 25.64 -20.30 46.71
N ILE G 48 26.67 -20.50 45.90
CA ILE G 48 26.52 -21.14 44.57
C ILE G 48 26.94 -22.61 44.70
N ARG G 49 26.25 -23.51 44.00
CA ARG G 49 26.57 -24.96 44.00
C ARG G 49 26.90 -25.48 42.60
N ASP G 50 27.61 -26.62 42.58
CA ASP G 50 28.14 -27.21 41.33
C ASP G 50 27.09 -27.93 40.49
N VAL G 51 27.52 -28.35 39.31
CA VAL G 51 26.71 -29.16 38.37
C VAL G 51 26.20 -30.45 39.06
N ASN G 52 27.04 -31.02 39.91
CA ASN G 52 26.71 -32.22 40.70
C ASN G 52 25.81 -31.93 41.91
N LYS G 53 25.59 -30.65 42.20
CA LYS G 53 24.72 -30.21 43.31
C LYS G 53 25.26 -30.62 44.69
N GLU G 54 26.58 -30.72 44.82
CA GLU G 54 27.25 -31.10 46.07
C GLU G 54 28.15 -29.99 46.64
N LYS G 55 29.19 -29.64 45.90
CA LYS G 55 30.22 -28.70 46.39
C LYS G 55 29.88 -27.21 46.12
N VAL G 56 30.29 -26.37 47.06
CA VAL G 56 30.01 -24.93 47.05
C VAL G 56 31.10 -24.18 46.26
N VAL G 57 30.87 -24.01 44.97
CA VAL G 57 31.82 -23.36 44.04
C VAL G 57 31.64 -21.83 43.93
N GLY G 58 32.35 -21.22 42.98
CA GLY G 58 32.19 -19.80 42.64
C GLY G 58 32.63 -18.82 43.73
N ARG G 59 32.53 -17.53 43.38
CA ARG G 59 32.75 -16.39 44.26
C ARG G 59 31.53 -15.46 44.08
N ILE G 60 31.16 -14.81 45.17
CA ILE G 60 30.05 -13.83 45.21
C ILE G 60 30.62 -12.41 45.07
N ILE G 61 30.38 -11.78 43.93
CA ILE G 61 30.96 -10.49 43.62
C ILE G 61 30.53 -9.41 44.64
N SER G 62 29.20 -9.26 44.82
CA SER G 62 28.61 -8.33 45.80
C SER G 62 28.99 -8.72 47.25
N SER G 63 29.83 -7.87 47.83
CA SER G 63 30.35 -8.12 49.16
C SER G 63 29.28 -7.93 50.24
N THR G 64 29.01 -9.02 50.96
CA THR G 64 28.15 -9.04 52.15
C THR G 64 26.73 -8.45 51.94
N PRO G 65 25.94 -9.08 51.06
CA PRO G 65 24.61 -8.59 50.69
C PRO G 65 23.68 -8.41 51.87
N LEU G 66 22.93 -7.31 51.85
CA LEU G 66 22.13 -6.90 52.99
C LEU G 66 20.66 -6.67 52.65
N ALA G 67 19.78 -7.31 53.42
CA ALA G 67 18.34 -7.10 53.29
C ALA G 67 17.90 -6.05 54.32
N GLU G 68 17.80 -4.80 53.88
CA GLU G 68 17.48 -3.64 54.76
C GLU G 68 16.08 -3.69 55.38
N ASN G 69 15.13 -4.25 54.64
CA ASN G 69 13.72 -4.36 55.04
C ASN G 69 12.97 -5.40 54.21
N THR G 70 11.72 -5.69 54.60
CA THR G 70 10.87 -6.65 53.87
C THR G 70 10.25 -6.13 52.53
N ASN G 71 10.30 -4.82 52.31
CA ASN G 71 9.73 -4.20 51.10
C ASN G 71 10.81 -4.08 50.01
N SER G 72 12.07 -4.06 50.44
CA SER G 72 13.19 -3.79 49.53
C SER G 72 13.76 -4.98 48.81
N VAL G 73 14.28 -4.68 47.62
CA VAL G 73 14.95 -5.63 46.74
C VAL G 73 16.46 -5.50 46.87
N THR G 74 17.10 -6.62 47.18
CA THR G 74 18.56 -6.68 47.29
C THR G 74 19.17 -7.18 45.96
N ASN G 75 20.11 -6.40 45.40
CA ASN G 75 20.75 -6.74 44.13
C ASN G 75 22.06 -7.48 44.38
N ILE G 76 22.14 -8.72 43.92
CA ILE G 76 23.35 -9.52 44.14
C ILE G 76 24.03 -9.89 42.79
N GLU G 77 25.23 -9.36 42.57
CA GLU G 77 26.06 -9.75 41.41
C GLU G 77 26.81 -11.04 41.80
N LEU G 78 27.02 -11.94 40.84
CA LEU G 78 27.79 -13.16 41.14
C LEU G 78 28.48 -13.73 39.94
N GLU G 79 29.51 -14.52 40.22
CA GLU G 79 30.32 -15.21 39.20
C GLU G 79 30.02 -16.71 39.18
N PRO G 80 29.13 -17.14 38.27
CA PRO G 80 28.78 -18.54 38.17
C PRO G 80 29.75 -19.28 37.24
N PRO G 81 29.98 -20.59 37.47
CA PRO G 81 30.76 -21.37 36.51
C PRO G 81 29.96 -21.64 35.23
N PHE G 82 30.65 -21.80 34.11
CA PHE G 82 29.96 -22.00 32.82
C PHE G 82 29.06 -23.22 32.88
N GLY G 83 27.92 -23.13 32.19
CA GLY G 83 26.92 -24.20 32.18
C GLY G 83 26.07 -24.22 33.44
N ASP G 84 25.76 -25.43 33.91
CA ASP G 84 24.88 -25.63 35.05
C ASP G 84 25.51 -25.21 36.40
N SER G 85 24.73 -24.49 37.19
CA SER G 85 25.07 -24.06 38.57
C SER G 85 23.75 -23.89 39.34
N TYR G 86 23.80 -24.05 40.66
CA TYR G 86 22.59 -23.90 41.51
C TYR G 86 22.78 -22.82 42.56
N ILE G 87 22.04 -21.72 42.42
CA ILE G 87 22.16 -20.58 43.35
C ILE G 87 21.14 -20.75 44.47
N VAL G 88 21.63 -20.75 45.71
CA VAL G 88 20.78 -20.98 46.88
C VAL G 88 20.72 -19.77 47.78
N ILE G 89 19.51 -19.22 47.93
CA ILE G 89 19.25 -18.03 48.75
C ILE G 89 18.36 -18.37 49.96
N GLY G 90 18.86 -18.06 51.15
CA GLY G 90 18.14 -18.36 52.41
C GLY G 90 18.59 -19.66 53.04
N VAL G 91 17.92 -20.04 54.11
CA VAL G 91 18.30 -21.25 54.86
C VAL G 91 17.25 -22.34 54.75
N GLY G 92 17.69 -23.59 54.85
CA GLY G 92 16.76 -24.75 54.90
C GLY G 92 16.00 -25.19 53.64
N ASN G 93 14.73 -25.61 53.86
CA ASN G 93 13.81 -26.08 52.81
C ASN G 93 13.14 -24.87 52.13
N SER G 94 12.95 -23.84 52.94
CA SER G 94 12.43 -22.55 52.50
C SER G 94 13.48 -21.79 51.65
N ALA G 95 14.67 -22.36 51.60
CA ALA G 95 15.74 -21.85 50.76
C ALA G 95 15.38 -21.98 49.29
N LEU G 96 15.30 -20.83 48.63
CA LEU G 96 15.06 -20.74 47.20
C LEU G 96 16.26 -21.30 46.46
N THR G 97 16.03 -22.19 45.50
CA THR G 97 17.13 -22.73 44.71
C THR G 97 16.92 -22.48 43.22
N LEU G 98 17.88 -21.76 42.63
CA LEU G 98 17.80 -21.38 41.22
C LEU G 98 18.82 -22.12 40.36
N HIS G 99 18.34 -23.00 39.50
CA HIS G 99 19.20 -23.64 38.49
C HIS G 99 19.57 -22.68 37.37
N TRP G 100 20.88 -22.57 37.12
CA TRP G 100 21.46 -21.71 36.08
C TRP G 100 22.72 -22.37 35.50
N GLN H 2 -26.83 -10.10 -5.15
CA GLN H 2 -25.66 -10.50 -6.02
C GLN H 2 -24.43 -9.59 -6.00
N VAL H 3 -23.35 -10.19 -6.46
CA VAL H 3 -22.07 -9.53 -6.52
C VAL H 3 -22.00 -8.65 -7.76
N GLN H 4 -22.30 -7.36 -7.60
CA GLN H 4 -22.13 -6.28 -8.64
C GLN H 4 -21.13 -5.21 -8.20
N LEU H 5 -20.50 -5.45 -7.08
CA LEU H 5 -19.50 -4.54 -6.58
C LEU H 5 -18.15 -5.19 -6.79
N VAL H 6 -17.21 -4.43 -7.35
CA VAL H 6 -15.86 -4.92 -7.63
C VAL H 6 -14.84 -4.42 -6.61
N GLN H 7 -14.36 -5.35 -5.80
CA GLN H 7 -13.40 -5.05 -4.77
C GLN H 7 -11.96 -5.28 -5.20
N SER H 8 -11.03 -4.70 -4.46
CA SER H 8 -9.62 -4.85 -4.74
C SER H 8 -9.17 -6.28 -4.45
N GLY H 9 -7.97 -6.57 -4.92
CA GLY H 9 -7.33 -7.85 -4.72
C GLY H 9 -6.96 -8.11 -3.26
N ALA H 10 -6.89 -9.40 -2.96
CA ALA H 10 -6.59 -9.88 -1.61
C ALA H 10 -5.17 -9.51 -1.19
N GLU H 11 -5.05 -8.92 -0.01
CA GLU H 11 -3.75 -8.43 0.49
C GLU H 11 -3.23 -9.24 1.66
N VAL H 12 -1.92 -9.36 1.74
CA VAL H 12 -1.24 -9.92 2.91
C VAL H 12 -0.43 -8.82 3.59
N LYS H 13 -0.64 -8.66 4.89
CA LYS H 13 -0.05 -7.56 5.67
C LYS H 13 0.57 -8.05 6.99
N LYS H 14 1.56 -7.29 7.46
CA LYS H 14 2.26 -7.59 8.72
C LYS H 14 1.51 -6.95 9.89
N PRO H 15 1.63 -7.52 11.11
CA PRO H 15 0.90 -6.93 12.23
C PRO H 15 1.35 -5.51 12.50
N GLY H 16 0.40 -4.68 12.88
CA GLY H 16 0.66 -3.26 13.06
C GLY H 16 1.03 -2.69 11.67
N ALA H 17 0.25 -3.01 10.64
CA ALA H 17 0.26 -2.27 9.40
C ALA H 17 -1.14 -1.69 9.20
N SER H 18 -1.34 -1.00 8.09
CA SER H 18 -2.69 -0.56 7.69
C SER H 18 -2.98 -1.19 6.33
N VAL H 19 -4.26 -1.43 6.08
CA VAL H 19 -4.72 -1.93 4.77
C VAL H 19 -5.84 -1.07 4.20
N LYS H 20 -5.82 -0.90 2.87
CA LYS H 20 -6.86 -0.13 2.18
C LYS H 20 -7.45 -0.98 1.08
N VAL H 21 -8.75 -1.23 1.19
CA VAL H 21 -9.52 -2.04 0.22
C VAL H 21 -10.41 -1.12 -0.59
N SER H 22 -10.42 -1.33 -1.90
CA SER H 22 -11.23 -0.52 -2.82
C SER H 22 -12.51 -1.25 -3.15
N CYS H 23 -13.52 -0.50 -3.59
CA CYS H 23 -14.81 -1.10 -3.99
C CYS H 23 -15.55 -0.31 -5.07
N LYS H 24 -15.47 -0.79 -6.32
CA LYS H 24 -15.99 -0.06 -7.50
C LYS H 24 -17.41 -0.50 -7.90
N ALA H 25 -18.31 0.49 -7.89
CA ALA H 25 -19.74 0.26 -8.15
C ALA H 25 -20.18 0.63 -9.56
N GLY H 26 -21.12 -0.16 -10.08
CA GLY H 26 -21.71 0.10 -11.40
C GLY H 26 -22.90 1.05 -11.41
N PHE H 27 -23.11 1.75 -10.31
CA PHE H 27 -24.25 2.68 -10.16
C PHE H 27 -23.75 3.90 -9.41
N ASN H 28 -24.59 4.93 -9.35
CA ASN H 28 -24.18 6.17 -8.71
C ASN H 28 -24.19 6.08 -7.19
N ILE H 29 -23.00 6.04 -6.59
CA ILE H 29 -22.88 5.83 -5.14
C ILE H 29 -23.37 7.03 -4.32
N LYS H 30 -23.54 8.19 -4.95
CA LYS H 30 -24.00 9.40 -4.25
C LYS H 30 -25.33 9.21 -3.49
N ASP H 31 -26.26 8.45 -4.09
CA ASP H 31 -27.61 8.29 -3.53
C ASP H 31 -27.84 6.95 -2.85
N VAL H 32 -26.84 6.49 -2.11
CA VAL H 32 -26.82 5.12 -1.61
C VAL H 32 -26.16 5.08 -0.25
N TYR H 33 -26.41 4.02 0.50
CA TYR H 33 -25.67 3.74 1.74
C TYR H 33 -24.64 2.59 1.58
N MET H 34 -23.38 2.96 1.41
CA MET H 34 -22.27 1.98 1.20
C MET H 34 -21.68 1.49 2.50
N SER H 35 -21.79 0.19 2.75
CA SER H 35 -21.39 -0.44 4.00
C SER H 35 -20.23 -1.39 3.78
N TRP H 36 -19.53 -1.69 4.87
CA TRP H 36 -18.42 -2.66 4.88
C TRP H 36 -18.66 -3.71 5.97
N VAL H 37 -18.45 -4.97 5.63
CA VAL H 37 -18.75 -6.08 6.51
C VAL H 37 -17.58 -7.02 6.51
N ARG H 38 -17.13 -7.40 7.69
CA ARG H 38 -15.95 -8.25 7.84
C ARG H 38 -16.40 -9.64 8.32
N GLN H 39 -15.67 -10.67 7.90
CA GLN H 39 -15.98 -12.00 8.35
C GLN H 39 -14.75 -12.83 8.60
N ALA H 40 -14.47 -13.06 9.88
CA ALA H 40 -13.32 -13.87 10.29
C ALA H 40 -13.53 -15.33 9.93
N PRO H 41 -12.45 -16.10 9.68
CA PRO H 41 -12.64 -17.49 9.33
C PRO H 41 -13.57 -18.22 10.33
N GLU H 42 -14.59 -18.91 9.80
CA GLU H 42 -15.65 -19.61 10.59
C GLU H 42 -16.01 -18.80 11.85
N GLN H 43 -16.37 -17.55 11.63
CA GLN H 43 -16.99 -16.76 12.62
C GLN H 43 -18.09 -16.17 11.79
N GLY H 44 -18.97 -15.40 12.42
CA GLY H 44 -20.10 -14.82 11.72
C GLY H 44 -19.77 -13.53 11.02
N LEU H 45 -20.83 -12.87 10.55
CA LEU H 45 -20.73 -11.58 9.85
C LEU H 45 -20.71 -10.48 10.88
N GLU H 46 -19.83 -9.50 10.67
CA GLU H 46 -19.74 -8.35 11.56
C GLU H 46 -19.80 -7.09 10.73
N TRP H 47 -20.83 -6.28 10.92
CA TRP H 47 -20.93 -5.01 10.21
C TRP H 47 -19.88 -4.05 10.75
N MET H 48 -19.17 -3.37 9.86
CA MET H 48 -18.08 -2.46 10.25
C MET H 48 -18.51 -1.00 10.27
N GLY H 49 -19.25 -0.58 9.25
CA GLY H 49 -19.79 0.78 9.22
C GLY H 49 -20.46 1.07 7.90
N ARG H 50 -20.94 2.30 7.76
CA ARG H 50 -21.58 2.79 6.52
C ARG H 50 -21.23 4.25 6.24
N ILE H 51 -21.09 4.58 4.95
CA ILE H 51 -20.79 5.94 4.51
C ILE H 51 -21.90 6.43 3.59
N ASP H 52 -22.27 7.68 3.75
CA ASP H 52 -23.15 8.35 2.81
C ASP H 52 -22.24 9.17 1.91
N PRO H 53 -22.01 8.72 0.66
CA PRO H 53 -21.03 9.43 -0.16
C PRO H 53 -21.42 10.84 -0.54
N GLU H 54 -22.72 11.16 -0.49
CA GLU H 54 -23.20 12.52 -0.80
C GLU H 54 -22.57 13.56 0.12
N ASN H 55 -22.63 13.31 1.42
CA ASN H 55 -22.06 14.22 2.41
C ASN H 55 -20.81 13.70 3.14
N GLY H 56 -20.36 12.50 2.79
CA GLY H 56 -19.21 11.87 3.45
C GLY H 56 -19.42 11.51 4.92
N ASP H 57 -20.69 11.42 5.33
CA ASP H 57 -21.04 11.06 6.71
C ASP H 57 -20.65 9.60 6.97
N THR H 58 -19.81 9.40 7.96
CA THR H 58 -19.40 8.06 8.32
C THR H 58 -19.88 7.73 9.72
N LYS H 59 -20.51 6.56 9.83
CA LYS H 59 -20.90 5.92 11.09
C LYS H 59 -20.22 4.55 11.17
N TYR H 60 -19.56 4.25 12.28
CA TYR H 60 -18.80 3.00 12.40
C TYR H 60 -19.28 2.12 13.56
N ASP H 61 -18.76 0.90 13.61
CA ASP H 61 -19.02 -0.02 14.70
C ASP H 61 -18.04 0.28 15.83
N PRO H 62 -18.53 0.27 17.07
CA PRO H 62 -17.67 0.63 18.20
C PRO H 62 -16.47 -0.33 18.37
N LYS H 63 -16.65 -1.58 17.95
CA LYS H 63 -15.60 -2.60 17.89
C LYS H 63 -14.37 -2.20 17.04
N LEU H 64 -14.55 -1.27 16.12
CA LEU H 64 -13.48 -0.75 15.27
C LEU H 64 -13.25 0.77 15.34
N GLN H 65 -14.06 1.48 16.11
CA GLN H 65 -14.01 2.95 16.13
C GLN H 65 -12.57 3.48 16.30
N GLY H 66 -12.17 4.40 15.44
CA GLY H 66 -10.82 4.98 15.46
C GLY H 66 -9.76 4.21 14.69
N ARG H 67 -10.02 2.94 14.41
CA ARG H 67 -9.14 2.11 13.61
C ARG H 67 -9.55 2.02 12.13
N VAL H 68 -10.81 2.34 11.85
CA VAL H 68 -11.35 2.34 10.47
C VAL H 68 -11.63 3.72 9.91
N THR H 69 -11.36 3.84 8.63
CA THR H 69 -11.58 5.07 7.87
C THR H 69 -12.23 4.74 6.52
N MET H 70 -13.50 5.12 6.41
CA MET H 70 -14.27 4.83 5.22
C MET H 70 -14.43 6.09 4.40
N THR H 71 -14.13 5.97 3.12
CA THR H 71 -14.21 7.08 2.20
C THR H 71 -14.96 6.66 0.94
N ALA H 72 -15.22 7.65 0.09
CA ALA H 72 -15.91 7.45 -1.19
C ALA H 72 -15.57 8.53 -2.22
N ASP H 73 -15.37 8.12 -3.47
CA ASP H 73 -15.20 9.05 -4.59
C ASP H 73 -16.42 8.95 -5.48
N THR H 74 -17.31 9.93 -5.41
CA THR H 74 -18.54 9.92 -6.22
C THR H 74 -18.30 10.06 -7.75
N SER H 75 -17.16 10.64 -8.12
CA SER H 75 -16.80 10.76 -9.53
C SER H 75 -16.50 9.38 -10.13
N THR H 76 -15.67 8.59 -9.44
CA THR H 76 -15.29 7.23 -9.91
C THR H 76 -16.20 6.13 -9.34
N ASN H 77 -17.26 6.53 -8.64
CA ASN H 77 -18.19 5.58 -8.01
C ASN H 77 -17.49 4.41 -7.29
N THR H 78 -16.44 4.77 -6.54
CA THR H 78 -15.61 3.81 -5.81
C THR H 78 -15.66 4.18 -4.35
N ALA H 79 -15.84 3.19 -3.50
CA ALA H 79 -15.78 3.38 -2.06
C ALA H 79 -14.54 2.70 -1.51
N TYR H 80 -14.00 3.29 -0.44
CA TYR H 80 -12.79 2.74 0.14
C TYR H 80 -12.99 2.49 1.61
N MET H 81 -12.07 1.68 2.14
CA MET H 81 -12.02 1.28 3.54
C MET H 81 -10.57 1.14 3.97
N GLU H 82 -10.20 1.86 5.00
CA GLU H 82 -8.84 1.77 5.55
C GLU H 82 -8.89 1.27 6.99
N LEU H 83 -8.15 0.21 7.26
CA LEU H 83 -8.08 -0.37 8.61
C LEU H 83 -6.65 -0.38 9.12
N ARG H 84 -6.43 0.27 10.26
CA ARG H 84 -5.08 0.44 10.79
C ARG H 84 -4.76 -0.46 11.97
N SER H 85 -3.48 -0.49 12.32
CA SER H 85 -2.98 -1.22 13.48
C SER H 85 -3.46 -2.66 13.51
N LEU H 86 -3.13 -3.36 12.45
CA LEU H 86 -3.66 -4.69 12.21
C LEU H 86 -3.16 -5.72 13.24
N ARG H 87 -4.09 -6.54 13.74
CA ARG H 87 -3.76 -7.69 14.62
C ARG H 87 -3.98 -8.93 13.77
N SER H 88 -3.43 -10.07 14.23
CA SER H 88 -3.67 -11.38 13.58
C SER H 88 -5.18 -11.66 13.64
N ASP H 89 -5.78 -11.20 14.74
CA ASP H 89 -7.23 -11.11 14.95
C ASP H 89 -8.01 -10.65 13.68
N ASP H 90 -7.52 -9.61 13.01
CA ASP H 90 -8.19 -8.98 11.84
C ASP H 90 -8.13 -9.75 10.53
N THR H 91 -7.44 -10.88 10.54
CA THR H 91 -7.42 -11.76 9.39
C THR H 91 -8.84 -12.21 9.15
N ALA H 92 -9.39 -11.76 8.03
CA ALA H 92 -10.80 -11.96 7.71
C ALA H 92 -11.01 -11.71 6.24
N VAL H 93 -12.24 -11.95 5.81
CA VAL H 93 -12.67 -11.58 4.48
C VAL H 93 -13.48 -10.29 4.63
N TYR H 94 -13.16 -9.32 3.80
CA TYR H 94 -13.72 -7.99 3.89
C TYR H 94 -14.64 -7.76 2.73
N TYR H 95 -15.93 -7.71 3.04
CA TYR H 95 -16.97 -7.50 2.05
C TYR H 95 -17.39 -6.04 2.00
N CYS H 96 -17.69 -5.63 0.78
CA CYS H 96 -18.13 -4.29 0.49
C CYS H 96 -19.57 -4.44 0.06
N ALA H 97 -20.48 -3.67 0.63
CA ALA H 97 -21.90 -3.84 0.30
C ALA H 97 -22.68 -2.55 0.15
N ARG H 98 -23.83 -2.63 -0.52
CA ARG H 98 -24.72 -1.47 -0.78
C ARG H 98 -26.14 -1.75 -0.38
N GLY H 99 -26.79 -0.71 0.16
CA GLY H 99 -28.20 -0.75 0.52
C GLY H 99 -28.52 -0.35 1.95
N TRP H 100 -29.80 -0.07 2.15
CA TRP H 100 -30.34 0.21 3.48
C TRP H 100 -31.28 -0.92 3.93
N GLU H 101 -32.35 -1.17 3.16
CA GLU H 101 -33.27 -2.26 3.47
C GLU H 101 -32.64 -3.57 3.03
N GLY H 102 -31.68 -4.01 3.84
CA GLY H 102 -30.86 -5.16 3.51
C GLY H 102 -29.79 -4.78 2.49
N PHE H 103 -28.73 -5.57 2.49
CA PHE H 103 -27.66 -5.36 1.54
C PHE H 103 -27.90 -6.24 0.32
N ALA H 104 -28.62 -5.69 -0.65
CA ALA H 104 -28.89 -6.39 -1.91
C ALA H 104 -27.65 -6.61 -2.77
N TYR H 105 -26.72 -5.67 -2.70
CA TYR H 105 -25.51 -5.73 -3.51
C TYR H 105 -24.29 -5.94 -2.64
N TRP H 106 -23.46 -6.89 -3.03
CA TRP H 106 -22.24 -7.24 -2.30
C TRP H 106 -21.07 -7.29 -3.24
N GLY H 107 -19.88 -7.28 -2.67
CA GLY H 107 -18.67 -7.48 -3.42
C GLY H 107 -18.22 -8.93 -3.29
N GLN H 108 -17.25 -9.30 -4.11
CA GLN H 108 -16.69 -10.67 -4.13
C GLN H 108 -15.91 -11.00 -2.85
N GLY H 109 -15.44 -9.97 -2.18
CA GLY H 109 -14.70 -10.11 -0.92
C GLY H 109 -13.22 -9.93 -1.13
N THR H 110 -12.58 -9.42 -0.10
CA THR H 110 -11.14 -9.17 -0.15
C THR H 110 -10.56 -9.86 1.09
N LEU H 111 -9.76 -10.90 0.88
CA LEU H 111 -9.13 -11.59 2.01
C LEU H 111 -7.88 -10.84 2.47
N VAL H 112 -7.97 -10.26 3.66
CA VAL H 112 -6.83 -9.62 4.29
C VAL H 112 -6.23 -10.59 5.30
N THR H 113 -4.96 -10.91 5.12
CA THR H 113 -4.27 -11.91 5.95
C THR H 113 -3.14 -11.27 6.74
N VAL H 114 -3.32 -11.17 8.05
CA VAL H 114 -2.37 -10.53 8.94
C VAL H 114 -1.52 -11.56 9.67
N SER H 115 -0.24 -11.63 9.30
CA SER H 115 0.67 -12.64 9.80
C SER H 115 2.09 -12.10 9.94
N SER H 116 2.87 -12.69 10.86
CA SER H 116 4.28 -12.29 11.13
C SER H 116 5.32 -13.33 10.66
N SER H 131 -28.63 2.63 19.88
CA SER H 131 -27.29 2.53 20.45
C SER H 131 -26.77 1.08 20.35
N ASP H 132 -26.45 0.39 21.46
CA ASP H 132 -25.75 -0.92 21.46
C ASP H 132 -26.70 -2.14 21.58
N ILE H 133 -27.19 -2.53 20.42
CA ILE H 133 -28.23 -3.55 20.26
C ILE H 133 -27.64 -4.93 20.39
N VAL H 134 -28.41 -5.81 20.99
CA VAL H 134 -28.07 -7.23 21.00
C VAL H 134 -29.06 -7.97 20.11
N MET H 135 -28.53 -8.63 19.09
CA MET H 135 -29.32 -9.41 18.15
C MET H 135 -29.16 -10.88 18.49
N THR H 136 -30.29 -11.54 18.77
CA THR H 136 -30.22 -12.93 19.21
C THR H 136 -30.98 -13.89 18.33
N GLN H 137 -30.20 -14.68 17.63
CA GLN H 137 -30.65 -15.66 16.68
C GLN H 137 -30.78 -16.99 17.38
N SER H 138 -31.86 -17.71 17.09
CA SER H 138 -32.10 -19.02 17.71
C SER H 138 -32.68 -19.98 16.68
N PRO H 139 -32.18 -21.23 16.66
CA PRO H 139 -31.07 -21.73 17.44
C PRO H 139 -29.73 -21.37 16.80
N ALA H 140 -28.65 -21.94 17.32
CA ALA H 140 -27.33 -21.73 16.77
C ALA H 140 -27.19 -22.59 15.54
N SER H 141 -27.87 -23.71 15.57
CA SER H 141 -27.88 -24.64 14.45
C SER H 141 -29.06 -25.57 14.60
N LEU H 142 -29.50 -26.13 13.48
CA LEU H 142 -30.61 -27.05 13.49
C LEU H 142 -30.59 -27.92 12.27
N ALA H 143 -31.11 -29.13 12.41
CA ALA H 143 -31.30 -30.06 11.30
C ALA H 143 -32.76 -30.37 11.11
N VAL H 144 -33.22 -30.35 9.86
CA VAL H 144 -34.54 -30.82 9.55
C VAL H 144 -34.46 -31.65 8.26
N SER H 145 -35.47 -32.51 8.07
CA SER H 145 -35.51 -33.42 6.92
C SER H 145 -35.97 -32.72 5.66
N LEU H 146 -35.54 -33.27 4.51
CA LEU H 146 -35.94 -32.71 3.20
C LEU H 146 -37.44 -32.53 3.10
N GLY H 147 -37.86 -31.50 2.41
CA GLY H 147 -39.27 -31.24 2.22
C GLY H 147 -39.99 -30.74 3.44
N GLN H 148 -39.38 -30.84 4.62
CA GLN H 148 -40.03 -30.39 5.86
C GLN H 148 -39.82 -28.90 6.12
N ARG H 149 -40.71 -28.37 6.94
CA ARG H 149 -40.76 -26.95 7.25
C ARG H 149 -39.68 -26.66 8.31
N ALA H 150 -38.91 -25.59 8.08
CA ALA H 150 -37.85 -25.13 9.01
C ALA H 150 -38.07 -23.68 9.43
N THR H 151 -37.76 -23.37 10.69
CA THR H 151 -37.96 -22.01 11.21
C THR H 151 -36.77 -21.53 12.06
N ILE H 152 -36.26 -20.35 11.71
CA ILE H 152 -35.20 -19.64 12.43
C ILE H 152 -35.76 -18.32 12.94
N SER H 153 -35.41 -17.97 14.18
CA SER H 153 -35.90 -16.73 14.82
C SER H 153 -34.79 -15.74 15.06
N CYS H 154 -35.18 -14.47 15.17
CA CYS H 154 -34.27 -13.40 15.57
C CYS H 154 -34.96 -12.47 16.56
N ARG H 155 -34.30 -12.16 17.67
CA ARG H 155 -34.86 -11.28 18.69
C ARG H 155 -33.91 -10.15 18.95
N ALA H 156 -34.41 -8.94 18.72
CA ALA H 156 -33.64 -7.72 18.90
C ALA H 156 -33.86 -7.14 20.28
N SER H 157 -32.82 -6.53 20.84
CA SER H 157 -32.92 -5.95 22.17
C SER H 157 -33.74 -4.66 22.15
N GLU H 158 -33.75 -3.97 21.03
CA GLU H 158 -34.54 -2.74 20.88
C GLU H 158 -35.54 -2.88 19.72
N ASN H 159 -36.29 -1.83 19.48
CA ASN H 159 -37.22 -1.76 18.37
C ASN H 159 -36.44 -1.58 17.06
N VAL H 160 -36.90 -2.23 16.00
CA VAL H 160 -36.25 -2.17 14.69
C VAL H 160 -37.15 -1.62 13.59
N ASP H 161 -38.24 -0.98 14.00
CA ASP H 161 -39.15 -0.29 13.09
C ASP H 161 -38.68 1.13 12.82
N LYS H 162 -39.00 1.60 11.63
CA LYS H 162 -38.75 2.96 11.22
C LYS H 162 -39.63 3.25 10.03
N TYR H 163 -40.24 4.43 10.02
CA TYR H 163 -41.18 4.81 8.96
C TYR H 163 -42.34 3.81 8.84
N GLY H 164 -42.67 3.16 9.94
CA GLY H 164 -43.82 2.24 9.99
C GLY H 164 -43.52 0.83 9.52
N ASN H 165 -42.28 0.57 9.18
CA ASN H 165 -41.84 -0.74 8.70
C ASN H 165 -40.72 -1.27 9.57
N SER H 166 -40.70 -2.59 9.73
CA SER H 166 -39.64 -3.26 10.49
C SER H 166 -38.41 -3.46 9.62
N PHE H 167 -37.28 -2.86 10.01
CA PHE H 167 -36.02 -2.96 9.22
C PHE H 167 -35.22 -4.17 9.67
N MET H 168 -35.76 -5.34 9.37
CA MET H 168 -35.16 -6.63 9.72
C MET H 168 -34.93 -7.39 8.42
N HIS H 169 -33.75 -7.97 8.25
CA HIS H 169 -33.39 -8.64 7.01
C HIS H 169 -32.73 -9.97 7.25
N TRP H 170 -32.81 -10.83 6.24
CA TRP H 170 -32.28 -12.18 6.34
C TRP H 170 -31.35 -12.48 5.21
N TYR H 171 -30.28 -13.19 5.53
CA TYR H 171 -29.27 -13.52 4.55
C TYR H 171 -28.95 -15.00 4.58
N GLN H 172 -28.66 -15.53 3.40
CA GLN H 172 -28.19 -16.90 3.26
C GLN H 172 -26.72 -16.82 2.93
N GLN H 173 -25.92 -17.71 3.49
CA GLN H 173 -24.51 -17.76 3.14
C GLN H 173 -24.00 -19.18 3.09
N LYS H 174 -23.70 -19.64 1.88
CA LYS H 174 -23.03 -20.92 1.73
C LYS H 174 -21.52 -20.64 1.86
N PRO H 175 -20.73 -21.65 2.28
CA PRO H 175 -19.31 -21.40 2.59
C PRO H 175 -18.45 -20.85 1.45
N GLY H 176 -17.49 -20.01 1.81
CA GLY H 176 -16.55 -19.42 0.86
C GLY H 176 -17.26 -18.66 -0.25
N GLN H 177 -18.35 -18.01 0.12
CA GLN H 177 -19.16 -17.22 -0.80
C GLN H 177 -19.73 -16.00 -0.10
N PRO H 178 -19.94 -14.89 -0.84
CA PRO H 178 -20.57 -13.77 -0.18
C PRO H 178 -22.01 -14.10 0.16
N PRO H 179 -22.57 -13.39 1.14
CA PRO H 179 -23.94 -13.64 1.51
C PRO H 179 -24.89 -13.20 0.43
N LYS H 180 -26.12 -13.64 0.60
CA LYS H 180 -27.17 -13.44 -0.38
C LYS H 180 -28.34 -12.88 0.41
N LEU H 181 -28.77 -11.66 0.08
N LEU H 181 -28.74 -11.69 0.02
CA LEU H 181 -29.95 -11.08 0.73
CA LEU H 181 -29.96 -11.03 0.33
C LEU H 181 -31.11 -11.92 0.25
C LEU H 181 -31.14 -11.97 0.16
N LEU H 182 -31.88 -12.40 1.21
CA LEU H 182 -33.09 -13.22 0.93
C LEU H 182 -34.37 -12.48 1.22
N ILE H 183 -34.46 -11.92 2.43
CA ILE H 183 -35.66 -11.22 2.85
C ILE H 183 -35.21 -9.88 3.37
N TYR H 184 -35.95 -8.84 3.03
CA TYR H 184 -35.70 -7.53 3.59
C TYR H 184 -37.00 -6.97 4.16
N ARG H 185 -36.92 -5.84 4.84
CA ARG H 185 -38.07 -5.18 5.43
C ARG H 185 -39.00 -6.20 6.12
N ALA H 186 -38.37 -7.10 6.87
CA ALA H 186 -39.01 -8.17 7.68
C ALA H 186 -39.68 -9.31 6.90
N SER H 187 -40.52 -8.94 5.94
CA SER H 187 -41.29 -9.90 5.14
C SER H 187 -41.02 -9.89 3.64
N GLU H 188 -40.53 -8.77 3.10
CA GLU H 188 -40.35 -8.64 1.65
C GLU H 188 -39.26 -9.54 1.10
N LEU H 189 -39.65 -10.30 0.07
CA LEU H 189 -38.82 -11.31 -0.54
C LEU H 189 -38.04 -10.71 -1.72
N GLN H 190 -36.73 -10.88 -1.69
CA GLN H 190 -35.86 -10.31 -2.69
C GLN H 190 -36.08 -11.01 -4.03
N TRP H 191 -35.85 -10.28 -5.12
CA TRP H 191 -36.07 -10.81 -6.48
C TRP H 191 -35.29 -12.09 -6.78
N GLY H 192 -36.01 -13.13 -7.20
CA GLY H 192 -35.42 -14.39 -7.57
C GLY H 192 -35.42 -15.43 -6.47
N VAL H 193 -35.64 -14.99 -5.24
CA VAL H 193 -35.62 -15.90 -4.10
C VAL H 193 -36.84 -16.82 -4.19
N PRO H 194 -36.65 -18.14 -3.99
CA PRO H 194 -37.80 -19.03 -4.10
C PRO H 194 -38.96 -18.74 -3.16
N ASP H 195 -40.15 -19.03 -3.66
CA ASP H 195 -41.43 -18.87 -2.97
C ASP H 195 -41.44 -19.47 -1.56
N ARG H 196 -40.76 -20.61 -1.41
CA ARG H 196 -40.73 -21.37 -0.15
C ARG H 196 -40.10 -20.60 1.02
N PHE H 197 -39.29 -19.59 0.72
CA PHE H 197 -38.76 -18.70 1.74
C PHE H 197 -39.79 -17.65 2.13
N SER H 198 -39.81 -17.29 3.41
CA SER H 198 -40.77 -16.30 3.94
C SER H 198 -40.27 -15.67 5.26
N GLY H 199 -40.65 -14.43 5.49
CA GLY H 199 -40.28 -13.72 6.71
C GLY H 199 -41.51 -13.16 7.39
N SER H 200 -41.64 -13.41 8.67
CA SER H 200 -42.72 -12.78 9.45
C SER H 200 -42.13 -12.03 10.62
N GLY H 201 -42.98 -11.30 11.35
CA GLY H 201 -42.59 -10.65 12.60
C GLY H 201 -42.88 -9.17 12.74
N SER H 202 -42.74 -8.68 13.97
CA SER H 202 -42.95 -7.27 14.30
C SER H 202 -42.32 -6.90 15.66
N GLY H 203 -41.95 -5.63 15.79
CA GLY H 203 -41.36 -5.12 17.03
C GLY H 203 -39.97 -5.68 17.33
N THR H 204 -39.93 -6.78 18.06
CA THR H 204 -38.64 -7.41 18.47
C THR H 204 -38.45 -8.85 18.05
N ASP H 205 -39.55 -9.57 17.80
CA ASP H 205 -39.46 -10.98 17.42
C ASP H 205 -39.82 -11.22 15.95
N PHE H 206 -38.88 -11.80 15.23
CA PHE H 206 -38.98 -12.07 13.79
C PHE H 206 -38.57 -13.49 13.49
N THR H 207 -39.11 -14.04 12.41
CA THR H 207 -38.80 -15.41 12.04
C THR H 207 -38.67 -15.61 10.53
N LEU H 208 -37.66 -16.39 10.15
CA LEU H 208 -37.48 -16.86 8.77
C LEU H 208 -37.99 -18.29 8.67
N THR H 209 -38.65 -18.60 7.57
CA THR H 209 -39.33 -19.90 7.44
C THR H 209 -39.17 -20.46 6.04
N ILE H 210 -38.79 -21.73 5.98
CA ILE H 210 -38.61 -22.46 4.72
C ILE H 210 -39.65 -23.55 4.69
N SER H 211 -40.70 -23.36 3.89
CA SER H 211 -41.86 -24.25 3.89
C SER H 211 -41.48 -25.68 3.54
N SER H 212 -40.61 -25.83 2.54
CA SER H 212 -40.17 -27.14 2.11
C SER H 212 -38.66 -27.11 1.94
N LEU H 213 -37.96 -27.79 2.83
CA LEU H 213 -36.49 -27.79 2.81
C LEU H 213 -35.94 -28.48 1.58
N GLN H 214 -35.10 -27.76 0.84
CA GLN H 214 -34.42 -28.30 -0.34
C GLN H 214 -32.93 -28.39 -0.02
N ALA H 215 -32.23 -29.31 -0.66
CA ALA H 215 -30.80 -29.51 -0.38
C ALA H 215 -29.98 -28.24 -0.61
N GLU H 216 -30.39 -27.40 -1.56
CA GLU H 216 -29.74 -26.12 -1.85
C GLU H 216 -29.70 -25.20 -0.64
N ASP H 217 -30.68 -25.35 0.23
CA ASP H 217 -30.87 -24.47 1.38
C ASP H 217 -29.91 -24.69 2.54
N VAL H 218 -29.18 -25.80 2.53
CA VAL H 218 -28.22 -26.05 3.61
C VAL H 218 -27.18 -24.95 3.61
N ALA H 219 -27.22 -24.10 4.62
CA ALA H 219 -26.38 -22.92 4.67
C ALA H 219 -26.41 -22.29 6.04
N VAL H 220 -25.67 -21.20 6.19
CA VAL H 220 -25.75 -20.39 7.40
C VAL H 220 -26.68 -19.24 7.10
N TYR H 221 -27.57 -18.96 8.02
CA TYR H 221 -28.51 -17.86 7.85
C TYR H 221 -28.24 -16.78 8.87
N TYR H 222 -28.25 -15.53 8.43
CA TYR H 222 -28.03 -14.37 9.31
C TYR H 222 -29.17 -13.38 9.24
N CYS H 223 -29.59 -12.89 10.39
CA CYS H 223 -30.61 -11.87 10.43
C CYS H 223 -29.87 -10.55 10.64
N GLN H 224 -30.52 -9.42 10.41
CA GLN H 224 -29.85 -8.11 10.54
C GLN H 224 -30.83 -6.93 10.70
N ARG H 225 -30.47 -5.99 11.56
CA ARG H 225 -31.25 -4.77 11.75
C ARG H 225 -30.59 -3.69 10.91
N SER H 226 -31.37 -2.70 10.48
CA SER H 226 -30.78 -1.53 9.78
C SER H 226 -31.48 -0.18 10.02
N ASN H 227 -32.39 -0.10 10.99
CA ASN H 227 -33.11 1.16 11.22
C ASN H 227 -32.20 2.27 11.75
N GLU H 228 -31.47 1.98 12.82
CA GLU H 228 -30.48 2.90 13.37
C GLU H 228 -29.17 2.18 13.46
N VAL H 229 -28.07 2.94 13.41
CA VAL H 229 -26.74 2.31 13.50
C VAL H 229 -26.44 1.95 14.94
N PRO H 230 -25.69 0.86 15.18
CA PRO H 230 -25.09 -0.02 14.20
C PRO H 230 -26.12 -0.90 13.52
N TRP H 231 -25.79 -1.31 12.30
CA TRP H 231 -26.61 -2.22 11.52
C TRP H 231 -26.18 -3.66 11.80
N THR H 232 -26.40 -4.05 13.05
CA THR H 232 -25.85 -5.26 13.62
C THR H 232 -26.45 -6.52 13.00
N PHE H 233 -25.59 -7.52 12.85
CA PHE H 233 -25.99 -8.85 12.36
C PHE H 233 -26.24 -9.80 13.53
N GLY H 234 -27.08 -10.80 13.30
CA GLY H 234 -27.20 -11.93 14.23
C GLY H 234 -25.95 -12.82 14.19
N GLN H 235 -25.83 -13.77 15.13
CA GLN H 235 -24.60 -14.60 15.20
C GLN H 235 -24.61 -15.72 14.20
N GLY H 236 -25.73 -15.93 13.53
CA GLY H 236 -25.84 -16.97 12.49
C GLY H 236 -26.49 -18.26 12.95
N THR H 237 -27.16 -18.93 12.02
CA THR H 237 -27.80 -20.21 12.29
C THR H 237 -27.45 -21.21 11.20
N LYS H 238 -26.68 -22.22 11.56
CA LYS H 238 -26.27 -23.26 10.63
C LYS H 238 -27.47 -24.18 10.43
N LEU H 239 -27.99 -24.23 9.20
CA LEU H 239 -29.09 -25.12 8.86
C LEU H 239 -28.54 -26.34 8.14
N GLU H 240 -28.93 -27.52 8.61
CA GLU H 240 -28.43 -28.78 8.08
C GLU H 240 -29.56 -29.73 7.77
N ILE H 241 -29.21 -30.83 7.14
CA ILE H 241 -30.14 -31.91 6.82
C ILE H 241 -30.11 -32.99 7.89
N LYS H 242 -31.25 -33.58 8.23
CA LYS H 242 -31.29 -34.74 9.14
C LYS H 242 -30.78 -36.02 8.47
N ARG H 243 -29.80 -36.69 9.11
CA ARG H 243 -29.26 -38.00 8.67
C ARG H 243 -29.25 -38.11 7.15
N TYR I 8 -43.43 5.37 -21.76
CA TYR I 8 -43.15 4.38 -20.69
C TYR I 8 -44.43 3.89 -20.03
N THR I 9 -44.28 2.91 -19.12
CA THR I 9 -45.42 2.33 -18.37
C THR I 9 -45.17 2.25 -16.87
N MET I 10 -46.27 2.13 -16.13
CA MET I 10 -46.20 2.01 -14.67
C MET I 10 -45.38 0.78 -14.29
N CYS I 11 -44.67 0.85 -13.17
CA CYS I 11 -43.86 -0.28 -12.74
C CYS I 11 -44.63 -1.33 -11.95
N SER I 12 -44.40 -2.57 -12.37
CA SER I 12 -45.08 -3.76 -11.83
C SER I 12 -44.61 -4.14 -10.43
N GLY I 13 -43.30 -4.16 -10.25
CA GLY I 13 -42.67 -4.72 -9.06
C GLY I 13 -42.60 -3.84 -7.82
N LYS I 14 -41.81 -4.33 -6.86
CA LYS I 14 -41.62 -3.70 -5.56
C LYS I 14 -40.47 -2.67 -5.60
N PHE I 15 -40.49 -1.76 -4.62
CA PHE I 15 -39.43 -0.77 -4.44
C PHE I 15 -38.87 -0.85 -3.04
N SER I 16 -37.69 -0.25 -2.86
CA SER I 16 -37.03 -0.19 -1.58
C SER I 16 -36.42 1.18 -1.38
N ILE I 17 -36.39 1.62 -0.13
CA ILE I 17 -35.79 2.91 0.23
C ILE I 17 -34.29 2.75 0.49
N ASP I 18 -33.49 3.60 -0.16
CA ASP I 18 -32.03 3.47 -0.11
C ASP I 18 -31.38 4.36 0.91
N LYS I 19 -32.10 5.39 1.35
CA LYS I 19 -31.56 6.37 2.28
C LYS I 19 -32.65 7.03 3.11
N GLU I 20 -32.23 7.43 4.30
CA GLU I 20 -33.09 8.11 5.27
C GLU I 20 -33.65 9.38 4.65
N MET I 21 -34.98 9.49 4.63
CA MET I 21 -35.66 10.64 4.02
C MET I 21 -35.24 11.92 4.69
N ALA I 22 -34.86 12.88 3.86
CA ALA I 22 -34.41 14.16 4.36
C ALA I 22 -35.49 15.19 4.08
N GLU I 23 -35.78 15.99 5.09
CA GLU I 23 -36.70 17.11 4.98
C GLU I 23 -35.87 18.24 4.37
N THR I 24 -36.16 18.60 3.14
CA THR I 24 -35.35 19.62 2.45
C THR I 24 -35.60 20.97 3.07
N GLN I 25 -34.81 21.97 2.68
CA GLN I 25 -34.96 23.27 3.26
C GLN I 25 -36.04 24.21 2.65
N HIS I 26 -36.64 23.83 1.50
CA HIS I 26 -37.73 24.59 0.85
C HIS I 26 -39.12 24.15 1.35
N GLY I 27 -39.16 23.17 2.25
CA GLY I 27 -40.40 22.55 2.77
C GLY I 27 -40.73 21.16 2.19
N THR I 28 -40.00 20.82 1.13
CA THR I 28 -40.20 19.55 0.41
C THR I 28 -39.42 18.48 1.15
N THR I 29 -39.62 17.23 0.73
CA THR I 29 -38.93 16.06 1.29
C THR I 29 -38.55 15.14 0.15
N VAL I 30 -37.30 14.65 0.19
CA VAL I 30 -36.80 13.79 -0.88
C VAL I 30 -36.67 12.32 -0.46
N VAL I 31 -37.21 11.46 -1.31
CA VAL I 31 -37.19 10.02 -1.12
C VAL I 31 -36.36 9.37 -2.21
N LYS I 32 -35.36 8.64 -1.79
CA LYS I 32 -34.42 8.00 -2.69
C LYS I 32 -34.73 6.51 -2.75
N VAL I 33 -35.32 6.04 -3.85
CA VAL I 33 -35.79 4.64 -3.96
C VAL I 33 -35.21 3.82 -5.11
N LYS I 34 -35.10 2.51 -4.88
CA LYS I 34 -34.53 1.58 -5.83
C LYS I 34 -35.60 0.62 -6.31
N TYR I 35 -35.59 0.32 -7.60
CA TYR I 35 -36.53 -0.64 -8.18
C TYR I 35 -36.00 -2.08 -8.09
N GLU I 36 -36.79 -2.96 -7.45
CA GLU I 36 -36.39 -4.35 -7.14
C GLU I 36 -36.95 -5.38 -8.12
N GLY I 37 -38.07 -5.06 -8.74
CA GLY I 37 -38.69 -5.94 -9.76
C GLY I 37 -38.13 -5.75 -11.17
N ALA I 38 -38.91 -6.12 -12.16
CA ALA I 38 -38.49 -6.08 -13.58
C ALA I 38 -39.38 -5.17 -14.43
N GLY I 39 -38.88 -4.82 -15.62
CA GLY I 39 -39.63 -3.96 -16.54
C GLY I 39 -39.15 -2.53 -16.53
N ALA I 40 -37.85 -2.37 -16.36
CA ALA I 40 -37.24 -1.06 -16.46
C ALA I 40 -36.79 -0.83 -17.91
N PRO I 41 -36.75 0.43 -18.37
CA PRO I 41 -37.16 1.60 -17.61
C PRO I 41 -38.67 1.61 -17.43
N CYS I 42 -39.15 2.35 -16.43
CA CYS I 42 -40.58 2.44 -16.12
C CYS I 42 -40.91 3.61 -15.18
N LYS I 43 -42.22 3.87 -15.04
CA LYS I 43 -42.72 4.90 -14.15
C LYS I 43 -42.88 4.35 -12.73
N VAL I 44 -42.56 5.19 -11.75
CA VAL I 44 -42.66 4.83 -10.35
C VAL I 44 -44.06 5.15 -9.84
N PRO I 45 -44.83 4.14 -9.45
CA PRO I 45 -46.16 4.39 -8.90
C PRO I 45 -46.12 4.98 -7.48
N ILE I 46 -46.20 6.30 -7.37
CA ILE I 46 -46.10 6.96 -6.06
C ILE I 46 -47.29 7.90 -5.79
N GLU I 47 -47.80 7.86 -4.56
CA GLU I 47 -48.89 8.74 -4.10
C GLU I 47 -48.78 8.97 -2.61
N ILE I 48 -49.19 10.15 -2.15
CA ILE I 48 -49.16 10.47 -0.72
C ILE I 48 -50.57 10.29 -0.18
N ARG I 49 -50.67 9.80 1.06
CA ARG I 49 -51.97 9.63 1.69
C ARG I 49 -52.10 10.38 2.99
N ASP I 50 -53.36 10.57 3.36
CA ASP I 50 -53.76 11.39 4.47
C ASP I 50 -53.53 10.75 5.82
N VAL I 51 -53.72 11.55 6.87
CA VAL I 51 -53.68 11.06 8.27
C VAL I 51 -54.69 9.91 8.45
N ASN I 52 -55.78 9.98 7.68
CA ASN I 52 -56.84 8.97 7.66
C ASN I 52 -56.51 7.70 6.88
N LYS I 53 -55.33 7.68 6.25
CA LYS I 53 -54.70 6.48 5.65
C LYS I 53 -55.41 6.07 4.38
N GLU I 54 -56.22 6.98 3.86
CA GLU I 54 -56.87 6.74 2.58
C GLU I 54 -57.02 7.93 1.67
N LYS I 55 -57.11 9.15 2.20
CA LYS I 55 -57.35 10.30 1.32
C LYS I 55 -56.05 10.62 0.61
N VAL I 56 -56.04 10.51 -0.73
CA VAL I 56 -54.83 10.73 -1.52
C VAL I 56 -54.61 12.23 -1.74
N VAL I 57 -53.85 12.83 -0.85
CA VAL I 57 -53.51 14.27 -0.99
C VAL I 57 -52.54 14.50 -2.17
N GLY I 58 -52.92 15.32 -3.16
CA GLY I 58 -52.20 15.35 -4.46
C GLY I 58 -51.15 16.42 -4.72
N ARG I 59 -49.89 16.23 -4.28
CA ARG I 59 -48.73 17.07 -4.79
C ARG I 59 -47.28 16.47 -4.73
N ILE I 60 -46.86 15.92 -5.87
CA ILE I 60 -45.54 15.32 -6.08
C ILE I 60 -44.73 16.27 -6.94
N ILE I 61 -43.59 16.72 -6.45
CA ILE I 61 -42.81 17.75 -7.16
C ILE I 61 -42.14 17.14 -8.39
N SER I 62 -41.31 16.13 -8.18
CA SER I 62 -40.61 15.52 -9.31
C SER I 62 -41.62 15.06 -10.38
N SER I 63 -41.51 15.65 -11.56
CA SER I 63 -42.42 15.33 -12.68
C SER I 63 -42.13 13.94 -13.27
N THR I 64 -43.13 13.05 -13.17
CA THR I 64 -43.08 11.67 -13.72
C THR I 64 -41.80 10.84 -13.45
N PRO I 65 -41.54 10.53 -12.17
CA PRO I 65 -40.35 9.79 -11.78
C PRO I 65 -40.17 8.47 -12.52
N LEU I 66 -38.92 8.21 -12.88
CA LEU I 66 -38.55 7.10 -13.75
C LEU I 66 -37.50 6.20 -13.13
N ALA I 67 -37.80 4.90 -13.13
CA ALA I 67 -36.85 3.90 -12.67
C ALA I 67 -36.12 3.32 -13.88
N GLU I 68 -34.93 3.86 -14.15
CA GLU I 68 -34.13 3.50 -15.33
C GLU I 68 -33.62 2.05 -15.34
N ASN I 69 -33.35 1.51 -14.16
CA ASN I 69 -32.82 0.16 -14.01
C ASN I 69 -32.94 -0.33 -12.56
N THR I 70 -32.60 -1.59 -12.35
CA THR I 70 -32.68 -2.22 -11.02
C THR I 70 -31.59 -1.82 -10.03
N ASN I 71 -30.56 -1.11 -10.49
CA ASN I 71 -29.42 -0.72 -9.64
C ASN I 71 -29.44 0.75 -9.22
N SER I 72 -30.00 1.59 -10.07
CA SER I 72 -29.98 3.04 -9.86
C SER I 72 -31.12 3.54 -8.98
N VAL I 73 -30.81 4.62 -8.28
CA VAL I 73 -31.70 5.22 -7.30
C VAL I 73 -32.46 6.37 -7.93
N THR I 74 -33.78 6.35 -7.79
CA THR I 74 -34.66 7.40 -8.30
C THR I 74 -34.94 8.41 -7.18
N ASN I 75 -34.63 9.69 -7.42
CA ASN I 75 -34.80 10.73 -6.41
C ASN I 75 -36.13 11.40 -6.63
N ILE I 76 -37.02 11.30 -5.64
CA ILE I 76 -38.37 11.86 -5.75
C ILE I 76 -38.62 12.93 -4.70
N GLU I 77 -38.75 14.17 -5.16
CA GLU I 77 -39.05 15.29 -4.29
C GLU I 77 -40.57 15.30 -4.12
N LEU I 78 -41.05 15.69 -2.93
CA LEU I 78 -42.51 15.79 -2.71
C LEU I 78 -42.88 16.76 -1.61
N GLU I 79 -44.15 17.18 -1.67
CA GLU I 79 -44.76 18.11 -0.71
C GLU I 79 -45.75 17.36 0.21
N PRO I 80 -45.29 16.96 1.41
CA PRO I 80 -46.16 16.27 2.35
C PRO I 80 -46.96 17.25 3.21
N PRO I 81 -48.17 16.86 3.61
CA PRO I 81 -48.95 17.72 4.51
C PRO I 81 -48.40 17.66 5.92
N PHE I 82 -48.61 18.72 6.69
CA PHE I 82 -48.12 18.79 8.07
C PHE I 82 -48.65 17.61 8.90
N GLY I 83 -47.81 17.14 9.81
CA GLY I 83 -48.14 16.01 10.67
C GLY I 83 -48.02 14.69 9.94
N ASP I 84 -48.90 13.77 10.30
CA ASP I 84 -48.86 12.41 9.76
C ASP I 84 -49.24 12.39 8.27
N SER I 85 -48.45 11.64 7.50
CA SER I 85 -48.70 11.36 6.07
C SER I 85 -48.14 9.99 5.74
N TYR I 86 -48.72 9.34 4.75
CA TYR I 86 -48.28 8.01 4.34
C TYR I 86 -47.85 8.00 2.88
N ILE I 87 -46.57 7.80 2.62
CA ILE I 87 -46.06 7.78 1.24
C ILE I 87 -46.03 6.34 0.72
N VAL I 88 -46.69 6.10 -0.40
CA VAL I 88 -46.84 4.75 -0.95
C VAL I 88 -46.18 4.63 -2.31
N ILE I 89 -45.18 3.76 -2.37
CA ILE I 89 -44.40 3.52 -3.58
C ILE I 89 -44.60 2.09 -4.10
N GLY I 90 -45.04 1.97 -5.35
CA GLY I 90 -45.32 0.68 -5.98
C GLY I 90 -46.80 0.31 -5.90
N VAL I 91 -47.09 -0.91 -6.33
CA VAL I 91 -48.47 -1.42 -6.35
C VAL I 91 -48.67 -2.61 -5.41
N GLY I 92 -49.91 -2.81 -4.98
CA GLY I 92 -50.31 -3.96 -4.16
C GLY I 92 -49.97 -3.76 -2.68
N ASN I 93 -49.64 -4.85 -2.01
CA ASN I 93 -49.14 -4.84 -0.60
C ASN I 93 -47.62 -4.81 -0.54
N SER I 94 -47.01 -5.28 -1.63
CA SER I 94 -45.57 -5.17 -1.79
C SER I 94 -45.27 -3.71 -2.05
N ALA I 95 -46.34 -2.92 -2.12
CA ALA I 95 -46.22 -1.49 -2.09
C ALA I 95 -45.64 -1.08 -0.76
N LEU I 96 -44.48 -0.45 -0.83
CA LEU I 96 -43.78 0.10 0.32
C LEU I 96 -44.58 1.27 0.86
N THR I 97 -44.82 1.28 2.17
CA THR I 97 -45.57 2.38 2.77
C THR I 97 -44.77 3.02 3.86
N LEU I 98 -44.50 4.30 3.68
CA LEU I 98 -43.69 5.07 4.61
C LEU I 98 -44.53 6.07 5.41
N HIS I 99 -44.70 5.78 6.69
CA HIS I 99 -45.31 6.73 7.62
C HIS I 99 -44.31 7.84 7.85
N TRP I 100 -44.65 9.03 7.37
CA TRP I 100 -43.77 10.19 7.53
C TRP I 100 -44.45 11.22 8.41
N PHE I 101 -43.66 12.01 9.12
CA PHE I 101 -44.18 13.09 9.96
C PHE I 101 -43.52 14.42 9.64
N ARG I 102 -44.35 15.39 9.27
CA ARG I 102 -43.88 16.74 8.98
C ARG I 102 -44.14 17.66 10.18
N LYS I 103 -43.11 18.35 10.65
CA LYS I 103 -43.24 19.25 11.79
C LYS I 103 -43.72 20.58 11.26
N TYR J 8 -15.67 38.28 25.10
CA TYR J 8 -14.70 38.41 23.96
C TYR J 8 -14.68 39.84 23.39
N THR J 9 -13.75 40.08 22.47
CA THR J 9 -13.63 41.41 21.83
C THR J 9 -13.54 41.31 20.31
N MET J 10 -13.80 42.44 19.66
CA MET J 10 -13.72 42.52 18.20
C MET J 10 -12.30 42.19 17.73
N CYS J 11 -12.20 41.59 16.54
CA CYS J 11 -10.90 41.21 16.02
C CYS J 11 -10.17 42.31 15.28
N SER J 12 -8.90 42.47 15.62
CA SER J 12 -8.03 43.52 15.08
C SER J 12 -7.58 43.32 13.64
N GLY J 13 -7.18 42.08 13.34
CA GLY J 13 -6.51 41.75 12.08
C GLY J 13 -7.39 41.48 10.86
N LYS J 14 -6.74 40.94 9.83
CA LYS J 14 -7.35 40.63 8.53
C LYS J 14 -7.96 39.24 8.51
N PHE J 15 -8.86 39.02 7.57
CA PHE J 15 -9.50 37.72 7.35
C PHE J 15 -9.33 37.30 5.91
N SER J 16 -9.54 36.02 5.65
CA SER J 16 -9.45 35.46 4.29
C SER J 16 -10.60 34.46 4.09
N ILE J 17 -11.10 34.39 2.85
CA ILE J 17 -12.19 33.46 2.50
C ILE J 17 -11.63 32.09 2.10
N ASP J 18 -12.16 31.05 2.71
CA ASP J 18 -11.61 29.70 2.54
C ASP J 18 -12.33 28.86 1.49
N LYS J 19 -13.56 29.26 1.19
CA LYS J 19 -14.41 28.53 0.25
C LYS J 19 -15.40 29.43 -0.45
N GLU J 20 -15.74 29.00 -1.65
CA GLU J 20 -16.64 29.74 -2.51
C GLU J 20 -17.97 29.86 -1.80
N MET J 21 -18.46 31.09 -1.68
CA MET J 21 -19.75 31.34 -1.01
C MET J 21 -20.88 30.61 -1.65
N ALA J 22 -21.64 29.90 -0.83
CA ALA J 22 -22.77 29.12 -1.30
C ALA J 22 -24.06 29.81 -0.89
N GLU J 23 -24.98 29.91 -1.85
CA GLU J 23 -26.31 30.44 -1.60
C GLU J 23 -27.18 29.26 -1.12
N THR J 24 -27.61 29.32 0.14
CA THR J 24 -28.47 28.26 0.72
C THR J 24 -30.00 28.45 0.50
N GLN J 25 -30.75 27.37 0.23
CA GLN J 25 -32.24 27.40 -0.05
C GLN J 25 -33.16 28.13 0.94
N HIS J 26 -32.63 28.60 2.06
CA HIS J 26 -33.46 29.33 3.08
C HIS J 26 -33.77 30.77 2.70
N GLY J 27 -32.91 31.31 1.83
CA GLY J 27 -32.78 32.75 1.57
C GLY J 27 -31.51 33.34 2.18
N THR J 28 -30.66 32.46 2.70
CA THR J 28 -29.39 32.83 3.30
C THR J 28 -28.18 32.39 2.46
N THR J 29 -27.04 32.93 2.83
CA THR J 29 -25.75 32.67 2.18
C THR J 29 -24.68 32.48 3.25
N VAL J 30 -23.85 31.44 3.10
CA VAL J 30 -22.82 31.13 4.09
C VAL J 30 -21.41 31.49 3.59
N VAL J 31 -20.68 32.18 4.46
CA VAL J 31 -19.31 32.61 4.21
C VAL J 31 -18.39 31.92 5.21
N LYS J 32 -17.41 31.21 4.68
CA LYS J 32 -16.46 30.45 5.48
C LYS J 32 -15.12 31.18 5.50
N VAL J 33 -14.78 31.80 6.63
CA VAL J 33 -13.57 32.65 6.73
C VAL J 33 -12.56 32.25 7.78
N LYS J 34 -11.30 32.57 7.50
CA LYS J 34 -10.17 32.26 8.37
C LYS J 34 -9.53 33.53 8.91
N TYR J 35 -9.17 33.52 10.18
CA TYR J 35 -8.51 34.67 10.79
C TYR J 35 -6.98 34.62 10.60
N GLU J 36 -6.43 35.69 10.04
CA GLU J 36 -4.99 35.77 9.66
C GLU J 36 -4.14 36.59 10.63
N GLY J 37 -4.76 37.52 11.35
CA GLY J 37 -4.06 38.32 12.40
C GLY J 37 -3.97 37.66 13.77
N ALA J 38 -3.81 38.47 14.81
CA ALA J 38 -3.65 37.96 16.19
C ALA J 38 -4.74 38.42 17.14
N GLY J 39 -4.86 37.75 18.28
CA GLY J 39 -5.87 38.10 19.29
C GLY J 39 -7.07 37.18 19.28
N ALA J 40 -6.82 35.92 18.98
CA ALA J 40 -7.86 34.89 19.06
C ALA J 40 -7.84 34.27 20.46
N PRO J 41 -8.99 33.79 20.93
CA PRO J 41 -10.29 33.89 20.29
C PRO J 41 -10.77 35.35 20.25
N CYS J 42 -11.69 35.63 19.33
CA CYS J 42 -12.25 36.98 19.16
C CYS J 42 -13.51 36.99 18.29
N LYS J 43 -14.17 38.14 18.27
CA LYS J 43 -15.37 38.35 17.44
C LYS J 43 -14.97 38.78 16.04
N VAL J 44 -15.70 38.30 15.06
CA VAL J 44 -15.46 38.63 13.65
C VAL J 44 -16.23 39.90 13.26
N PRO J 45 -15.52 40.97 12.90
CA PRO J 45 -16.21 42.20 12.50
C PRO J 45 -16.80 42.09 11.12
N ILE J 46 -18.08 41.76 11.05
CA ILE J 46 -18.75 41.57 9.78
C ILE J 46 -20.01 42.45 9.62
N GLU J 47 -20.16 43.05 8.43
CA GLU J 47 -21.35 43.86 8.10
C GLU J 47 -21.61 43.81 6.61
N ILE J 48 -22.87 43.89 6.22
CA ILE J 48 -23.23 43.89 4.80
C ILE J 48 -23.45 45.33 4.37
N ARG J 49 -23.01 45.66 3.16
CA ARG J 49 -23.11 47.01 2.65
C ARG J 49 -23.97 47.09 1.40
N ASP J 50 -24.39 48.31 1.16
CA ASP J 50 -25.38 48.66 0.15
C ASP J 50 -24.84 48.55 -1.25
N VAL J 51 -25.75 48.59 -2.23
CA VAL J 51 -25.38 48.79 -3.64
C VAL J 51 -24.51 50.05 -3.77
N ASN J 52 -24.81 51.06 -2.94
CA ASN J 52 -24.00 52.31 -2.85
C ASN J 52 -22.66 52.13 -2.12
N LYS J 53 -22.54 51.05 -1.36
CA LYS J 53 -21.38 50.76 -0.46
C LYS J 53 -21.21 51.82 0.65
N GLU J 54 -22.29 52.52 0.95
CA GLU J 54 -22.29 53.53 2.00
C GLU J 54 -23.12 53.00 3.14
N LYS J 55 -24.33 52.57 2.81
CA LYS J 55 -25.29 52.15 3.83
C LYS J 55 -25.13 50.69 4.24
N VAL J 56 -25.36 50.42 5.53
CA VAL J 56 -25.26 49.08 6.12
C VAL J 56 -26.63 48.40 6.23
N VAL J 57 -27.04 47.77 5.13
CA VAL J 57 -28.34 47.07 5.03
C VAL J 57 -28.27 45.60 5.48
N GLY J 58 -29.36 44.86 5.26
CA GLY J 58 -29.44 43.42 5.57
C GLY J 58 -29.25 43.08 7.05
N ARG J 59 -28.98 41.81 7.31
CA ARG J 59 -28.65 41.35 8.67
C ARG J 59 -27.85 40.03 8.67
N ILE J 60 -27.08 39.86 9.75
CA ILE J 60 -26.24 38.66 9.97
C ILE J 60 -26.95 37.60 10.83
N ILE J 61 -27.16 36.42 10.27
CA ILE J 61 -27.90 35.35 10.96
C ILE J 61 -27.08 34.76 12.11
N SER J 62 -25.91 34.23 11.79
CA SER J 62 -25.08 33.59 12.81
C SER J 62 -24.86 34.55 13.97
N SER J 63 -25.36 34.15 15.14
CA SER J 63 -25.24 34.97 16.35
C SER J 63 -23.79 35.03 16.86
N THR J 64 -23.25 36.24 16.84
CA THR J 64 -21.92 36.56 17.34
C THR J 64 -20.76 35.65 16.89
N PRO J 65 -20.46 35.62 15.57
CA PRO J 65 -19.39 34.79 15.04
C PRO J 65 -18.04 34.95 15.72
N LEU J 66 -17.39 33.82 15.95
CA LEU J 66 -16.16 33.76 16.75
C LEU J 66 -15.02 33.08 16.03
N ALA J 67 -13.89 33.77 16.01
CA ALA J 67 -12.68 33.22 15.43
C ALA J 67 -11.84 32.63 16.55
N GLU J 68 -11.96 31.32 16.73
CA GLU J 68 -11.29 30.60 17.83
C GLU J 68 -9.73 30.60 17.74
N ASN J 69 -9.20 30.59 16.53
CA ASN J 69 -7.77 30.53 16.27
C ASN J 69 -7.44 30.90 14.82
N THR J 70 -6.15 30.99 14.53
CA THR J 70 -5.66 31.36 13.19
C THR J 70 -5.76 30.25 12.15
N ASN J 71 -6.09 29.02 12.55
CA ASN J 71 -6.17 27.87 11.63
C ASN J 71 -7.60 27.45 11.28
N SER J 72 -8.51 27.68 12.19
CA SER J 72 -9.91 27.23 12.03
C SER J 72 -10.79 28.21 11.27
N VAL J 73 -11.78 27.64 10.61
CA VAL J 73 -12.71 28.35 9.73
C VAL J 73 -14.00 28.67 10.44
N THR J 74 -14.38 29.94 10.41
CA THR J 74 -15.62 30.41 11.02
C THR J 74 -16.73 30.47 9.95
N ASN J 75 -17.84 29.78 10.22
CA ASN J 75 -18.97 29.71 9.28
C ASN J 75 -20.00 30.76 9.63
N ILE J 76 -20.22 31.70 8.72
CA ILE J 76 -21.14 32.81 8.97
C ILE J 76 -22.29 32.80 7.97
N GLU J 77 -23.49 32.55 8.48
CA GLU J 77 -24.72 32.60 7.68
C GLU J 77 -25.15 34.07 7.63
N LEU J 78 -25.73 34.50 6.50
CA LEU J 78 -26.25 35.88 6.39
C LEU J 78 -27.34 36.05 5.37
N GLU J 79 -28.09 37.13 5.55
CA GLU J 79 -29.21 37.51 4.68
C GLU J 79 -28.86 38.72 3.83
N PRO J 80 -28.41 38.48 2.59
CA PRO J 80 -28.04 39.58 1.72
C PRO J 80 -29.27 40.12 0.97
N PRO J 81 -29.29 41.43 0.65
CA PRO J 81 -30.37 42.00 -0.16
C PRO J 81 -30.22 41.59 -1.61
N PHE J 82 -31.33 41.53 -2.34
CA PHE J 82 -31.31 41.15 -3.75
C PHE J 82 -30.39 42.06 -4.55
N GLY J 83 -29.72 41.48 -5.53
CA GLY J 83 -28.78 42.23 -6.38
C GLY J 83 -27.44 42.45 -5.71
N ASP J 84 -26.84 43.61 -6.00
CA ASP J 84 -25.50 43.93 -5.50
C ASP J 84 -25.50 44.17 -4.01
N SER J 85 -24.51 43.57 -3.35
CA SER J 85 -24.25 43.75 -1.92
C SER J 85 -22.75 43.59 -1.71
N TYR J 86 -22.23 44.24 -0.69
CA TYR J 86 -20.81 44.18 -0.39
C TYR J 86 -20.61 43.69 1.04
N ILE J 87 -20.07 42.48 1.18
CA ILE J 87 -19.84 41.87 2.52
C ILE J 87 -18.44 42.23 2.99
N VAL J 88 -18.36 42.86 4.16
CA VAL J 88 -17.10 43.36 4.67
C VAL J 88 -16.74 42.64 5.96
N ILE J 89 -15.61 41.95 5.92
CA ILE J 89 -15.08 41.20 7.05
C ILE J 89 -13.77 41.83 7.53
N GLY J 90 -13.74 42.20 8.81
CA GLY J 90 -12.59 42.81 9.44
C GLY J 90 -12.69 44.33 9.48
N VAL J 91 -11.61 44.95 9.90
CA VAL J 91 -11.56 46.39 10.07
C VAL J 91 -10.50 47.07 9.19
N GLY J 92 -10.66 48.36 8.99
CA GLY J 92 -9.67 49.19 8.32
C GLY J 92 -9.76 49.13 6.82
N ASN J 93 -8.61 49.33 6.18
CA ASN J 93 -8.50 49.46 4.73
C ASN J 93 -8.39 48.10 4.07
N SER J 94 -7.73 47.18 4.77
CA SER J 94 -7.49 45.82 4.32
C SER J 94 -8.53 44.89 4.94
N ALA J 95 -9.67 45.47 5.28
CA ALA J 95 -10.88 44.70 5.49
C ALA J 95 -11.28 44.02 4.18
N LEU J 96 -11.45 42.71 4.21
CA LEU J 96 -11.82 41.93 3.04
C LEU J 96 -13.18 42.38 2.60
N THR J 97 -13.33 42.71 1.33
CA THR J 97 -14.64 43.14 0.82
C THR J 97 -15.09 42.28 -0.34
N LEU J 98 -16.22 41.62 -0.14
CA LEU J 98 -16.75 40.69 -1.13
C LEU J 98 -17.98 41.26 -1.80
N HIS J 99 -17.81 41.63 -3.07
CA HIS J 99 -18.94 42.02 -3.89
C HIS J 99 -19.73 40.74 -4.20
N TRP J 100 -20.92 40.64 -3.66
CA TRP J 100 -21.78 39.48 -3.88
C TRP J 100 -23.00 39.92 -4.65
N PHE J 101 -23.55 38.99 -5.41
CA PHE J 101 -24.78 39.26 -6.14
C PHE J 101 -25.84 38.20 -5.81
N ARG J 102 -26.98 38.65 -5.28
CA ARG J 102 -28.06 37.75 -4.85
C ARG J 102 -29.14 37.60 -5.91
N LYS J 103 -29.47 36.34 -6.22
CA LYS J 103 -30.41 36.04 -7.27
C LYS J 103 -31.88 36.28 -6.87
N GLN K 2 -11.20 -21.29 -6.74
CA GLN K 2 -10.99 -20.10 -5.82
C GLN K 2 -10.90 -18.72 -6.58
N VAL K 3 -11.70 -17.75 -6.13
CA VAL K 3 -11.89 -16.46 -6.84
C VAL K 3 -10.87 -15.39 -6.37
N GLN K 4 -9.68 -15.39 -7.01
CA GLN K 4 -8.55 -14.44 -6.76
C GLN K 4 -8.18 -13.53 -7.96
N LEU K 5 -9.04 -13.56 -8.96
CA LEU K 5 -8.90 -12.67 -10.10
C LEU K 5 -9.99 -11.60 -10.00
N VAL K 6 -9.59 -10.34 -10.21
CA VAL K 6 -10.53 -9.22 -10.12
C VAL K 6 -10.90 -8.72 -11.51
N GLN K 7 -12.15 -8.92 -11.87
CA GLN K 7 -12.68 -8.52 -13.18
C GLN K 7 -13.40 -7.18 -13.13
N SER K 8 -13.58 -6.58 -14.30
CA SER K 8 -14.24 -5.29 -14.42
C SER K 8 -15.71 -5.43 -14.12
N GLY K 9 -16.34 -4.27 -13.97
CA GLY K 9 -17.76 -4.16 -13.71
C GLY K 9 -18.62 -4.60 -14.88
N ALA K 10 -19.82 -5.04 -14.53
CA ALA K 10 -20.77 -5.55 -15.49
C ALA K 10 -21.23 -4.45 -16.43
N GLU K 11 -21.18 -4.72 -17.73
CA GLU K 11 -21.52 -3.73 -18.76
C GLU K 11 -22.81 -4.06 -19.50
N VAL K 12 -23.52 -3.02 -19.91
CA VAL K 12 -24.68 -3.15 -20.78
C VAL K 12 -24.34 -2.48 -22.10
N LYS K 13 -24.53 -3.21 -23.21
CA LYS K 13 -24.13 -2.74 -24.54
C LYS K 13 -25.24 -2.95 -25.56
N LYS K 14 -25.21 -2.12 -26.60
CA LYS K 14 -26.18 -2.18 -27.72
C LYS K 14 -25.68 -3.21 -28.76
N PRO K 15 -26.61 -3.83 -29.54
CA PRO K 15 -26.14 -4.76 -30.56
C PRO K 15 -25.23 -4.08 -31.60
N GLY K 16 -24.20 -4.81 -32.02
CA GLY K 16 -23.15 -4.29 -32.92
C GLY K 16 -21.98 -3.58 -32.27
N ALA K 17 -22.13 -3.25 -30.99
CA ALA K 17 -21.05 -2.59 -30.24
C ALA K 17 -19.91 -3.57 -29.92
N SER K 18 -18.88 -3.06 -29.26
CA SER K 18 -17.77 -3.90 -28.79
C SER K 18 -17.68 -3.73 -27.28
N VAL K 19 -17.25 -4.78 -26.60
CA VAL K 19 -17.05 -4.71 -25.14
C VAL K 19 -15.63 -5.17 -24.74
N LYS K 20 -15.08 -4.51 -23.73
CA LYS K 20 -13.76 -4.86 -23.21
C LYS K 20 -13.85 -5.09 -21.72
N VAL K 21 -13.54 -6.32 -21.31
CA VAL K 21 -13.56 -6.74 -19.89
C VAL K 21 -12.14 -6.89 -19.40
N SER K 22 -11.88 -6.33 -18.22
CA SER K 22 -10.55 -6.38 -17.61
C SER K 22 -10.46 -7.52 -16.62
N CYS K 23 -9.24 -7.96 -16.32
CA CYS K 23 -9.02 -9.02 -15.32
C CYS K 23 -7.67 -8.92 -14.60
N LYS K 24 -7.69 -8.41 -13.37
CA LYS K 24 -6.47 -8.08 -12.61
C LYS K 24 -6.05 -9.20 -11.66
N ALA K 25 -4.84 -9.69 -11.88
CA ALA K 25 -4.27 -10.82 -11.14
C ALA K 25 -3.30 -10.41 -10.02
N GLY K 26 -3.36 -11.17 -8.93
CA GLY K 26 -2.45 -10.98 -7.79
C GLY K 26 -1.15 -11.75 -7.88
N PHE K 27 -0.82 -12.25 -9.07
CA PHE K 27 0.42 -13.01 -9.32
C PHE K 27 0.97 -12.57 -10.67
N ASN K 28 2.18 -13.03 -10.97
CA ASN K 28 2.80 -12.67 -12.24
C ASN K 28 2.23 -13.42 -13.45
N ILE K 29 1.48 -12.71 -14.28
CA ILE K 29 0.77 -13.36 -15.40
C ILE K 29 1.72 -13.81 -16.52
N LYS K 30 2.96 -13.34 -16.52
CA LYS K 30 3.95 -13.73 -17.56
C LYS K 30 4.13 -15.27 -17.65
N ASP K 31 4.11 -15.98 -16.52
CA ASP K 31 4.41 -17.43 -16.48
C ASP K 31 3.18 -18.33 -16.35
N VAL K 32 2.11 -17.95 -17.03
CA VAL K 32 0.80 -18.53 -16.77
C VAL K 32 -0.01 -18.61 -18.07
N TYR K 33 -1.02 -19.46 -18.09
CA TYR K 33 -1.99 -19.51 -19.19
C TYR K 33 -3.34 -18.88 -18.80
N MET K 34 -3.53 -17.63 -19.21
CA MET K 34 -4.78 -16.88 -18.89
C MET K 34 -5.90 -17.14 -19.90
N SER K 35 -7.01 -17.71 -19.42
CA SER K 35 -8.13 -18.10 -20.26
C SER K 35 -9.39 -17.27 -19.96
N TRP K 36 -10.30 -17.24 -20.92
CA TRP K 36 -11.60 -16.60 -20.78
C TRP K 36 -12.71 -17.59 -21.11
N VAL K 37 -13.74 -17.60 -20.27
CA VAL K 37 -14.82 -18.58 -20.36
C VAL K 37 -16.14 -17.86 -20.24
N ARG K 38 -17.04 -18.14 -21.18
CA ARG K 38 -18.31 -17.43 -21.25
C ARG K 38 -19.41 -18.40 -20.84
N GLN K 39 -20.46 -17.87 -20.24
CA GLN K 39 -21.59 -18.71 -19.87
C GLN K 39 -22.90 -17.98 -20.06
N ALA K 40 -23.63 -18.39 -21.09
CA ALA K 40 -24.96 -17.83 -21.39
C ALA K 40 -25.97 -18.19 -20.31
N PRO K 41 -27.02 -17.37 -20.10
CA PRO K 41 -27.96 -17.67 -19.03
C PRO K 41 -28.49 -19.09 -19.14
N GLU K 42 -28.35 -19.84 -18.04
CA GLU K 42 -28.82 -21.23 -17.90
C GLU K 42 -28.23 -22.27 -18.88
N GLN K 43 -27.32 -21.86 -19.77
CA GLN K 43 -26.55 -22.79 -20.63
C GLN K 43 -25.26 -23.16 -19.92
N GLY K 44 -24.45 -24.00 -20.55
CA GLY K 44 -23.21 -24.49 -19.94
C GLY K 44 -22.04 -23.56 -20.11
N LEU K 45 -20.86 -24.05 -19.73
CA LEU K 45 -19.60 -23.31 -19.83
C LEU K 45 -19.03 -23.47 -21.22
N GLU K 46 -18.55 -22.37 -21.79
CA GLU K 46 -17.95 -22.38 -23.11
C GLU K 46 -16.60 -21.69 -23.02
N TRP K 47 -15.53 -22.44 -23.26
CA TRP K 47 -14.18 -21.86 -23.28
C TRP K 47 -14.06 -20.95 -24.52
N MET K 48 -13.50 -19.75 -24.33
CA MET K 48 -13.36 -18.77 -25.42
C MET K 48 -11.98 -18.81 -26.01
N GLY K 49 -10.97 -18.83 -25.15
CA GLY K 49 -9.59 -18.86 -25.61
C GLY K 49 -8.59 -18.74 -24.48
N ARG K 50 -7.30 -18.75 -24.83
CA ARG K 50 -6.22 -18.56 -23.84
C ARG K 50 -5.07 -17.74 -24.44
N ILE K 51 -4.44 -16.93 -23.60
CA ILE K 51 -3.29 -16.11 -24.01
C ILE K 51 -2.10 -16.49 -23.16
N ASP K 52 -0.93 -16.53 -23.80
CA ASP K 52 0.33 -16.65 -23.08
C ASP K 52 0.91 -15.25 -23.01
N PRO K 53 0.82 -14.59 -21.85
CA PRO K 53 1.24 -13.18 -21.82
C PRO K 53 2.72 -12.95 -22.08
N GLU K 54 3.54 -13.97 -21.89
CA GLU K 54 4.98 -13.85 -22.16
C GLU K 54 5.23 -13.48 -23.61
N ASN K 55 4.62 -14.22 -24.52
CA ASN K 55 4.81 -13.98 -25.96
C ASN K 55 3.56 -13.47 -26.68
N GLY K 56 2.48 -13.25 -25.92
CA GLY K 56 1.23 -12.72 -26.49
C GLY K 56 0.53 -13.67 -27.43
N ASP K 57 0.89 -14.95 -27.36
CA ASP K 57 0.30 -15.98 -28.21
C ASP K 57 -1.16 -16.18 -27.83
N THR K 58 -2.05 -15.97 -28.79
CA THR K 58 -3.47 -16.13 -28.56
C THR K 58 -4.05 -17.23 -29.42
N LYS K 59 -4.75 -18.14 -28.74
CA LYS K 59 -5.49 -19.25 -29.35
C LYS K 59 -6.93 -19.07 -28.94
N TYR K 60 -7.83 -19.09 -29.91
CA TYR K 60 -9.25 -18.85 -29.63
C TYR K 60 -10.13 -20.05 -30.05
N ASP K 61 -11.40 -19.97 -29.68
CA ASP K 61 -12.45 -20.93 -30.09
C ASP K 61 -12.83 -20.57 -31.54
N PRO K 62 -12.89 -21.57 -32.43
CA PRO K 62 -13.28 -21.28 -33.81
C PRO K 62 -14.68 -20.68 -33.94
N LYS K 63 -15.58 -21.05 -33.04
CA LYS K 63 -16.95 -20.53 -33.01
C LYS K 63 -17.02 -19.00 -33.04
N LEU K 64 -16.31 -18.37 -32.11
CA LEU K 64 -16.35 -16.91 -31.99
C LEU K 64 -15.33 -16.30 -32.92
N GLN K 65 -15.32 -16.57 -34.22
CA GLN K 65 -14.10 -16.22 -34.91
C GLN K 65 -13.97 -14.76 -35.35
N GLY K 66 -12.81 -14.16 -35.02
CA GLY K 66 -12.48 -12.81 -35.43
C GLY K 66 -12.92 -11.90 -34.34
N ARG K 67 -14.09 -12.21 -33.80
CA ARG K 67 -14.78 -11.33 -32.86
C ARG K 67 -14.06 -11.10 -31.54
N VAL K 68 -13.18 -12.03 -31.14
CA VAL K 68 -12.45 -11.88 -29.87
C VAL K 68 -11.01 -11.47 -30.01
N THR K 69 -10.60 -10.60 -29.10
CA THR K 69 -9.23 -10.11 -29.03
C THR K 69 -8.80 -10.15 -27.56
N MET K 70 -7.91 -11.08 -27.27
CA MET K 70 -7.40 -11.25 -25.93
C MET K 70 -5.99 -10.66 -25.84
N THR K 71 -5.81 -9.83 -24.82
CA THR K 71 -4.53 -9.15 -24.58
C THR K 71 -4.14 -9.31 -23.12
N ALA K 72 -2.91 -8.88 -22.82
CA ALA K 72 -2.35 -8.95 -21.47
C ALA K 72 -1.23 -7.91 -21.27
N ASP K 73 -1.26 -7.23 -20.13
CA ASP K 73 -0.22 -6.30 -19.74
C ASP K 73 0.55 -6.93 -18.60
N THR K 74 1.74 -7.45 -18.87
CA THR K 74 2.56 -8.10 -17.82
C THR K 74 3.07 -7.14 -16.74
N SER K 75 3.14 -5.85 -17.07
CA SER K 75 3.55 -4.84 -16.09
C SER K 75 2.47 -4.66 -15.02
N THR K 76 1.21 -4.51 -15.44
CA THR K 76 0.07 -4.35 -14.50
C THR K 76 -0.62 -5.68 -14.14
N ASN K 77 -0.05 -6.79 -14.57
CA ASN K 77 -0.61 -8.12 -14.34
C ASN K 77 -2.14 -8.19 -14.56
N THR K 78 -2.56 -7.57 -15.65
CA THR K 78 -3.97 -7.49 -16.02
C THR K 78 -4.12 -8.14 -17.38
N ALA K 79 -5.16 -8.95 -17.53
CA ALA K 79 -5.50 -9.52 -18.82
C ALA K 79 -6.80 -8.90 -19.30
N TYR K 80 -6.92 -8.78 -20.61
CA TYR K 80 -8.10 -8.18 -21.19
C TYR K 80 -8.71 -9.10 -22.22
N MET K 81 -9.96 -8.79 -22.53
CA MET K 81 -10.77 -9.51 -23.49
C MET K 81 -11.68 -8.52 -24.20
N GLU K 82 -11.58 -8.48 -25.52
CA GLU K 82 -12.41 -7.60 -26.32
C GLU K 82 -13.26 -8.43 -27.24
N LEU K 83 -14.57 -8.22 -27.18
CA LEU K 83 -15.54 -8.92 -28.02
C LEU K 83 -16.32 -7.93 -28.87
N ARG K 84 -16.20 -8.06 -30.20
CA ARG K 84 -16.79 -7.08 -31.15
C ARG K 84 -18.06 -7.55 -31.82
N SER K 85 -18.79 -6.60 -32.39
CA SER K 85 -20.02 -6.88 -33.17
C SER K 85 -21.02 -7.74 -32.40
N LEU K 86 -21.42 -7.21 -31.26
CA LEU K 86 -22.22 -7.95 -30.27
C LEU K 86 -23.65 -8.24 -30.76
N ARG K 87 -24.12 -9.44 -30.44
CA ARG K 87 -25.48 -9.84 -30.74
C ARG K 87 -26.15 -10.11 -29.42
N SER K 88 -27.47 -10.19 -29.41
CA SER K 88 -28.23 -10.47 -28.17
C SER K 88 -27.80 -11.83 -27.65
N ASP K 89 -27.50 -12.72 -28.60
CA ASP K 89 -26.86 -14.02 -28.40
C ASP K 89 -25.70 -13.99 -27.34
N ASP K 90 -24.84 -12.99 -27.42
CA ASP K 90 -23.63 -12.88 -26.57
C ASP K 90 -23.88 -12.45 -25.14
N THR K 91 -25.13 -12.16 -24.83
CA THR K 91 -25.49 -11.86 -23.47
C THR K 91 -25.14 -13.10 -22.65
N ALA K 92 -24.15 -12.93 -21.80
CA ALA K 92 -23.62 -14.02 -20.98
C ALA K 92 -22.84 -13.45 -19.81
N VAL K 93 -22.39 -14.35 -18.95
CA VAL K 93 -21.45 -13.99 -17.89
C VAL K 93 -20.06 -14.37 -18.41
N TYR K 94 -19.12 -13.44 -18.29
CA TYR K 94 -17.79 -13.60 -18.81
C TYR K 94 -16.80 -13.77 -17.68
N TYR K 95 -16.30 -15.00 -17.55
CA TYR K 95 -15.33 -15.35 -16.53
C TYR K 95 -13.91 -15.28 -17.07
N CYS K 96 -13.03 -14.87 -16.20
CA CYS K 96 -11.63 -14.74 -16.47
C CYS K 96 -11.00 -15.81 -15.63
N ALA K 97 -10.13 -16.62 -16.21
CA ALA K 97 -9.50 -17.69 -15.41
C ALA K 97 -8.01 -17.93 -15.68
N ARG K 98 -7.34 -18.60 -14.77
CA ARG K 98 -5.90 -18.91 -14.86
C ARG K 98 -5.63 -20.39 -14.66
N GLY K 99 -4.66 -20.92 -15.42
CA GLY K 99 -4.16 -22.29 -15.26
C GLY K 99 -4.15 -23.13 -16.52
N TRP K 100 -3.41 -24.22 -16.46
CA TRP K 100 -3.35 -25.23 -17.52
C TRP K 100 -3.97 -26.55 -17.06
N GLU K 101 -3.42 -27.14 -16.00
CA GLU K 101 -4.01 -28.34 -15.45
C GLU K 101 -5.24 -27.93 -14.64
N GLY K 102 -6.31 -27.62 -15.36
CA GLY K 102 -7.53 -27.07 -14.79
C GLY K 102 -7.39 -25.60 -14.48
N PHE K 103 -8.51 -24.92 -14.40
CA PHE K 103 -8.52 -23.53 -14.02
C PHE K 103 -8.73 -23.39 -12.51
N ALA K 104 -7.62 -23.40 -11.78
CA ALA K 104 -7.65 -23.24 -10.32
C ALA K 104 -8.09 -21.86 -9.85
N TYR K 105 -7.76 -20.86 -10.63
CA TYR K 105 -8.08 -19.48 -10.29
C TYR K 105 -9.15 -18.91 -11.26
N TRP K 106 -10.19 -18.30 -10.72
CA TRP K 106 -11.27 -17.70 -11.49
C TRP K 106 -11.55 -16.28 -11.03
N GLY K 107 -12.26 -15.54 -11.88
CA GLY K 107 -12.75 -14.23 -11.53
C GLY K 107 -14.19 -14.31 -11.07
N GLN K 108 -14.68 -13.22 -10.51
CA GLN K 108 -16.08 -13.13 -10.00
C GLN K 108 -17.11 -13.17 -11.13
N GLY K 109 -16.68 -12.81 -12.33
CA GLY K 109 -17.54 -12.78 -13.51
C GLY K 109 -17.95 -11.37 -13.88
N THR K 110 -18.15 -11.16 -15.18
CA THR K 110 -18.61 -9.87 -15.68
C THR K 110 -19.84 -10.14 -16.54
N LEU K 111 -21.01 -9.66 -16.11
CA LEU K 111 -22.23 -9.85 -16.90
C LEU K 111 -22.30 -8.82 -18.01
N VAL K 112 -22.16 -9.29 -19.24
CA VAL K 112 -22.34 -8.44 -20.41
C VAL K 112 -23.75 -8.66 -20.96
N THR K 113 -24.53 -7.58 -21.04
CA THR K 113 -25.95 -7.64 -21.46
C THR K 113 -26.15 -6.85 -22.76
N VAL K 114 -26.39 -7.58 -23.84
CA VAL K 114 -26.58 -7.01 -25.17
C VAL K 114 -28.06 -6.91 -25.53
N SER K 115 -28.58 -5.68 -25.57
CA SER K 115 -30.00 -5.47 -25.78
C SER K 115 -30.25 -4.21 -26.58
N SER K 116 -31.37 -4.20 -27.31
CA SER K 116 -31.79 -3.05 -28.13
C SER K 116 -33.07 -2.43 -27.57
N SER K 131 -8.08 -29.03 -33.61
CA SER K 131 -9.10 -30.08 -33.46
C SER K 131 -10.55 -29.62 -33.28
N ASP K 132 -11.43 -30.61 -33.44
CA ASP K 132 -12.88 -30.50 -33.41
C ASP K 132 -13.41 -31.40 -32.25
N ILE K 133 -12.91 -31.21 -31.02
CA ILE K 133 -13.12 -32.27 -30.00
C ILE K 133 -14.55 -32.23 -29.53
N VAL K 134 -15.13 -33.40 -29.34
CA VAL K 134 -16.47 -33.53 -28.77
C VAL K 134 -16.31 -34.15 -27.41
N MET K 135 -16.76 -33.41 -26.41
CA MET K 135 -16.72 -33.86 -25.02
C MET K 135 -18.10 -34.30 -24.60
N THR K 136 -18.24 -35.55 -24.18
CA THR K 136 -19.56 -36.11 -23.89
C THR K 136 -19.70 -36.61 -22.46
N GLN K 137 -20.48 -35.83 -21.72
CA GLN K 137 -20.74 -36.04 -20.34
C GLN K 137 -22.00 -36.88 -20.22
N SER K 138 -22.02 -37.82 -19.30
CA SER K 138 -23.21 -38.64 -19.06
C SER K 138 -23.41 -38.87 -17.56
N PRO K 139 -24.66 -38.77 -17.07
CA PRO K 139 -25.83 -38.35 -17.78
C PRO K 139 -25.91 -36.83 -17.86
N ALA K 140 -27.04 -36.34 -18.35
CA ALA K 140 -27.30 -34.90 -18.42
C ALA K 140 -27.68 -34.40 -17.04
N SER K 141 -28.31 -35.28 -16.28
CA SER K 141 -28.68 -35.00 -14.93
C SER K 141 -29.00 -36.29 -14.20
N LEU K 142 -28.86 -36.27 -12.88
CA LEU K 142 -29.11 -37.44 -12.07
C LEU K 142 -29.42 -37.04 -10.64
N ALA K 143 -30.25 -37.85 -9.99
CA ALA K 143 -30.54 -37.69 -8.57
C ALA K 143 -30.07 -38.92 -7.82
N VAL K 144 -29.42 -38.70 -6.69
CA VAL K 144 -29.11 -39.79 -5.80
C VAL K 144 -29.38 -39.35 -4.36
N SER K 145 -29.55 -40.31 -3.47
CA SER K 145 -29.91 -40.04 -2.08
C SER K 145 -28.70 -39.62 -1.26
N LEU K 146 -28.95 -38.88 -0.18
CA LEU K 146 -27.88 -38.44 0.71
C LEU K 146 -27.03 -39.60 1.16
N GLY K 147 -25.74 -39.36 1.34
CA GLY K 147 -24.81 -40.38 1.79
C GLY K 147 -24.48 -41.45 0.77
N GLN K 148 -25.23 -41.53 -0.31
CA GLN K 148 -24.99 -42.55 -1.33
C GLN K 148 -23.92 -42.12 -2.34
N ARG K 149 -23.34 -43.12 -2.99
CA ARG K 149 -22.27 -42.96 -3.99
C ARG K 149 -22.90 -42.45 -5.30
N ALA K 150 -22.31 -41.40 -5.88
CA ALA K 150 -22.73 -40.84 -7.19
C ALA K 150 -21.59 -40.85 -8.20
N THR K 151 -21.91 -41.12 -9.47
CA THR K 151 -20.90 -41.18 -10.51
C THR K 151 -21.30 -40.49 -11.80
N ILE K 152 -20.42 -39.60 -12.26
CA ILE K 152 -20.55 -38.88 -13.53
C ILE K 152 -19.38 -39.26 -14.43
N SER K 153 -19.67 -39.47 -15.72
CA SER K 153 -18.64 -39.84 -16.71
C SER K 153 -18.40 -38.75 -17.75
N CYS K 154 -17.21 -38.78 -18.35
CA CYS K 154 -16.88 -37.91 -19.48
C CYS K 154 -16.14 -38.73 -20.52
N ARG K 155 -16.57 -38.62 -21.77
CA ARG K 155 -15.92 -39.31 -22.88
C ARG K 155 -15.49 -38.32 -23.94
N ALA K 156 -14.19 -38.29 -24.21
CA ALA K 156 -13.60 -37.37 -25.18
C ALA K 156 -13.49 -38.05 -26.54
N SER K 157 -13.64 -37.25 -27.60
CA SER K 157 -13.56 -37.77 -28.96
C SER K 157 -12.12 -38.09 -29.34
N GLU K 158 -11.16 -37.38 -28.75
CA GLU K 158 -9.73 -37.65 -28.97
C GLU K 158 -9.04 -38.06 -27.67
N ASN K 159 -7.77 -38.45 -27.76
CA ASN K 159 -6.97 -38.73 -26.57
C ASN K 159 -6.63 -37.40 -25.87
N VAL K 160 -6.64 -37.41 -24.55
CA VAL K 160 -6.42 -36.17 -23.74
C VAL K 160 -5.18 -36.24 -22.87
N ASP K 161 -4.29 -37.18 -23.21
CA ASP K 161 -2.99 -37.31 -22.55
C ASP K 161 -1.94 -36.41 -23.19
N LYS K 162 -1.00 -35.98 -22.37
CA LYS K 162 0.14 -35.21 -22.81
C LYS K 162 1.18 -35.31 -21.72
N TYR K 163 2.42 -35.51 -22.12
CA TYR K 163 3.52 -35.69 -21.17
C TYR K 163 3.29 -36.90 -20.23
N GLY K 164 2.52 -37.88 -20.70
CA GLY K 164 2.27 -39.09 -19.92
C GLY K 164 1.13 -38.98 -18.91
N ASN K 165 0.48 -37.82 -18.87
CA ASN K 165 -0.63 -37.56 -17.95
C ASN K 165 -1.88 -37.20 -18.74
N SER K 166 -3.04 -37.60 -18.21
CA SER K 166 -4.34 -37.25 -18.79
C SER K 166 -4.76 -35.84 -18.33
N PHE K 167 -4.91 -34.94 -19.29
CA PHE K 167 -5.31 -33.55 -18.99
C PHE K 167 -6.83 -33.40 -19.00
N MET K 168 -7.45 -34.01 -18.00
CA MET K 168 -8.91 -34.03 -17.81
C MET K 168 -9.19 -33.44 -16.44
N HIS K 169 -10.14 -32.52 -16.40
CA HIS K 169 -10.44 -31.81 -15.14
C HIS K 169 -11.93 -31.74 -14.87
N TRP K 170 -12.27 -31.58 -13.60
CA TRP K 170 -13.66 -31.55 -13.19
C TRP K 170 -13.95 -30.27 -12.42
N TYR K 171 -15.12 -29.71 -12.66
CA TYR K 171 -15.54 -28.50 -12.00
C TYR K 171 -16.90 -28.63 -11.39
N GLN K 172 -17.07 -27.96 -10.27
CA GLN K 172 -18.37 -27.87 -9.63
C GLN K 172 -18.87 -26.47 -9.84
N GLN K 173 -20.16 -26.31 -10.09
CA GLN K 173 -20.72 -24.98 -10.20
C GLN K 173 -22.11 -24.86 -9.64
N LYS K 174 -22.21 -24.15 -8.53
CA LYS K 174 -23.52 -23.88 -7.96
C LYS K 174 -24.03 -22.65 -8.68
N PRO K 175 -25.35 -22.49 -8.80
CA PRO K 175 -25.90 -21.38 -9.59
C PRO K 175 -25.50 -19.97 -9.17
N GLY K 176 -25.34 -19.09 -10.17
CA GLY K 176 -24.97 -17.69 -9.97
C GLY K 176 -23.67 -17.52 -9.23
N GLN K 177 -22.74 -18.42 -9.51
CA GLN K 177 -21.43 -18.45 -8.88
C GLN K 177 -20.40 -18.94 -9.84
N PRO K 178 -19.15 -18.50 -9.68
CA PRO K 178 -18.14 -19.04 -10.57
C PRO K 178 -17.87 -20.50 -10.27
N PRO K 179 -17.36 -21.24 -11.27
CA PRO K 179 -17.06 -22.62 -11.06
C PRO K 179 -15.89 -22.79 -10.12
N LYS K 180 -15.74 -24.03 -9.69
CA LYS K 180 -14.73 -24.39 -8.72
C LYS K 180 -14.01 -25.60 -9.26
N LEU K 181 -12.69 -25.48 -9.43
CA LEU K 181 -11.91 -26.63 -9.88
C LEU K 181 -11.97 -27.60 -8.73
N LEU K 182 -12.35 -28.84 -9.03
CA LEU K 182 -12.36 -29.92 -8.03
C LEU K 182 -11.26 -30.94 -8.24
N ILE K 183 -11.17 -31.45 -9.47
CA ILE K 183 -10.16 -32.46 -9.81
C ILE K 183 -9.43 -31.98 -11.03
N TYR K 184 -8.11 -32.16 -11.05
CA TYR K 184 -7.33 -31.84 -12.23
C TYR K 184 -6.46 -33.05 -12.57
N ARG K 185 -5.79 -32.99 -13.71
CA ARG K 185 -4.92 -34.08 -14.18
C ARG K 185 -5.59 -35.45 -13.94
N ALA K 186 -6.87 -35.51 -14.29
CA ALA K 186 -7.74 -36.72 -14.23
C ALA K 186 -8.11 -37.21 -12.83
N SER K 187 -7.10 -37.37 -11.98
CA SER K 187 -7.27 -37.89 -10.61
C SER K 187 -6.89 -36.96 -9.47
N GLU K 188 -6.00 -36.00 -9.73
CA GLU K 188 -5.48 -35.13 -8.67
C GLU K 188 -6.53 -34.19 -8.10
N LEU K 189 -6.64 -34.22 -6.77
CA LEU K 189 -7.65 -33.49 -6.02
C LEU K 189 -7.12 -32.12 -5.60
N GLN K 190 -7.86 -31.07 -5.94
CA GLN K 190 -7.46 -29.70 -5.67
C GLN K 190 -7.49 -29.41 -4.17
N TRP K 191 -6.64 -28.49 -3.73
CA TRP K 191 -6.54 -28.13 -2.30
C TRP K 191 -7.87 -27.67 -1.71
N GLY K 192 -8.26 -28.32 -0.62
CA GLY K 192 -9.47 -27.97 0.11
C GLY K 192 -10.68 -28.82 -0.25
N VAL K 193 -10.59 -29.51 -1.37
CA VAL K 193 -11.72 -30.31 -1.85
C VAL K 193 -11.88 -31.53 -0.95
N PRO K 194 -13.11 -31.81 -0.51
CA PRO K 194 -13.28 -32.94 0.38
C PRO K 194 -12.85 -34.30 -0.18
N ASP K 195 -12.38 -35.12 0.75
CA ASP K 195 -11.90 -36.48 0.51
C ASP K 195 -12.89 -37.32 -0.32
N ARG K 196 -14.19 -37.12 -0.09
CA ARG K 196 -15.25 -37.90 -0.75
C ARG K 196 -15.28 -37.75 -2.29
N PHE K 197 -14.70 -36.66 -2.79
CA PHE K 197 -14.55 -36.48 -4.23
C PHE K 197 -13.35 -37.26 -4.75
N SER K 198 -13.48 -37.80 -5.96
CA SER K 198 -12.41 -38.60 -6.60
C SER K 198 -12.56 -38.65 -8.12
N GLY K 199 -11.43 -38.76 -8.80
CA GLY K 199 -11.41 -38.84 -10.26
C GLY K 199 -10.61 -40.02 -10.73
N SER K 200 -11.18 -40.80 -11.64
CA SER K 200 -10.45 -41.91 -12.26
C SER K 200 -10.50 -41.74 -13.78
N GLY K 201 -9.77 -42.61 -14.47
CA GLY K 201 -9.84 -42.71 -15.94
C GLY K 201 -8.53 -42.59 -16.70
N SER K 202 -8.60 -42.91 -17.98
CA SER K 202 -7.44 -42.87 -18.89
C SER K 202 -7.87 -42.88 -20.37
N GLY K 203 -7.03 -42.29 -21.21
CA GLY K 203 -7.28 -42.27 -22.66
C GLY K 203 -8.46 -41.40 -23.03
N THR K 204 -9.64 -42.01 -23.12
CA THR K 204 -10.88 -41.29 -23.50
C THR K 204 -12.01 -41.33 -22.48
N ASP K 205 -12.04 -42.32 -21.60
CA ASP K 205 -13.12 -42.47 -20.61
C ASP K 205 -12.67 -42.13 -19.20
N PHE K 206 -13.34 -41.16 -18.61
CA PHE K 206 -13.03 -40.65 -17.27
C PHE K 206 -14.30 -40.57 -16.45
N THR K 207 -14.15 -40.66 -15.12
CA THR K 207 -15.30 -40.57 -14.22
C THR K 207 -15.01 -39.79 -12.94
N LEU K 208 -15.99 -38.98 -12.55
CA LEU K 208 -15.97 -38.30 -11.26
C LEU K 208 -16.88 -39.08 -10.31
N THR K 209 -16.48 -39.18 -9.05
CA THR K 209 -17.22 -39.99 -8.09
C THR K 209 -17.29 -39.31 -6.73
N ILE K 210 -18.50 -39.27 -6.19
CA ILE K 210 -18.75 -38.71 -4.86
C ILE K 210 -19.20 -39.81 -3.92
N SER K 211 -18.38 -40.19 -2.98
CA SER K 211 -18.87 -41.08 -1.98
C SER K 211 -18.43 -40.45 -0.73
N SER K 212 -19.33 -39.86 0.07
CA SER K 212 -20.80 -40.00 0.06
C SER K 212 -21.52 -38.66 -0.25
N LEU K 213 -22.72 -38.69 -0.83
CA LEU K 213 -23.40 -37.45 -1.25
C LEU K 213 -23.81 -36.57 -0.07
N GLN K 214 -23.36 -35.32 -0.08
CA GLN K 214 -23.73 -34.32 0.93
C GLN K 214 -24.61 -33.26 0.25
N ALA K 215 -25.47 -32.61 1.01
CA ALA K 215 -26.36 -31.60 0.43
C ALA K 215 -25.62 -30.46 -0.28
N GLU K 216 -24.43 -30.13 0.21
CA GLU K 216 -23.55 -29.11 -0.41
C GLU K 216 -23.24 -29.41 -1.85
N ASP K 217 -23.22 -30.70 -2.18
CA ASP K 217 -22.77 -31.19 -3.49
C ASP K 217 -23.77 -31.00 -4.61
N VAL K 218 -25.01 -30.66 -4.28
CA VAL K 218 -26.03 -30.44 -5.31
C VAL K 218 -25.60 -29.29 -6.18
N ALA K 219 -25.20 -29.60 -7.40
CA ALA K 219 -24.61 -28.64 -8.30
C ALA K 219 -24.54 -29.16 -9.72
N VAL K 220 -24.04 -28.31 -10.63
CA VAL K 220 -23.76 -28.74 -11.99
C VAL K 220 -22.28 -29.06 -12.05
N TYR K 221 -21.96 -30.19 -12.66
CA TYR K 221 -20.57 -30.60 -12.75
C TYR K 221 -20.13 -30.60 -14.20
N TYR K 222 -18.94 -30.05 -14.45
CA TYR K 222 -18.40 -29.96 -15.79
C TYR K 222 -17.03 -30.62 -15.85
N CYS K 223 -16.83 -31.39 -16.90
CA CYS K 223 -15.54 -31.97 -17.16
C CYS K 223 -14.86 -31.07 -18.19
N GLN K 224 -13.53 -31.21 -18.39
CA GLN K 224 -12.79 -30.35 -19.34
C GLN K 224 -11.44 -30.93 -19.77
N ARG K 225 -11.12 -30.80 -21.06
CA ARG K 225 -9.82 -31.23 -21.59
C ARG K 225 -8.94 -29.99 -21.71
N SER K 226 -7.61 -30.19 -21.66
CA SER K 226 -6.63 -29.10 -21.81
C SER K 226 -5.36 -29.37 -22.56
N ASN K 227 -5.19 -30.59 -23.04
CA ASN K 227 -3.88 -30.97 -23.57
C ASN K 227 -3.54 -30.14 -24.79
N GLU K 228 -4.48 -30.09 -25.73
CA GLU K 228 -4.38 -29.25 -26.92
C GLU K 228 -5.60 -28.36 -27.02
N VAL K 229 -5.46 -27.19 -27.66
CA VAL K 229 -6.62 -26.29 -27.84
C VAL K 229 -7.53 -26.80 -28.94
N PRO K 230 -8.85 -26.57 -28.83
CA PRO K 230 -9.53 -25.84 -27.75
C PRO K 230 -9.60 -26.64 -26.46
N TRP K 231 -9.66 -25.90 -25.36
CA TRP K 231 -9.76 -26.49 -24.03
C TRP K 231 -11.22 -26.65 -23.68
N THR K 232 -11.86 -27.53 -24.44
CA THR K 232 -13.31 -27.68 -24.47
C THR K 232 -13.87 -28.25 -23.16
N PHE K 233 -15.03 -27.72 -22.78
CA PHE K 233 -15.79 -28.18 -21.61
C PHE K 233 -16.85 -29.20 -22.00
N GLY K 234 -17.22 -30.07 -21.06
CA GLY K 234 -18.40 -30.94 -21.25
C GLY K 234 -19.68 -30.12 -21.14
N GLN K 235 -20.83 -30.71 -21.47
CA GLN K 235 -22.10 -29.94 -21.51
C GLN K 235 -22.69 -29.75 -20.14
N GLY K 236 -22.16 -30.47 -19.15
CA GLY K 236 -22.59 -30.34 -17.78
C GLY K 236 -23.51 -31.46 -17.32
N THR K 237 -23.45 -31.76 -16.02
CA THR K 237 -24.32 -32.75 -15.38
C THR K 237 -24.93 -32.19 -14.11
N LYS K 238 -26.24 -31.96 -14.16
CA LYS K 238 -26.96 -31.46 -13.02
C LYS K 238 -27.12 -32.60 -12.02
N LEU K 239 -26.52 -32.44 -10.85
CA LEU K 239 -26.66 -33.43 -9.77
C LEU K 239 -27.66 -32.93 -8.75
N GLU K 240 -28.61 -33.79 -8.41
CA GLU K 240 -29.68 -33.43 -7.50
C GLU K 240 -29.84 -34.48 -6.41
N ILE K 241 -30.69 -34.17 -5.44
CA ILE K 241 -31.05 -35.09 -4.36
C ILE K 241 -32.35 -35.83 -4.70
N LYS K 242 -32.43 -37.11 -4.33
CA LYS K 242 -33.67 -37.88 -4.48
C LYS K 242 -34.64 -37.43 -3.40
N ARG K 243 -35.82 -36.98 -3.80
CA ARG K 243 -36.79 -36.61 -2.79
C ARG K 243 -37.82 -37.72 -2.61
N TYR L 8 16.50 -23.07 3.66
CA TYR L 8 15.15 -23.60 3.25
C TYR L 8 15.10 -25.13 3.35
N THR L 9 13.91 -25.69 3.12
CA THR L 9 13.70 -27.15 3.17
C THR L 9 12.95 -27.68 1.96
N MET L 10 13.06 -28.99 1.74
CA MET L 10 12.34 -29.65 0.63
C MET L 10 10.84 -29.45 0.77
N CYS L 11 10.15 -29.38 -0.35
CA CYS L 11 8.70 -29.21 -0.31
C CYS L 11 7.91 -30.49 -0.16
N SER L 12 6.96 -30.43 0.76
CA SER L 12 6.13 -31.58 1.15
C SER L 12 5.06 -31.95 0.12
N GLY L 13 4.37 -30.91 -0.38
CA GLY L 13 3.18 -31.08 -1.20
C GLY L 13 3.37 -31.36 -2.67
N LYS L 14 2.26 -31.28 -3.39
CA LYS L 14 2.18 -31.57 -4.83
C LYS L 14 2.52 -30.33 -5.66
N PHE L 15 2.87 -30.56 -6.93
CA PHE L 15 3.10 -29.50 -7.90
C PHE L 15 2.23 -29.69 -9.13
N SER L 16 2.11 -28.62 -9.92
CA SER L 16 1.35 -28.66 -11.17
C SER L 16 2.09 -27.87 -12.24
N ILE L 17 1.97 -28.31 -13.51
CA ILE L 17 2.62 -27.64 -14.66
C ILE L 17 1.72 -26.54 -15.21
N ASP L 18 2.28 -25.34 -15.35
CA ASP L 18 1.49 -24.16 -15.69
C ASP L 18 1.52 -23.85 -17.17
N LYS L 19 2.52 -24.38 -17.86
CA LYS L 19 2.71 -24.11 -19.27
C LYS L 19 3.43 -25.23 -19.98
N GLU L 20 3.13 -25.32 -21.27
CA GLU L 20 3.70 -26.33 -22.13
C GLU L 20 5.21 -26.19 -22.12
N MET L 21 5.92 -27.28 -21.80
CA MET L 21 7.39 -27.26 -21.76
C MET L 21 7.98 -26.85 -23.09
N ALA L 22 8.88 -25.88 -23.03
CA ALA L 22 9.51 -25.33 -24.22
C ALA L 22 10.97 -25.79 -24.27
N GLU L 23 11.38 -26.18 -25.47
CA GLU L 23 12.81 -26.37 -25.76
C GLU L 23 13.34 -24.97 -26.06
N THR L 24 14.34 -24.54 -25.31
CA THR L 24 14.93 -23.21 -25.48
C THR L 24 16.30 -23.45 -25.94
N GLN L 25 16.64 -22.95 -27.12
CA GLN L 25 17.87 -23.40 -27.72
C GLN L 25 19.09 -22.78 -27.02
N HIS L 26 19.35 -23.36 -25.86
CA HIS L 26 20.61 -23.30 -25.13
C HIS L 26 21.04 -24.76 -24.89
N GLY L 27 20.29 -25.71 -25.45
CA GLY L 27 20.49 -27.16 -25.22
C GLY L 27 19.56 -27.67 -24.12
N THR L 28 18.74 -26.75 -23.62
CA THR L 28 17.97 -26.93 -22.40
C THR L 28 16.46 -26.91 -22.64
N THR L 29 15.74 -27.28 -21.57
CA THR L 29 14.28 -27.30 -21.58
C THR L 29 13.79 -26.69 -20.27
N VAL L 30 12.81 -25.79 -20.36
CA VAL L 30 12.28 -25.09 -19.18
C VAL L 30 10.88 -25.58 -18.79
N VAL L 31 10.75 -25.87 -17.51
CA VAL L 31 9.51 -26.34 -16.92
C VAL L 31 9.00 -25.29 -15.94
N LYS L 32 7.79 -24.82 -16.17
CA LYS L 32 7.18 -23.78 -15.35
C LYS L 32 6.14 -24.42 -14.44
N VAL L 33 6.45 -24.53 -13.14
CA VAL L 33 5.58 -25.24 -12.17
C VAL L 33 5.08 -24.43 -10.98
N LYS L 34 3.89 -24.80 -10.52
CA LYS L 34 3.23 -24.11 -9.41
C LYS L 34 3.13 -25.03 -8.22
N TYR L 35 3.39 -24.49 -7.03
CA TYR L 35 3.27 -25.25 -5.80
C TYR L 35 1.82 -25.22 -5.27
N GLU L 36 1.25 -26.41 -5.08
CA GLU L 36 -0.18 -26.60 -4.66
C GLU L 36 -0.36 -26.90 -3.16
N GLY L 37 0.65 -27.47 -2.51
CA GLY L 37 0.63 -27.73 -1.06
C GLY L 37 1.05 -26.55 -0.18
N ALA L 38 1.51 -26.84 1.04
CA ALA L 38 1.91 -25.80 2.01
C ALA L 38 3.39 -25.91 2.44
N GLY L 39 3.90 -24.85 3.06
CA GLY L 39 5.29 -24.83 3.54
C GLY L 39 6.21 -24.02 2.65
N ALA L 40 5.67 -22.98 2.05
CA ALA L 40 6.46 -22.06 1.23
C ALA L 40 6.98 -20.92 2.12
N PRO L 41 8.14 -20.34 1.78
CA PRO L 41 9.00 -20.75 0.67
C PRO L 41 9.65 -22.11 0.96
N CYS L 42 10.08 -22.79 -0.11
CA CYS L 42 10.68 -24.13 -0.01
C CYS L 42 11.40 -24.55 -1.29
N LYS L 43 12.14 -25.65 -1.18
CA LYS L 43 12.87 -26.24 -2.32
C LYS L 43 11.98 -27.20 -3.10
N VAL L 44 12.12 -27.17 -4.42
CA VAL L 44 11.31 -28.00 -5.30
C VAL L 44 12.01 -29.34 -5.51
N PRO L 45 11.40 -30.44 -5.07
CA PRO L 45 12.02 -31.76 -5.24
C PRO L 45 11.92 -32.25 -6.68
N ILE L 46 12.97 -32.00 -7.45
CA ILE L 46 12.97 -32.34 -8.88
C ILE L 46 14.14 -33.24 -9.27
N GLU L 47 13.86 -34.26 -10.08
CA GLU L 47 14.89 -35.18 -10.59
C GLU L 47 14.46 -35.77 -11.93
N ILE L 48 15.43 -36.03 -12.79
CA ILE L 48 15.16 -36.59 -14.12
C ILE L 48 15.45 -38.08 -14.05
N ARG L 49 14.65 -38.88 -14.75
CA ARG L 49 14.83 -40.34 -14.75
C ARG L 49 15.12 -40.88 -16.14
N ASP L 50 15.61 -42.11 -16.13
CA ASP L 50 16.05 -42.86 -17.29
C ASP L 50 14.89 -43.26 -18.21
N VAL L 51 15.24 -43.70 -19.42
CA VAL L 51 14.30 -44.41 -20.30
C VAL L 51 13.71 -45.64 -19.56
N ASN L 52 14.55 -46.26 -18.72
CA ASN L 52 14.18 -47.39 -17.86
C ASN L 52 13.34 -46.96 -16.65
N LYS L 53 13.16 -45.65 -16.48
CA LYS L 53 12.34 -45.04 -15.42
C LYS L 53 12.87 -45.37 -14.04
N GLU L 54 14.18 -45.56 -13.93
CA GLU L 54 14.82 -45.79 -12.62
C GLU L 54 16.10 -44.99 -12.39
N LYS L 55 16.98 -44.96 -13.38
CA LYS L 55 18.30 -44.41 -13.14
C LYS L 55 18.21 -42.88 -13.17
N VAL L 56 18.55 -42.24 -12.06
CA VAL L 56 18.40 -40.79 -11.93
C VAL L 56 19.58 -40.09 -12.63
N VAL L 57 19.43 -39.74 -13.90
CA VAL L 57 20.52 -39.02 -14.61
C VAL L 57 20.67 -37.61 -14.04
N GLY L 58 21.88 -37.25 -13.55
CA GLY L 58 22.05 -36.04 -12.71
C GLY L 58 22.44 -34.75 -13.42
N ARG L 59 21.49 -34.03 -14.06
CA ARG L 59 21.77 -32.66 -14.58
C ARG L 59 20.62 -31.58 -14.69
N ILE L 60 20.45 -30.84 -13.60
CA ILE L 60 19.53 -29.70 -13.52
C ILE L 60 20.43 -28.50 -13.85
N ILE L 61 19.89 -27.52 -14.55
CA ILE L 61 20.57 -26.22 -14.69
C ILE L 61 20.25 -25.24 -13.56
N SER L 62 18.98 -24.89 -13.42
CA SER L 62 18.58 -23.94 -12.38
C SER L 62 19.08 -24.43 -11.02
N SER L 63 19.97 -23.65 -10.43
CA SER L 63 20.55 -23.95 -9.13
C SER L 63 19.51 -23.79 -8.01
N THR L 64 19.20 -24.90 -7.33
CA THR L 64 18.29 -24.95 -6.17
C THR L 64 16.94 -24.24 -6.29
N PRO L 65 16.09 -24.71 -7.22
CA PRO L 65 14.79 -24.08 -7.45
C PRO L 65 13.94 -23.91 -6.21
N LEU L 66 13.28 -22.76 -6.14
CA LEU L 66 12.55 -22.33 -4.96
C LEU L 66 11.09 -21.97 -5.24
N ALA L 67 10.20 -22.56 -4.47
CA ALA L 67 8.79 -22.25 -4.56
C ALA L 67 8.45 -21.21 -3.51
N GLU L 68 8.43 -19.94 -3.92
CA GLU L 68 8.22 -18.79 -3.01
C GLU L 68 6.82 -18.74 -2.36
N ASN L 69 5.81 -19.20 -3.09
CA ASN L 69 4.42 -19.21 -2.62
C ASN L 69 3.53 -20.13 -3.48
N THR L 70 2.27 -20.28 -3.06
CA THR L 70 1.30 -21.14 -3.76
C THR L 70 0.71 -20.55 -5.05
N ASN L 71 0.99 -19.28 -5.32
CA ASN L 71 0.46 -18.59 -6.52
C ASN L 71 1.50 -18.43 -7.64
N SER L 72 2.76 -18.34 -7.24
CA SER L 72 3.93 -18.15 -8.10
C SER L 72 4.30 -19.36 -8.88
N VAL L 73 4.84 -19.10 -10.06
CA VAL L 73 5.40 -20.10 -10.93
C VAL L 73 6.92 -20.14 -10.80
N THR L 74 7.45 -21.33 -10.56
CA THR L 74 8.89 -21.54 -10.49
C THR L 74 9.40 -22.02 -11.85
N ASN L 75 10.37 -21.30 -12.41
N ASN L 75 10.38 -21.29 -12.38
CA ASN L 75 10.95 -21.65 -13.71
CA ASN L 75 11.03 -21.57 -13.66
C ASN L 75 12.19 -22.49 -13.53
C ASN L 75 12.21 -22.53 -13.46
N ILE L 76 12.15 -23.73 -14.02
CA ILE L 76 13.25 -24.67 -13.87
C ILE L 76 13.82 -25.08 -15.22
N GLU L 77 15.05 -24.66 -15.47
CA GLU L 77 15.78 -25.03 -16.68
C GLU L 77 16.41 -26.41 -16.42
N LEU L 78 16.50 -27.26 -17.45
CA LEU L 78 17.15 -28.57 -17.32
C LEU L 78 17.75 -29.11 -18.59
N GLU L 79 18.67 -30.05 -18.40
CA GLU L 79 19.36 -30.78 -19.47
C GLU L 79 18.87 -32.23 -19.52
N PRO L 80 17.87 -32.51 -20.37
CA PRO L 80 17.36 -33.87 -20.48
C PRO L 80 18.24 -34.71 -21.44
N PRO L 81 18.36 -36.03 -21.19
CA PRO L 81 19.07 -36.90 -22.13
C PRO L 81 18.24 -37.14 -23.39
N PHE L 82 18.92 -37.42 -24.50
CA PHE L 82 18.24 -37.66 -25.77
C PHE L 82 17.22 -38.80 -25.67
N GLY L 83 16.11 -38.65 -26.39
CA GLY L 83 15.03 -39.62 -26.39
C GLY L 83 14.16 -39.49 -25.16
N ASP L 84 13.66 -40.64 -24.71
CA ASP L 84 12.75 -40.69 -23.57
C ASP L 84 13.44 -40.32 -22.25
N SER L 85 12.76 -39.49 -21.47
CA SER L 85 13.16 -39.09 -20.13
C SER L 85 11.90 -38.80 -19.32
N TYR L 86 11.98 -38.99 -18.02
CA TYR L 86 10.83 -38.77 -17.13
C TYR L 86 11.19 -37.77 -16.05
N ILE L 87 10.57 -36.59 -16.11
CA ILE L 87 10.85 -35.54 -15.14
C ILE L 87 9.86 -35.67 -13.99
N VAL L 88 10.40 -35.78 -12.78
CA VAL L 88 9.58 -35.98 -11.59
C VAL L 88 9.69 -34.78 -10.63
N ILE L 89 8.55 -34.13 -10.40
CA ILE L 89 8.46 -32.97 -9.51
C ILE L 89 7.60 -33.29 -8.27
N GLY L 90 8.19 -33.11 -7.08
CA GLY L 90 7.52 -33.40 -5.80
C GLY L 90 7.84 -34.78 -5.26
N VAL L 91 7.16 -35.17 -4.20
CA VAL L 91 7.51 -36.43 -3.48
C VAL L 91 6.76 -37.74 -3.77
N GLY L 92 5.48 -37.93 -3.48
CA GLY L 92 4.94 -39.30 -3.49
C GLY L 92 4.41 -39.86 -4.81
N ASN L 93 3.16 -40.34 -4.75
CA ASN L 93 2.36 -40.73 -5.94
C ASN L 93 1.72 -39.44 -6.48
N SER L 94 1.61 -38.44 -5.61
CA SER L 94 1.20 -37.08 -5.99
C SER L 94 2.38 -36.31 -6.66
N ALA L 95 3.54 -36.97 -6.74
CA ALA L 95 4.65 -36.50 -7.54
C ALA L 95 4.23 -36.52 -8.99
N LEU L 96 4.23 -35.33 -9.58
CA LEU L 96 3.94 -35.14 -10.98
C LEU L 96 5.04 -35.79 -11.80
N THR L 97 4.67 -36.60 -12.78
CA THR L 97 5.67 -37.22 -13.64
C THR L 97 5.44 -36.89 -15.10
N LEU L 98 6.42 -36.25 -15.71
CA LEU L 98 6.33 -35.80 -17.09
C LEU L 98 7.22 -36.60 -18.03
N HIS L 99 6.60 -37.42 -18.87
CA HIS L 99 7.29 -38.13 -19.93
C HIS L 99 7.66 -37.09 -20.99
N TRP L 100 8.95 -36.84 -21.15
CA TRP L 100 9.44 -35.89 -22.12
C TRP L 100 10.25 -36.63 -23.18
N PHE L 101 10.29 -36.07 -24.39
CA PHE L 101 11.10 -36.64 -25.45
C PHE L 101 12.01 -35.59 -26.09
N ARG L 102 13.31 -35.87 -26.07
CA ARG L 102 14.32 -35.02 -26.70
C ARG L 102 14.79 -35.61 -28.05
N LYS L 103 14.74 -34.82 -29.13
CA LYS L 103 15.09 -35.32 -30.48
C LYS L 103 16.59 -35.37 -30.83
#